data_3DVP
# 
_entry.id   3DVP 
# 
_audit_conform.dict_name       mmcif_pdbx.dic 
_audit_conform.dict_version    5.387 
_audit_conform.dict_location   http://mmcif.pdb.org/dictionaries/ascii/mmcif_pdbx.dic 
# 
loop_
_database_2.database_id 
_database_2.database_code 
_database_2.pdbx_database_accession 
_database_2.pdbx_DOI 
PDB   3DVP         pdb_00003dvp 10.2210/pdb3dvp/pdb 
RCSB  RCSB048547   ?            ?                   
WWPDB D_1000048547 ?            ?                   
# 
loop_
_pdbx_audit_revision_history.ordinal 
_pdbx_audit_revision_history.data_content_type 
_pdbx_audit_revision_history.major_revision 
_pdbx_audit_revision_history.minor_revision 
_pdbx_audit_revision_history.revision_date 
1 'Structure model' 1 0 2009-01-20 
2 'Structure model' 1 1 2011-07-13 
3 'Structure model' 1 2 2017-10-25 
4 'Structure model' 1 3 2018-04-04 
5 'Structure model' 1 4 2021-10-20 
6 'Structure model' 1 5 2024-02-21 
# 
_pdbx_audit_revision_details.ordinal             1 
_pdbx_audit_revision_details.revision_ordinal    1 
_pdbx_audit_revision_details.data_content_type   'Structure model' 
_pdbx_audit_revision_details.provider            repository 
_pdbx_audit_revision_details.type                'Initial release' 
_pdbx_audit_revision_details.description         ? 
_pdbx_audit_revision_details.details             ? 
# 
loop_
_pdbx_audit_revision_group.ordinal 
_pdbx_audit_revision_group.revision_ordinal 
_pdbx_audit_revision_group.data_content_type 
_pdbx_audit_revision_group.group 
1 2 'Structure model' Advisory                    
2 2 'Structure model' 'Version format compliance' 
3 3 'Structure model' 'Refinement description'    
4 4 'Structure model' 'Data collection'           
5 5 'Structure model' 'Database references'       
6 6 'Structure model' 'Data collection'           
# 
loop_
_pdbx_audit_revision_category.ordinal 
_pdbx_audit_revision_category.revision_ordinal 
_pdbx_audit_revision_category.data_content_type 
_pdbx_audit_revision_category.category 
1 3 'Structure model' software           
2 4 'Structure model' diffrn_source      
3 5 'Structure model' database_2         
4 5 'Structure model' struct_ref_seq_dif 
5 6 'Structure model' chem_comp_atom     
6 6 'Structure model' chem_comp_bond     
# 
loop_
_pdbx_audit_revision_item.ordinal 
_pdbx_audit_revision_item.revision_ordinal 
_pdbx_audit_revision_item.data_content_type 
_pdbx_audit_revision_item.item 
1 3 'Structure model' '_software.name'                      
2 4 'Structure model' '_diffrn_source.type'                 
3 5 'Structure model' '_database_2.pdbx_DOI'                
4 5 'Structure model' '_database_2.pdbx_database_accession' 
5 5 'Structure model' '_struct_ref_seq_dif.details'         
# 
_pdbx_database_status.status_code                     REL 
_pdbx_database_status.entry_id                        3DVP 
_pdbx_database_status.recvd_initial_deposition_date   2008-07-18 
_pdbx_database_status.deposit_site                    RCSB 
_pdbx_database_status.process_site                    RCSB 
_pdbx_database_status.status_code_sf                  REL 
_pdbx_database_status.status_code_mr                  ? 
_pdbx_database_status.SG_entry                        ? 
_pdbx_database_status.pdb_format_compatible           Y 
_pdbx_database_status.status_code_cs                  ? 
_pdbx_database_status.methods_development_category    ? 
_pdbx_database_status.status_code_nmr_data            ? 
# 
loop_
_pdbx_database_related.db_name 
_pdbx_database_related.db_id 
_pdbx_database_related.details 
_pdbx_database_related.content_type 
PDB 3DVH . unspecified 
PDB 3DVT . unspecified 
# 
loop_
_audit_author.name 
_audit_author.pdbx_ordinal 
'Lightcap, C.M.' 1 
'Williams, J.C.' 2 
# 
_citation.id                        primary 
_citation.title                     'Biochemical and structural characterization of the Pak1-LC8 interaction.' 
_citation.journal_abbrev            J.Biol.Chem. 
_citation.journal_volume            283 
_citation.page_first                27314 
_citation.page_last                 27324 
_citation.year                      2008 
_citation.journal_id_ASTM           JBCHA3 
_citation.country                   US 
_citation.journal_id_ISSN           0021-9258 
_citation.journal_id_CSD            0071 
_citation.book_publisher            ? 
_citation.pdbx_database_id_PubMed   18650427 
_citation.pdbx_database_id_DOI      10.1074/jbc.M800758200 
# 
loop_
_citation_author.citation_id 
_citation_author.name 
_citation_author.ordinal 
_citation_author.identifier_ORCID 
primary 'Lightcap, C.M.' 1 ? 
primary 'Sun, S.'        2 ? 
primary 'Lear, J.D.'     3 ? 
primary 'Rodeck, U.'     4 ? 
primary 'Polenova, T.'   5 ? 
primary 'Williams, J.C.' 6 ? 
# 
loop_
_entity.id 
_entity.type 
_entity.src_method 
_entity.pdbx_description 
_entity.formula_weight 
_entity.pdbx_number_of_molecules 
_entity.pdbx_ec 
_entity.pdbx_mutation 
_entity.pdbx_fragment 
_entity.details 
1 polymer man 'Dynein light chain 1, cytoplasmic' 10603.067 2  ? K36P ? ? 
2 polymer syn 'P21 activated Kinase peptide'      1045.124  2  ? ?    ? ? 
3 water   nat water                               18.015    49 ? ?    ? ? 
# 
_entity_name_com.entity_id   1 
_entity_name_com.name        '8 kDa dynein light chain, Cut up protein' 
# 
loop_
_entity_poly.entity_id 
_entity_poly.type 
_entity_poly.nstd_linkage 
_entity_poly.nstd_monomer 
_entity_poly.pdbx_seq_one_letter_code 
_entity_poly.pdbx_seq_one_letter_code_can 
_entity_poly.pdbx_strand_id 
_entity_poly.pdbx_target_identifier 
1 'polypeptide(L)' no no 
;MDMSDRKAVIKNADMSEEMQQDAVDCATQALEKYNIEPDIAAYIKKEFDKKYNPTWHCIVGRNFGSYVTHETRHFIYFYL
GQVAILLFKSG
;
;MDMSDRKAVIKNADMSEEMQQDAVDCATQALEKYNIEPDIAAYIKKEFDKKYNPTWHCIVGRNFGSYVTHETRHFIYFYL
GQVAILLFKSG
;
A,B ? 
2 'polypeptide(L)' no no TPTRDVATSP                                                                                     TPTRDVATSP 
C,D ? 
# 
_pdbx_entity_nonpoly.entity_id   3 
_pdbx_entity_nonpoly.name        water 
_pdbx_entity_nonpoly.comp_id     HOH 
# 
loop_
_entity_poly_seq.entity_id 
_entity_poly_seq.num 
_entity_poly_seq.mon_id 
_entity_poly_seq.hetero 
1 1  MET n 
1 2  ASP n 
1 3  MET n 
1 4  SER n 
1 5  ASP n 
1 6  ARG n 
1 7  LYS n 
1 8  ALA n 
1 9  VAL n 
1 10 ILE n 
1 11 LYS n 
1 12 ASN n 
1 13 ALA n 
1 14 ASP n 
1 15 MET n 
1 16 SER n 
1 17 GLU n 
1 18 GLU n 
1 19 MET n 
1 20 GLN n 
1 21 GLN n 
1 22 ASP n 
1 23 ALA n 
1 24 VAL n 
1 25 ASP n 
1 26 CYS n 
1 27 ALA n 
1 28 THR n 
1 29 GLN n 
1 30 ALA n 
1 31 LEU n 
1 32 GLU n 
1 33 LYS n 
1 34 TYR n 
1 35 ASN n 
1 36 ILE n 
1 37 GLU n 
1 38 PRO n 
1 39 ASP n 
1 40 ILE n 
1 41 ALA n 
1 42 ALA n 
1 43 TYR n 
1 44 ILE n 
1 45 LYS n 
1 46 LYS n 
1 47 GLU n 
1 48 PHE n 
1 49 ASP n 
1 50 LYS n 
1 51 LYS n 
1 52 TYR n 
1 53 ASN n 
1 54 PRO n 
1 55 THR n 
1 56 TRP n 
1 57 HIS n 
1 58 CYS n 
1 59 ILE n 
1 60 VAL n 
1 61 GLY n 
1 62 ARG n 
1 63 ASN n 
1 64 PHE n 
1 65 GLY n 
1 66 SER n 
1 67 TYR n 
1 68 VAL n 
1 69 THR n 
1 70 HIS n 
1 71 GLU n 
1 72 THR n 
1 73 ARG n 
1 74 HIS n 
1 75 PHE n 
1 76 ILE n 
1 77 TYR n 
1 78 PHE n 
1 79 TYR n 
1 80 LEU n 
1 81 GLY n 
1 82 GLN n 
1 83 VAL n 
1 84 ALA n 
1 85 ILE n 
1 86 LEU n 
1 87 LEU n 
1 88 PHE n 
1 89 LYS n 
1 90 SER n 
1 91 GLY n 
2 1  THR n 
2 2  PRO n 
2 3  THR n 
2 4  ARG n 
2 5  ASP n 
2 6  VAL n 
2 7  ALA n 
2 8  THR n 
2 9  SER n 
2 10 PRO n 
# 
_entity_src_gen.entity_id                          1 
_entity_src_gen.pdbx_src_id                        1 
_entity_src_gen.pdbx_alt_source_flag               sample 
_entity_src_gen.pdbx_seq_type                      ? 
_entity_src_gen.pdbx_beg_seq_num                   ? 
_entity_src_gen.pdbx_end_seq_num                   ? 
_entity_src_gen.gene_src_common_name               'Fruit fly' 
_entity_src_gen.gene_src_genus                     ? 
_entity_src_gen.pdbx_gene_src_gene                 'ctp, Cdlc1, ddlc1, CG6998' 
_entity_src_gen.gene_src_species                   ? 
_entity_src_gen.gene_src_strain                    ? 
_entity_src_gen.gene_src_tissue                    ? 
_entity_src_gen.gene_src_tissue_fraction           ? 
_entity_src_gen.gene_src_details                   ? 
_entity_src_gen.pdbx_gene_src_fragment             ? 
_entity_src_gen.pdbx_gene_src_scientific_name      'Drosophila melanogaster' 
_entity_src_gen.pdbx_gene_src_ncbi_taxonomy_id     7227 
_entity_src_gen.pdbx_gene_src_variant              ? 
_entity_src_gen.pdbx_gene_src_cell_line            ? 
_entity_src_gen.pdbx_gene_src_atcc                 ? 
_entity_src_gen.pdbx_gene_src_organ                ? 
_entity_src_gen.pdbx_gene_src_organelle            ? 
_entity_src_gen.pdbx_gene_src_cell                 ? 
_entity_src_gen.pdbx_gene_src_cellular_location    ? 
_entity_src_gen.host_org_common_name               ? 
_entity_src_gen.pdbx_host_org_scientific_name      'Escherichia coli' 
_entity_src_gen.pdbx_host_org_ncbi_taxonomy_id     ? 
_entity_src_gen.host_org_genus                     ? 
_entity_src_gen.pdbx_host_org_gene                 ? 
_entity_src_gen.pdbx_host_org_organ                ? 
_entity_src_gen.host_org_species                   ? 
_entity_src_gen.pdbx_host_org_tissue               ? 
_entity_src_gen.pdbx_host_org_tissue_fraction      ? 
_entity_src_gen.pdbx_host_org_strain               Plasmid 
_entity_src_gen.pdbx_host_org_variant              ? 
_entity_src_gen.pdbx_host_org_cell_line            ? 
_entity_src_gen.pdbx_host_org_atcc                 ? 
_entity_src_gen.pdbx_host_org_culture_collection   ? 
_entity_src_gen.pdbx_host_org_cell                 ? 
_entity_src_gen.pdbx_host_org_organelle            ? 
_entity_src_gen.pdbx_host_org_cellular_location    ? 
_entity_src_gen.pdbx_host_org_vector_type          BL21 
_entity_src_gen.pdbx_host_org_vector               ? 
_entity_src_gen.host_org_details                   ? 
_entity_src_gen.expression_system_id               ? 
_entity_src_gen.plasmid_name                       pET21D 
_entity_src_gen.plasmid_details                    ? 
_entity_src_gen.pdbx_description                   ? 
# 
_pdbx_entity_src_syn.entity_id              2 
_pdbx_entity_src_syn.pdbx_src_id            1 
_pdbx_entity_src_syn.pdbx_alt_source_flag   sample 
_pdbx_entity_src_syn.pdbx_beg_seq_num       ? 
_pdbx_entity_src_syn.pdbx_end_seq_num       ? 
_pdbx_entity_src_syn.organism_scientific    ? 
_pdbx_entity_src_syn.organism_common_name   ? 
_pdbx_entity_src_syn.ncbi_taxonomy_id       ? 
_pdbx_entity_src_syn.details                'This sequence represents a segment from naturally occurring protein in humans' 
# 
loop_
_chem_comp.id 
_chem_comp.type 
_chem_comp.mon_nstd_flag 
_chem_comp.name 
_chem_comp.pdbx_synonyms 
_chem_comp.formula 
_chem_comp.formula_weight 
ALA 'L-peptide linking' y ALANINE         ? 'C3 H7 N O2'     89.093  
ARG 'L-peptide linking' y ARGININE        ? 'C6 H15 N4 O2 1' 175.209 
ASN 'L-peptide linking' y ASPARAGINE      ? 'C4 H8 N2 O3'    132.118 
ASP 'L-peptide linking' y 'ASPARTIC ACID' ? 'C4 H7 N O4'     133.103 
CYS 'L-peptide linking' y CYSTEINE        ? 'C3 H7 N O2 S'   121.158 
GLN 'L-peptide linking' y GLUTAMINE       ? 'C5 H10 N2 O3'   146.144 
GLU 'L-peptide linking' y 'GLUTAMIC ACID' ? 'C5 H9 N O4'     147.129 
GLY 'peptide linking'   y GLYCINE         ? 'C2 H5 N O2'     75.067  
HIS 'L-peptide linking' y HISTIDINE       ? 'C6 H10 N3 O2 1' 156.162 
HOH non-polymer         . WATER           ? 'H2 O'           18.015  
ILE 'L-peptide linking' y ISOLEUCINE      ? 'C6 H13 N O2'    131.173 
LEU 'L-peptide linking' y LEUCINE         ? 'C6 H13 N O2'    131.173 
LYS 'L-peptide linking' y LYSINE          ? 'C6 H15 N2 O2 1' 147.195 
MET 'L-peptide linking' y METHIONINE      ? 'C5 H11 N O2 S'  149.211 
PHE 'L-peptide linking' y PHENYLALANINE   ? 'C9 H11 N O2'    165.189 
PRO 'L-peptide linking' y PROLINE         ? 'C5 H9 N O2'     115.130 
SER 'L-peptide linking' y SERINE          ? 'C3 H7 N O3'     105.093 
THR 'L-peptide linking' y THREONINE       ? 'C4 H9 N O3'     119.119 
TRP 'L-peptide linking' y TRYPTOPHAN      ? 'C11 H12 N2 O2'  204.225 
TYR 'L-peptide linking' y TYROSINE        ? 'C9 H11 N O3'    181.189 
VAL 'L-peptide linking' y VALINE          ? 'C5 H11 N O2'    117.146 
# 
loop_
_pdbx_poly_seq_scheme.asym_id 
_pdbx_poly_seq_scheme.entity_id 
_pdbx_poly_seq_scheme.seq_id 
_pdbx_poly_seq_scheme.mon_id 
_pdbx_poly_seq_scheme.ndb_seq_num 
_pdbx_poly_seq_scheme.pdb_seq_num 
_pdbx_poly_seq_scheme.auth_seq_num 
_pdbx_poly_seq_scheme.pdb_mon_id 
_pdbx_poly_seq_scheme.auth_mon_id 
_pdbx_poly_seq_scheme.pdb_strand_id 
_pdbx_poly_seq_scheme.pdb_ins_code 
_pdbx_poly_seq_scheme.hetero 
A 1 1  MET 1  -1  ?   ?   ?   A . n 
A 1 2  ASP 2  0   ?   ?   ?   A . n 
A 1 3  MET 3  1   ?   ?   ?   A . n 
A 1 4  SER 4  2   ?   ?   ?   A . n 
A 1 5  ASP 5  3   ?   ?   ?   A . n 
A 1 6  ARG 6  4   ?   ?   ?   A . n 
A 1 7  LYS 7  5   5   LYS LYS A . n 
A 1 8  ALA 8  6   6   ALA ALA A . n 
A 1 9  VAL 9  7   7   VAL VAL A . n 
A 1 10 ILE 10 8   8   ILE ILE A . n 
A 1 11 LYS 11 9   9   LYS LYS A . n 
A 1 12 ASN 12 10  10  ASN ASN A . n 
A 1 13 ALA 13 11  11  ALA ALA A . n 
A 1 14 ASP 14 12  12  ASP ASP A . n 
A 1 15 MET 15 13  13  MET MET A . n 
A 1 16 SER 16 14  14  SER SER A . n 
A 1 17 GLU 17 15  15  GLU GLU A . n 
A 1 18 GLU 18 16  16  GLU GLU A . n 
A 1 19 MET 19 17  17  MET MET A . n 
A 1 20 GLN 20 18  18  GLN GLN A . n 
A 1 21 GLN 21 19  19  GLN GLN A . n 
A 1 22 ASP 22 20  20  ASP ASP A . n 
A 1 23 ALA 23 21  21  ALA ALA A . n 
A 1 24 VAL 24 22  22  VAL VAL A . n 
A 1 25 ASP 25 23  23  ASP ASP A . n 
A 1 26 CYS 26 24  24  CYS CYS A . n 
A 1 27 ALA 27 25  25  ALA ALA A . n 
A 1 28 THR 28 26  26  THR THR A . n 
A 1 29 GLN 29 27  27  GLN GLN A . n 
A 1 30 ALA 30 28  28  ALA ALA A . n 
A 1 31 LEU 31 29  29  LEU LEU A . n 
A 1 32 GLU 32 30  30  GLU GLU A . n 
A 1 33 LYS 33 31  31  LYS LYS A . n 
A 1 34 TYR 34 32  32  TYR TYR A . n 
A 1 35 ASN 35 33  33  ASN ASN A . n 
A 1 36 ILE 36 34  34  ILE ILE A . n 
A 1 37 GLU 37 35  35  GLU GLU A . n 
A 1 38 PRO 38 36  36  PRO PRO A . n 
A 1 39 ASP 39 37  37  ASP ASP A . n 
A 1 40 ILE 40 38  38  ILE ILE A . n 
A 1 41 ALA 41 39  39  ALA ALA A . n 
A 1 42 ALA 42 40  40  ALA ALA A . n 
A 1 43 TYR 43 41  41  TYR TYR A . n 
A 1 44 ILE 44 42  42  ILE ILE A . n 
A 1 45 LYS 45 43  43  LYS LYS A . n 
A 1 46 LYS 46 44  44  LYS LYS A . n 
A 1 47 GLU 47 45  45  GLU GLU A . n 
A 1 48 PHE 48 46  46  PHE PHE A . n 
A 1 49 ASP 49 47  47  ASP ASP A . n 
A 1 50 LYS 50 48  48  LYS LYS A . n 
A 1 51 LYS 51 49  49  LYS LYS A . n 
A 1 52 TYR 52 50  50  TYR TYR A . n 
A 1 53 ASN 53 51  51  ASN ASN A . n 
A 1 54 PRO 54 52  52  PRO PRO A . n 
A 1 55 THR 55 53  53  THR THR A . n 
A 1 56 TRP 56 54  54  TRP TRP A . n 
A 1 57 HIS 57 55  55  HIS HIS A . n 
A 1 58 CYS 58 56  56  CYS CYS A . n 
A 1 59 ILE 59 57  57  ILE ILE A . n 
A 1 60 VAL 60 58  58  VAL VAL A . n 
A 1 61 GLY 61 59  59  GLY GLY A . n 
A 1 62 ARG 62 60  60  ARG ARG A . n 
A 1 63 ASN 63 61  61  ASN ASN A . n 
A 1 64 PHE 64 62  62  PHE PHE A . n 
A 1 65 GLY 65 63  63  GLY GLY A . n 
A 1 66 SER 66 64  64  SER SER A . n 
A 1 67 TYR 67 65  65  TYR TYR A . n 
A 1 68 VAL 68 66  66  VAL VAL A . n 
A 1 69 THR 69 67  67  THR THR A . n 
A 1 70 HIS 70 68  68  HIS HIS A . n 
A 1 71 GLU 71 69  69  GLU GLU A . n 
A 1 72 THR 72 70  70  THR THR A . n 
A 1 73 ARG 73 71  71  ARG ARG A . n 
A 1 74 HIS 74 72  72  HIS HIS A . n 
A 1 75 PHE 75 73  73  PHE PHE A . n 
A 1 76 ILE 76 74  74  ILE ILE A . n 
A 1 77 TYR 77 75  75  TYR TYR A . n 
A 1 78 PHE 78 76  76  PHE PHE A . n 
A 1 79 TYR 79 77  77  TYR TYR A . n 
A 1 80 LEU 80 78  78  LEU LEU A . n 
A 1 81 GLY 81 79  79  GLY GLY A . n 
A 1 82 GLN 82 80  80  GLN GLN A . n 
A 1 83 VAL 83 81  81  VAL VAL A . n 
A 1 84 ALA 84 82  82  ALA ALA A . n 
A 1 85 ILE 85 83  83  ILE ILE A . n 
A 1 86 LEU 86 84  84  LEU LEU A . n 
A 1 87 LEU 87 85  85  LEU LEU A . n 
A 1 88 PHE 88 86  86  PHE PHE A . n 
A 1 89 LYS 89 87  87  LYS LYS A . n 
A 1 90 SER 90 88  88  SER SER A . n 
A 1 91 GLY 91 89  89  GLY GLY A . n 
B 1 1  MET 1  -1  ?   ?   ?   B . n 
B 1 2  ASP 2  0   ?   ?   ?   B . n 
B 1 3  MET 3  1   ?   ?   ?   B . n 
B 1 4  SER 4  2   ?   ?   ?   B . n 
B 1 5  ASP 5  3   ?   ?   ?   B . n 
B 1 6  ARG 6  4   ?   ?   ?   B . n 
B 1 7  LYS 7  5   5   LYS ALA B . n 
B 1 8  ALA 8  6   6   ALA ALA B . n 
B 1 9  VAL 9  7   7   VAL VAL B . n 
B 1 10 ILE 10 8   8   ILE ILE B . n 
B 1 11 LYS 11 9   9   LYS LYS B . n 
B 1 12 ASN 12 10  10  ASN ASN B . n 
B 1 13 ALA 13 11  11  ALA ALA B . n 
B 1 14 ASP 14 12  12  ASP ASP B . n 
B 1 15 MET 15 13  13  MET MET B . n 
B 1 16 SER 16 14  14  SER SER B . n 
B 1 17 GLU 17 15  15  GLU GLU B . n 
B 1 18 GLU 18 16  16  GLU GLU B . n 
B 1 19 MET 19 17  17  MET MET B . n 
B 1 20 GLN 20 18  18  GLN GLN B . n 
B 1 21 GLN 21 19  19  GLN GLN B . n 
B 1 22 ASP 22 20  20  ASP ASP B . n 
B 1 23 ALA 23 21  21  ALA ALA B . n 
B 1 24 VAL 24 22  22  VAL VAL B . n 
B 1 25 ASP 25 23  23  ASP ASP B . n 
B 1 26 CYS 26 24  24  CYS CYS B . n 
B 1 27 ALA 27 25  25  ALA ALA B . n 
B 1 28 THR 28 26  26  THR THR B . n 
B 1 29 GLN 29 27  27  GLN GLN B . n 
B 1 30 ALA 30 28  28  ALA ALA B . n 
B 1 31 LEU 31 29  29  LEU LEU B . n 
B 1 32 GLU 32 30  30  GLU GLU B . n 
B 1 33 LYS 33 31  31  LYS LYS B . n 
B 1 34 TYR 34 32  32  TYR TYR B . n 
B 1 35 ASN 35 33  33  ASN ASN B . n 
B 1 36 ILE 36 34  34  ILE ILE B . n 
B 1 37 GLU 37 35  35  GLU GLU B . n 
B 1 38 PRO 38 36  36  PRO PRO B . n 
B 1 39 ASP 39 37  37  ASP ASP B . n 
B 1 40 ILE 40 38  38  ILE ILE B . n 
B 1 41 ALA 41 39  39  ALA ALA B . n 
B 1 42 ALA 42 40  40  ALA ALA B . n 
B 1 43 TYR 43 41  41  TYR TYR B . n 
B 1 44 ILE 44 42  42  ILE ILE B . n 
B 1 45 LYS 45 43  43  LYS LYS B . n 
B 1 46 LYS 46 44  44  LYS LYS B . n 
B 1 47 GLU 47 45  45  GLU GLU B . n 
B 1 48 PHE 48 46  46  PHE PHE B . n 
B 1 49 ASP 49 47  47  ASP ASP B . n 
B 1 50 LYS 50 48  48  LYS LYS B . n 
B 1 51 LYS 51 49  49  LYS LYS B . n 
B 1 52 TYR 52 50  50  TYR TYR B . n 
B 1 53 ASN 53 51  51  ASN ASN B . n 
B 1 54 PRO 54 52  52  PRO PRO B . n 
B 1 55 THR 55 53  53  THR THR B . n 
B 1 56 TRP 56 54  54  TRP TRP B . n 
B 1 57 HIS 57 55  55  HIS HIS B . n 
B 1 58 CYS 58 56  56  CYS CYS B . n 
B 1 59 ILE 59 57  57  ILE ILE B . n 
B 1 60 VAL 60 58  58  VAL VAL B . n 
B 1 61 GLY 61 59  59  GLY GLY B . n 
B 1 62 ARG 62 60  60  ARG ARG B . n 
B 1 63 ASN 63 61  61  ASN ASN B . n 
B 1 64 PHE 64 62  62  PHE PHE B . n 
B 1 65 GLY 65 63  63  GLY GLY B . n 
B 1 66 SER 66 64  64  SER SER B . n 
B 1 67 TYR 67 65  65  TYR TYR B . n 
B 1 68 VAL 68 66  66  VAL VAL B . n 
B 1 69 THR 69 67  67  THR THR B . n 
B 1 70 HIS 70 68  68  HIS HIS B . n 
B 1 71 GLU 71 69  69  GLU GLU B . n 
B 1 72 THR 72 70  70  THR THR B . n 
B 1 73 ARG 73 71  71  ARG ARG B . n 
B 1 74 HIS 74 72  72  HIS HIS B . n 
B 1 75 PHE 75 73  73  PHE PHE B . n 
B 1 76 ILE 76 74  74  ILE ILE B . n 
B 1 77 TYR 77 75  75  TYR TYR B . n 
B 1 78 PHE 78 76  76  PHE PHE B . n 
B 1 79 TYR 79 77  77  TYR TYR B . n 
B 1 80 LEU 80 78  78  LEU LEU B . n 
B 1 81 GLY 81 79  79  GLY GLY B . n 
B 1 82 GLN 82 80  80  GLN GLN B . n 
B 1 83 VAL 83 81  81  VAL VAL B . n 
B 1 84 ALA 84 82  82  ALA ALA B . n 
B 1 85 ILE 85 83  83  ILE ILE B . n 
B 1 86 LEU 86 84  84  LEU LEU B . n 
B 1 87 LEU 87 85  85  LEU LEU B . n 
B 1 88 PHE 88 86  86  PHE PHE B . n 
B 1 89 LYS 89 87  87  LYS LYS B . n 
B 1 90 SER 90 88  88  SER SER B . n 
B 1 91 GLY 91 89  89  GLY GLY B . n 
C 2 1  THR 1  212 ?   ?   ?   C . n 
C 2 2  PRO 2  213 213 PRO ALA C . n 
C 2 3  THR 3  214 214 THR THR C . n 
C 2 4  ARG 4  215 215 ARG ARG C . n 
C 2 5  ASP 5  216 216 ASP ASP C . n 
C 2 6  VAL 6  217 217 VAL VAL C . n 
C 2 7  ALA 7  218 218 ALA ALA C . n 
C 2 8  THR 8  219 219 THR THR C . n 
C 2 9  SER 9  220 220 SER SER C . n 
C 2 10 PRO 10 221 221 PRO PRO C . n 
D 2 1  THR 1  212 ?   ?   ?   D . n 
D 2 2  PRO 2  213 213 PRO PRO D . n 
D 2 3  THR 3  214 214 THR THR D . n 
D 2 4  ARG 4  215 215 ARG ARG D . n 
D 2 5  ASP 5  216 216 ASP ASP D . n 
D 2 6  VAL 6  217 217 VAL VAL D . n 
D 2 7  ALA 7  218 218 ALA ALA D . n 
D 2 8  THR 8  219 219 THR THR D . n 
D 2 9  SER 9  220 220 SER SER D . n 
D 2 10 PRO 10 221 221 PRO PRO D . n 
# 
loop_
_pdbx_nonpoly_scheme.asym_id 
_pdbx_nonpoly_scheme.entity_id 
_pdbx_nonpoly_scheme.mon_id 
_pdbx_nonpoly_scheme.ndb_seq_num 
_pdbx_nonpoly_scheme.pdb_seq_num 
_pdbx_nonpoly_scheme.auth_seq_num 
_pdbx_nonpoly_scheme.pdb_mon_id 
_pdbx_nonpoly_scheme.auth_mon_id 
_pdbx_nonpoly_scheme.pdb_strand_id 
_pdbx_nonpoly_scheme.pdb_ins_code 
E 3 HOH 1  90  1  HOH HOH A . 
E 3 HOH 2  91  2  HOH HOH A . 
E 3 HOH 3  92  3  HOH HOH A . 
E 3 HOH 4  93  15 HOH HOH A . 
E 3 HOH 5  94  17 HOH HOH A . 
E 3 HOH 6  95  19 HOH HOH A . 
E 3 HOH 7  96  26 HOH HOH A . 
E 3 HOH 8  97  33 HOH HOH A . 
E 3 HOH 9  98  34 HOH HOH A . 
E 3 HOH 10 99  35 HOH HOH A . 
E 3 HOH 11 100 37 HOH HOH A . 
E 3 HOH 12 101 38 HOH HOH A . 
E 3 HOH 13 102 40 HOH HOH A . 
E 3 HOH 14 103 41 HOH HOH A . 
E 3 HOH 15 104 44 HOH HOH A . 
E 3 HOH 16 105 45 HOH HOH A . 
E 3 HOH 17 106 51 HOH HOH A . 
E 3 HOH 18 107 52 HOH HOH A . 
E 3 HOH 19 108 57 HOH HOH A . 
E 3 HOH 20 109 62 HOH HOH A . 
F 3 HOH 1  90  4  HOH HOH B . 
F 3 HOH 2  91  7  HOH HOH B . 
F 3 HOH 3  92  8  HOH HOH B . 
F 3 HOH 4  93  10 HOH HOH B . 
F 3 HOH 5  94  11 HOH HOH B . 
F 3 HOH 6  95  25 HOH HOH B . 
F 3 HOH 7  96  31 HOH HOH B . 
F 3 HOH 8  97  32 HOH HOH B . 
F 3 HOH 9  98  36 HOH HOH B . 
F 3 HOH 10 99  39 HOH HOH B . 
F 3 HOH 11 100 43 HOH HOH B . 
F 3 HOH 12 101 47 HOH HOH B . 
F 3 HOH 13 102 48 HOH HOH B . 
F 3 HOH 14 103 49 HOH HOH B . 
F 3 HOH 15 104 50 HOH HOH B . 
F 3 HOH 16 105 53 HOH HOH B . 
F 3 HOH 17 106 54 HOH HOH B . 
F 3 HOH 18 107 55 HOH HOH B . 
F 3 HOH 19 108 59 HOH HOH B . 
F 3 HOH 20 109 29 HOH HOH B . 
G 3 HOH 1  9   9  HOH HOH C . 
G 3 HOH 2  12  12 HOH HOH C . 
G 3 HOH 3  16  16 HOH HOH C . 
G 3 HOH 4  46  46 HOH HOH C . 
G 3 HOH 5  58  58 HOH HOH C . 
H 3 HOH 1  6   6  HOH HOH D . 
H 3 HOH 2  20  20 HOH HOH D . 
H 3 HOH 3  27  27 HOH HOH D . 
H 3 HOH 4  28  28 HOH HOH D . 
# 
loop_
_pdbx_unobs_or_zero_occ_atoms.id 
_pdbx_unobs_or_zero_occ_atoms.PDB_model_num 
_pdbx_unobs_or_zero_occ_atoms.polymer_flag 
_pdbx_unobs_or_zero_occ_atoms.occupancy_flag 
_pdbx_unobs_or_zero_occ_atoms.auth_asym_id 
_pdbx_unobs_or_zero_occ_atoms.auth_comp_id 
_pdbx_unobs_or_zero_occ_atoms.auth_seq_id 
_pdbx_unobs_or_zero_occ_atoms.PDB_ins_code 
_pdbx_unobs_or_zero_occ_atoms.auth_atom_id 
_pdbx_unobs_or_zero_occ_atoms.label_alt_id 
_pdbx_unobs_or_zero_occ_atoms.label_asym_id 
_pdbx_unobs_or_zero_occ_atoms.label_comp_id 
_pdbx_unobs_or_zero_occ_atoms.label_seq_id 
_pdbx_unobs_or_zero_occ_atoms.label_atom_id 
1 1 Y 1 B LYS 5   ? CG ? B LYS 7 CG 
2 1 Y 1 B LYS 5   ? CD ? B LYS 7 CD 
3 1 Y 1 B LYS 5   ? CE ? B LYS 7 CE 
4 1 Y 1 B LYS 5   ? NZ ? B LYS 7 NZ 
5 1 Y 1 C PRO 213 ? CG ? C PRO 2 CG 
6 1 Y 1 C PRO 213 ? CD ? C PRO 2 CD 
# 
loop_
_software.name 
_software.classification 
_software.version 
_software.citation_id 
_software.pdbx_ordinal 
REFMAC      refinement        5.4.0034 ? 1 
CrysalisPro 'data collection' .        ? 2 
CrysalisPro 'data reduction'  .        ? 3 
SCALA       'data scaling'    .        ? 4 
PHASER      phasing           .        ? 5 
# 
_cell.entry_id           3DVP 
_cell.length_a           47.404 
_cell.length_b           57.378 
_cell.length_c           64.801 
_cell.angle_alpha        90.00 
_cell.angle_beta         90.00 
_cell.angle_gamma        90.00 
_cell.Z_PDB              8 
_cell.pdbx_unique_axis   ? 
_cell.length_a_esd       ? 
_cell.length_b_esd       ? 
_cell.length_c_esd       ? 
_cell.angle_alpha_esd    ? 
_cell.angle_beta_esd     ? 
_cell.angle_gamma_esd    ? 
# 
_symmetry.entry_id                         3DVP 
_symmetry.space_group_name_H-M             'P 21 21 21' 
_symmetry.pdbx_full_space_group_name_H-M   ? 
_symmetry.cell_setting                     ? 
_symmetry.Int_Tables_number                19 
_symmetry.space_group_name_Hall            ? 
# 
_exptl.entry_id          3DVP 
_exptl.method            'X-RAY DIFFRACTION' 
_exptl.crystals_number   1 
# 
_exptl_crystal.id                    1 
_exptl_crystal.density_meas          ? 
_exptl_crystal.density_Matthews      1.89 
_exptl_crystal.density_percent_sol   34.97 
_exptl_crystal.description           ? 
_exptl_crystal.F_000                 ? 
_exptl_crystal.preparation           ? 
# 
_exptl_crystal_grow.crystal_id      1 
_exptl_crystal_grow.method          'VAPOR DIFFUSION, HANGING DROP' 
_exptl_crystal_grow.temp            293 
_exptl_crystal_grow.temp_details    ? 
_exptl_crystal_grow.pH              6.0 
_exptl_crystal_grow.pdbx_details    
;100 mM MES,  200 mM NaCl, 27% (w/v) PEG 4000, and 10% 0.1 M (NH4)6CoCl3, pH 6.0, VAPOR DIFFUSION, HANGING DROP, temperature 273K, temperature 293K
;
_exptl_crystal_grow.pdbx_pH_range   . 
# 
_diffrn.id                     1 
_diffrn.ambient_temp           ? 
_diffrn.ambient_temp_details   ? 
_diffrn.crystal_id             1 
# 
_diffrn_detector.diffrn_id              1 
_diffrn_detector.detector               DIFFRACTOMETER 
_diffrn_detector.type                   Onyx 
_diffrn_detector.pdbx_collection_date   2007-11-01 
_diffrn_detector.details                ? 
# 
_diffrn_radiation.diffrn_id                        1 
_diffrn_radiation.wavelength_id                    1 
_diffrn_radiation.pdbx_monochromatic_or_laue_m_l   M 
_diffrn_radiation.monochromator                    xenocs 
_diffrn_radiation.pdbx_diffrn_protocol             'SINGLE WAVELENGTH' 
_diffrn_radiation.pdbx_scattering_type             x-ray 
# 
_diffrn_radiation_wavelength.id           1 
_diffrn_radiation_wavelength.wavelength   1.5418 
_diffrn_radiation_wavelength.wt           1.0 
# 
_diffrn_source.diffrn_id                   1 
_diffrn_source.source                      'SEALED TUBE' 
_diffrn_source.type                        'OXFORD DIFFRACTION ENHANCE ULTRA' 
_diffrn_source.pdbx_synchrotron_site       ? 
_diffrn_source.pdbx_synchrotron_beamline   ? 
_diffrn_source.pdbx_wavelength             ? 
_diffrn_source.pdbx_wavelength_list        1.5418 
# 
_reflns.entry_id                     3DVP 
_reflns.observed_criterion_sigma_F   0 
_reflns.observed_criterion_sigma_I   0 
_reflns.d_resolution_high            2.5 
_reflns.d_resolution_low             11.65 
_reflns.number_all                   ? 
_reflns.number_obs                   6394 
_reflns.percent_possible_obs         91.6 
_reflns.pdbx_Rmerge_I_obs            ? 
_reflns.pdbx_Rsym_value              ? 
_reflns.pdbx_netI_over_sigmaI        ? 
_reflns.B_iso_Wilson_estimate        ? 
_reflns.pdbx_redundancy              ? 
_reflns.R_free_details               ? 
_reflns.limit_h_max                  ? 
_reflns.limit_h_min                  ? 
_reflns.limit_k_max                  ? 
_reflns.limit_k_min                  ? 
_reflns.limit_l_max                  ? 
_reflns.limit_l_min                  ? 
_reflns.observed_criterion_F_max     ? 
_reflns.observed_criterion_F_min     ? 
_reflns.pdbx_chi_squared             ? 
_reflns.pdbx_scaling_rejects         ? 
_reflns.pdbx_ordinal                 1 
_reflns.pdbx_diffrn_id               1 
# 
_refine.entry_id                                 3DVP 
_refine.ls_number_reflns_obs                     6095 
_refine.ls_number_reflns_all                     ? 
_refine.pdbx_ls_sigma_I                          ? 
_refine.pdbx_ls_sigma_F                          0 
_refine.pdbx_data_cutoff_high_absF               ? 
_refine.pdbx_data_cutoff_low_absF                ? 
_refine.pdbx_data_cutoff_high_rms_absF           ? 
_refine.ls_d_res_low                             11.65 
_refine.ls_d_res_high                            2.50 
_refine.ls_percent_reflns_obs                    99.95 
_refine.ls_R_factor_obs                          0.20687 
_refine.ls_R_factor_all                          ? 
_refine.ls_R_factor_R_work                       0.20403 
_refine.ls_R_factor_R_free                       0.26283 
_refine.ls_R_factor_R_free_error                 ? 
_refine.ls_R_factor_R_free_error_details         ? 
_refine.ls_percent_reflns_R_free                 4.7 
_refine.ls_number_reflns_R_free                  299 
_refine.ls_number_parameters                     ? 
_refine.ls_number_restraints                     ? 
_refine.occupancy_min                            ? 
_refine.occupancy_max                            ? 
_refine.correlation_coeff_Fo_to_Fc               0.945 
_refine.correlation_coeff_Fo_to_Fc_free          0.922 
_refine.B_iso_mean                               5.054 
_refine.aniso_B[1][1]                            -0.46 
_refine.aniso_B[2][2]                            0.35 
_refine.aniso_B[3][3]                            0.11 
_refine.aniso_B[1][2]                            0.00 
_refine.aniso_B[1][3]                            0.00 
_refine.aniso_B[2][3]                            0.00 
_refine.solvent_model_details                    MASK 
_refine.solvent_model_param_ksol                 ? 
_refine.solvent_model_param_bsol                 ? 
_refine.pdbx_solvent_vdw_probe_radii             1.20 
_refine.pdbx_solvent_ion_probe_radii             0.80 
_refine.pdbx_solvent_shrinkage_radii             0.80 
_refine.pdbx_ls_cross_valid_method               THROUGHOUT 
_refine.details                                  ? 
_refine.pdbx_starting_model                      ? 
_refine.pdbx_method_to_determine_struct          'MOLECULAR REPLACEMENT' 
_refine.pdbx_isotropic_thermal_model             ? 
_refine.pdbx_stereochemistry_target_values       'MAXIMUM LIKELIHOOD' 
_refine.pdbx_stereochem_target_val_spec_case     ? 
_refine.pdbx_R_Free_selection_details            RANDOM 
_refine.pdbx_overall_ESU_R                       ? 
_refine.pdbx_overall_ESU_R_Free                  0.339 
_refine.overall_SU_ML                            0.150 
_refine.overall_SU_B                             13.061 
_refine.ls_redundancy_reflns_obs                 ? 
_refine.B_iso_min                                ? 
_refine.B_iso_max                                ? 
_refine.overall_SU_R_Cruickshank_DPI             ? 
_refine.overall_SU_R_free                        ? 
_refine.ls_wR_factor_R_free                      ? 
_refine.ls_wR_factor_R_work                      ? 
_refine.overall_FOM_free_R_set                   ? 
_refine.overall_FOM_work_R_set                   ? 
_refine.pdbx_overall_phase_error                 ? 
_refine.pdbx_refine_id                           'X-RAY DIFFRACTION' 
_refine.pdbx_TLS_residual_ADP_flag               'LIKELY RESIDUAL' 
_refine.pdbx_diffrn_id                           1 
_refine.pdbx_overall_SU_R_free_Cruickshank_DPI   ? 
_refine.pdbx_overall_SU_R_Blow_DPI               ? 
_refine.pdbx_overall_SU_R_free_Blow_DPI          ? 
# 
_refine_hist.pdbx_refine_id                   'X-RAY DIFFRACTION' 
_refine_hist.cycle_id                         LAST 
_refine_hist.pdbx_number_atoms_protein        1516 
_refine_hist.pdbx_number_atoms_nucleic_acid   0 
_refine_hist.pdbx_number_atoms_ligand         0 
_refine_hist.number_atoms_solvent             49 
_refine_hist.number_atoms_total               1565 
_refine_hist.d_res_high                       2.50 
_refine_hist.d_res_low                        11.65 
# 
loop_
_refine_ls_restr.type 
_refine_ls_restr.dev_ideal 
_refine_ls_restr.dev_ideal_target 
_refine_ls_restr.weight 
_refine_ls_restr.number 
_refine_ls_restr.pdbx_refine_id 
_refine_ls_restr.pdbx_restraint_function 
r_bond_refined_d             0.028  0.022  ? 1551 'X-RAY DIFFRACTION' ? 
r_bond_other_d               ?      ?      ? ?    'X-RAY DIFFRACTION' ? 
r_angle_refined_deg          2.162  1.937  ? 2098 'X-RAY DIFFRACTION' ? 
r_angle_other_deg            ?      ?      ? ?    'X-RAY DIFFRACTION' ? 
r_dihedral_angle_1_deg       6.501  5.000  ? 184  'X-RAY DIFFRACTION' ? 
r_dihedral_angle_2_deg       35.703 24.474 ? 76   'X-RAY DIFFRACTION' ? 
r_dihedral_angle_3_deg       18.575 15.000 ? 260  'X-RAY DIFFRACTION' ? 
r_dihedral_angle_4_deg       16.476 15.000 ? 6    'X-RAY DIFFRACTION' ? 
r_chiral_restr               0.008  0.020  ? 226  'X-RAY DIFFRACTION' ? 
r_gen_planes_refined         0.011  0.020  ? 1188 'X-RAY DIFFRACTION' ? 
r_gen_planes_other           ?      ?      ? ?    'X-RAY DIFFRACTION' ? 
r_nbd_refined                ?      ?      ? ?    'X-RAY DIFFRACTION' ? 
r_nbd_other                  ?      ?      ? ?    'X-RAY DIFFRACTION' ? 
r_nbtor_refined              ?      ?      ? ?    'X-RAY DIFFRACTION' ? 
r_nbtor_other                ?      ?      ? ?    'X-RAY DIFFRACTION' ? 
r_xyhbond_nbd_refined        ?      ?      ? ?    'X-RAY DIFFRACTION' ? 
r_xyhbond_nbd_other          ?      ?      ? ?    'X-RAY DIFFRACTION' ? 
r_metal_ion_refined          ?      ?      ? ?    'X-RAY DIFFRACTION' ? 
r_metal_ion_other            ?      ?      ? ?    'X-RAY DIFFRACTION' ? 
r_symmetry_vdw_refined       ?      ?      ? ?    'X-RAY DIFFRACTION' ? 
r_symmetry_vdw_other         ?      ?      ? ?    'X-RAY DIFFRACTION' ? 
r_symmetry_hbond_refined     ?      ?      ? ?    'X-RAY DIFFRACTION' ? 
r_symmetry_hbond_other       ?      ?      ? ?    'X-RAY DIFFRACTION' ? 
r_symmetry_metal_ion_refined ?      ?      ? ?    'X-RAY DIFFRACTION' ? 
r_symmetry_metal_ion_other   ?      ?      ? ?    'X-RAY DIFFRACTION' ? 
r_mcbond_it                  0.832  1.500  ? 939  'X-RAY DIFFRACTION' ? 
r_mcbond_other               ?      ?      ? ?    'X-RAY DIFFRACTION' ? 
r_mcangle_it                 1.441  2.000  ? 1514 'X-RAY DIFFRACTION' ? 
r_scbond_it                  2.529  3.000  ? 612  'X-RAY DIFFRACTION' ? 
r_scangle_it                 3.940  4.500  ? 584  'X-RAY DIFFRACTION' ? 
r_rigid_bond_restr           ?      ?      ? ?    'X-RAY DIFFRACTION' ? 
r_sphericity_free            ?      ?      ? ?    'X-RAY DIFFRACTION' ? 
r_sphericity_bonded          ?      ?      ? ?    'X-RAY DIFFRACTION' ? 
# 
_refine_ls_shell.pdbx_total_number_of_bins_used   20 
_refine_ls_shell.d_res_high                       2.500 
_refine_ls_shell.d_res_low                        2.562 
_refine_ls_shell.number_reflns_R_work             407 
_refine_ls_shell.R_factor_R_work                  0.208 
_refine_ls_shell.percent_reflns_obs               100.00 
_refine_ls_shell.R_factor_R_free                  0.467 
_refine_ls_shell.R_factor_R_free_error            ? 
_refine_ls_shell.percent_reflns_R_free            ? 
_refine_ls_shell.number_reflns_R_free             30 
_refine_ls_shell.number_reflns_all                ? 
_refine_ls_shell.R_factor_all                     ? 
_refine_ls_shell.number_reflns_obs                ? 
_refine_ls_shell.redundancy_reflns_obs            ? 
_refine_ls_shell.pdbx_refine_id                   'X-RAY DIFFRACTION' 
# 
_struct.entry_id                  3DVP 
_struct.title                     'Pak1 peptide bound LC8' 
_struct.pdbx_model_details        ? 
_struct.pdbx_CASP_flag            ? 
_struct.pdbx_model_type_details   ? 
# 
_struct_keywords.entry_id        3DVP 
_struct_keywords.pdbx_keywords   'STRUCTURAL PROTEIN, MOTOR PROTEIN' 
_struct_keywords.text            'Pak1, LC8, DLC1, PIN, Complex, Dynein, Microtubule, Motor protein, STRUCTURAL PROTEIN' 
# 
loop_
_struct_asym.id 
_struct_asym.pdbx_blank_PDB_chainid_flag 
_struct_asym.pdbx_modified 
_struct_asym.entity_id 
_struct_asym.details 
A N N 1 ? 
B N N 1 ? 
C N N 2 ? 
D N N 2 ? 
E N N 3 ? 
F N N 3 ? 
G N N 3 ? 
H N N 3 ? 
# 
loop_
_struct_ref.id 
_struct_ref.db_name 
_struct_ref.db_code 
_struct_ref.pdbx_db_accession 
_struct_ref.entity_id 
_struct_ref.pdbx_seq_one_letter_code 
_struct_ref.pdbx_align_begin 
_struct_ref.pdbx_db_isoform 
1 UNP DYL1_DROME Q24117 1 
;MSDRKAVIKNADMSEEMQQDAVDCATQALEKYNIEKDIAAYIKKEFDKKYNPTWHCIVGRNFGSYVTHETRHFIYFYLGQ
VAILLFKSG
;
1   ? 
2 UNP PAK1_HUMAN Q13153 2 TPTRDVATSP                                                                                   212 ? 
# 
loop_
_struct_ref_seq.align_id 
_struct_ref_seq.ref_id 
_struct_ref_seq.pdbx_PDB_id_code 
_struct_ref_seq.pdbx_strand_id 
_struct_ref_seq.seq_align_beg 
_struct_ref_seq.pdbx_seq_align_beg_ins_code 
_struct_ref_seq.seq_align_end 
_struct_ref_seq.pdbx_seq_align_end_ins_code 
_struct_ref_seq.pdbx_db_accession 
_struct_ref_seq.db_align_beg 
_struct_ref_seq.pdbx_db_align_beg_ins_code 
_struct_ref_seq.db_align_end 
_struct_ref_seq.pdbx_db_align_end_ins_code 
_struct_ref_seq.pdbx_auth_seq_align_beg 
_struct_ref_seq.pdbx_auth_seq_align_end 
1 1 3DVP A 3 ? 91 ? Q24117 1   ? 89  ? 1   89  
2 1 3DVP B 3 ? 91 ? Q24117 1   ? 89  ? 1   89  
3 2 3DVP C 1 ? 10 ? Q13153 212 ? 221 ? 212 221 
4 2 3DVP D 1 ? 10 ? Q13153 212 ? 221 ? 212 221 
# 
loop_
_struct_ref_seq_dif.align_id 
_struct_ref_seq_dif.pdbx_pdb_id_code 
_struct_ref_seq_dif.mon_id 
_struct_ref_seq_dif.pdbx_pdb_strand_id 
_struct_ref_seq_dif.seq_num 
_struct_ref_seq_dif.pdbx_pdb_ins_code 
_struct_ref_seq_dif.pdbx_seq_db_name 
_struct_ref_seq_dif.pdbx_seq_db_accession_code 
_struct_ref_seq_dif.db_mon_id 
_struct_ref_seq_dif.pdbx_seq_db_seq_num 
_struct_ref_seq_dif.details 
_struct_ref_seq_dif.pdbx_auth_seq_num 
_struct_ref_seq_dif.pdbx_ordinal 
1 3DVP MET A 1  ? UNP Q24117 ?   ?  'expression tag'      -1 1 
1 3DVP ASP A 2  ? UNP Q24117 ?   ?  'expression tag'      0  2 
1 3DVP PRO A 38 ? UNP Q24117 LYS 36 'engineered mutation' 36 3 
2 3DVP MET B 1  ? UNP Q24117 ?   ?  'expression tag'      -1 4 
2 3DVP ASP B 2  ? UNP Q24117 ?   ?  'expression tag'      0  5 
2 3DVP PRO B 38 ? UNP Q24117 LYS 36 'engineered mutation' 36 6 
# 
_pdbx_struct_assembly.id                   1 
_pdbx_struct_assembly.details              author_and_software_defined_assembly 
_pdbx_struct_assembly.method_details       PISA 
_pdbx_struct_assembly.oligomeric_details   tetrameric 
_pdbx_struct_assembly.oligomeric_count     4 
# 
loop_
_pdbx_struct_assembly_prop.biol_id 
_pdbx_struct_assembly_prop.type 
_pdbx_struct_assembly_prop.value 
_pdbx_struct_assembly_prop.details 
1 'ABSA (A^2)' 4460 ? 
1 MORE         -20  ? 
1 'SSA (A^2)'  8440 ? 
# 
_pdbx_struct_assembly_gen.assembly_id       1 
_pdbx_struct_assembly_gen.oper_expression   1 
_pdbx_struct_assembly_gen.asym_id_list      A,B,C,D,E,F,G,H 
# 
_pdbx_struct_oper_list.id                   1 
_pdbx_struct_oper_list.type                 'identity operation' 
_pdbx_struct_oper_list.name                 1_555 
_pdbx_struct_oper_list.symmetry_operation   x,y,z 
_pdbx_struct_oper_list.matrix[1][1]         1.0000000000 
_pdbx_struct_oper_list.matrix[1][2]         0.0000000000 
_pdbx_struct_oper_list.matrix[1][3]         0.0000000000 
_pdbx_struct_oper_list.vector[1]            0.0000000000 
_pdbx_struct_oper_list.matrix[2][1]         0.0000000000 
_pdbx_struct_oper_list.matrix[2][2]         1.0000000000 
_pdbx_struct_oper_list.matrix[2][3]         0.0000000000 
_pdbx_struct_oper_list.vector[2]            0.0000000000 
_pdbx_struct_oper_list.matrix[3][1]         0.0000000000 
_pdbx_struct_oper_list.matrix[3][2]         0.0000000000 
_pdbx_struct_oper_list.matrix[3][3]         1.0000000000 
_pdbx_struct_oper_list.vector[3]            0.0000000000 
# 
_struct_biol.id        1 
_struct_biol.details   ? 
# 
loop_
_struct_conf.conf_type_id 
_struct_conf.id 
_struct_conf.pdbx_PDB_helix_id 
_struct_conf.beg_label_comp_id 
_struct_conf.beg_label_asym_id 
_struct_conf.beg_label_seq_id 
_struct_conf.pdbx_beg_PDB_ins_code 
_struct_conf.end_label_comp_id 
_struct_conf.end_label_asym_id 
_struct_conf.end_label_seq_id 
_struct_conf.pdbx_end_PDB_ins_code 
_struct_conf.beg_auth_comp_id 
_struct_conf.beg_auth_asym_id 
_struct_conf.beg_auth_seq_id 
_struct_conf.end_auth_comp_id 
_struct_conf.end_auth_asym_id 
_struct_conf.end_auth_seq_id 
_struct_conf.pdbx_PDB_helix_class 
_struct_conf.details 
_struct_conf.pdbx_PDB_helix_length 
HELX_P HELX_P1 1 SER A 16 ? TYR A 34 ? SER A 14 TYR A 32 1 ? 19 
HELX_P HELX_P2 2 ILE A 36 ? ASN A 53 ? ILE A 34 ASN A 51 1 ? 18 
HELX_P HELX_P3 3 SER B 16 ? TYR B 34 ? SER B 14 TYR B 32 1 ? 19 
HELX_P HELX_P4 4 ILE B 36 ? ASN B 53 ? ILE B 34 ASN B 51 1 ? 18 
# 
_struct_conf_type.id          HELX_P 
_struct_conf_type.criteria    ? 
_struct_conf_type.reference   ? 
# 
loop_
_struct_mon_prot_cis.pdbx_id 
_struct_mon_prot_cis.label_comp_id 
_struct_mon_prot_cis.label_seq_id 
_struct_mon_prot_cis.label_asym_id 
_struct_mon_prot_cis.label_alt_id 
_struct_mon_prot_cis.pdbx_PDB_ins_code 
_struct_mon_prot_cis.auth_comp_id 
_struct_mon_prot_cis.auth_seq_id 
_struct_mon_prot_cis.auth_asym_id 
_struct_mon_prot_cis.pdbx_label_comp_id_2 
_struct_mon_prot_cis.pdbx_label_seq_id_2 
_struct_mon_prot_cis.pdbx_label_asym_id_2 
_struct_mon_prot_cis.pdbx_PDB_ins_code_2 
_struct_mon_prot_cis.pdbx_auth_comp_id_2 
_struct_mon_prot_cis.pdbx_auth_seq_id_2 
_struct_mon_prot_cis.pdbx_auth_asym_id_2 
_struct_mon_prot_cis.pdbx_PDB_model_num 
_struct_mon_prot_cis.pdbx_omega_angle 
1 PRO 54 A . ? PRO 52 A THR 55 A ? THR 53 A 1 -0.11 
2 PRO 54 B . ? PRO 52 B THR 55 B ? THR 53 B 1 0.41  
# 
loop_
_struct_sheet.id 
_struct_sheet.type 
_struct_sheet.number_strands 
_struct_sheet.details 
A ? 6 ? 
B ? 6 ? 
# 
loop_
_struct_sheet_order.sheet_id 
_struct_sheet_order.range_id_1 
_struct_sheet_order.range_id_2 
_struct_sheet_order.offset 
_struct_sheet_order.sense 
A 1 2 ? anti-parallel 
A 2 3 ? anti-parallel 
A 3 4 ? anti-parallel 
A 4 5 ? anti-parallel 
B 1 2 ? anti-parallel 
B 2 3 ? anti-parallel 
B 3 4 ? anti-parallel 
B 4 5 ? anti-parallel 
# 
loop_
_struct_sheet_range.sheet_id 
_struct_sheet_range.id 
_struct_sheet_range.beg_label_comp_id 
_struct_sheet_range.beg_label_asym_id 
_struct_sheet_range.beg_label_seq_id 
_struct_sheet_range.pdbx_beg_PDB_ins_code 
_struct_sheet_range.end_label_comp_id 
_struct_sheet_range.end_label_asym_id 
_struct_sheet_range.end_label_seq_id 
_struct_sheet_range.pdbx_end_PDB_ins_code 
_struct_sheet_range.beg_auth_comp_id 
_struct_sheet_range.beg_auth_asym_id 
_struct_sheet_range.beg_auth_seq_id 
_struct_sheet_range.end_auth_comp_id 
_struct_sheet_range.end_auth_asym_id 
_struct_sheet_range.end_auth_seq_id 
A 1 ALA A 8  ? ASP A 14 ? ALA A 6   ASP A 12  
A 2 PHE A 75 ? LEU A 80 ? PHE A 73  LEU A 78  
A 3 ALA A 84 ? LYS A 89 ? ALA A 82  LYS A 87  
A 4 TRP A 56 ? GLU A 71 ? TRP A 54  GLU A 69  
A 5 TRP B 56 ? GLU B 71 ? TRP B 54  GLU B 69  
A 6 THR C 3  ? THR C 8  ? THR C 214 THR C 219 
B 1 VAL B 9  ? MET B 15 ? VAL B 7   MET B 13  
B 2 HIS B 74 ? LEU B 80 ? HIS B 72  LEU B 78  
B 3 VAL B 83 ? LYS B 89 ? VAL B 81  LYS B 87  
B 4 TRP B 56 ? GLU B 71 ? TRP B 54  GLU B 69  
B 5 TRP A 56 ? GLU A 71 ? TRP A 54  GLU A 69  
B 6 THR D 3  ? THR D 8  ? THR D 214 THR D 219 
# 
loop_
_pdbx_struct_sheet_hbond.sheet_id 
_pdbx_struct_sheet_hbond.range_id_1 
_pdbx_struct_sheet_hbond.range_id_2 
_pdbx_struct_sheet_hbond.range_1_label_atom_id 
_pdbx_struct_sheet_hbond.range_1_label_comp_id 
_pdbx_struct_sheet_hbond.range_1_label_asym_id 
_pdbx_struct_sheet_hbond.range_1_label_seq_id 
_pdbx_struct_sheet_hbond.range_1_PDB_ins_code 
_pdbx_struct_sheet_hbond.range_1_auth_atom_id 
_pdbx_struct_sheet_hbond.range_1_auth_comp_id 
_pdbx_struct_sheet_hbond.range_1_auth_asym_id 
_pdbx_struct_sheet_hbond.range_1_auth_seq_id 
_pdbx_struct_sheet_hbond.range_2_label_atom_id 
_pdbx_struct_sheet_hbond.range_2_label_comp_id 
_pdbx_struct_sheet_hbond.range_2_label_asym_id 
_pdbx_struct_sheet_hbond.range_2_label_seq_id 
_pdbx_struct_sheet_hbond.range_2_PDB_ins_code 
_pdbx_struct_sheet_hbond.range_2_auth_atom_id 
_pdbx_struct_sheet_hbond.range_2_auth_comp_id 
_pdbx_struct_sheet_hbond.range_2_auth_asym_id 
_pdbx_struct_sheet_hbond.range_2_auth_seq_id 
A 1 2 N VAL A 9  ? N VAL A 7  O TYR A 79 ? O TYR A 77 
A 2 3 N PHE A 78 ? N PHE A 76 O ILE A 85 ? O ILE A 83 
A 3 4 O LYS A 89 ? O LYS A 87 N GLU A 71 ? N GLU A 69 
A 4 5 N GLY A 65 ? N GLY A 63 O VAL B 60 ? O VAL B 58 
B 1 2 N ASP B 14 ? N ASP B 12 O PHE B 75 ? O PHE B 73 
B 2 3 N PHE B 78 ? N PHE B 76 O ILE B 85 ? O ILE B 83 
B 3 4 O ALA B 84 ? O ALA B 82 N GLY B 61 ? N GLY B 59 
B 4 5 O VAL B 60 ? O VAL B 58 N GLY A 65 ? N GLY A 63 
# 
loop_
_pdbx_validate_rmsd_angle.id 
_pdbx_validate_rmsd_angle.PDB_model_num 
_pdbx_validate_rmsd_angle.auth_atom_id_1 
_pdbx_validate_rmsd_angle.auth_asym_id_1 
_pdbx_validate_rmsd_angle.auth_comp_id_1 
_pdbx_validate_rmsd_angle.auth_seq_id_1 
_pdbx_validate_rmsd_angle.PDB_ins_code_1 
_pdbx_validate_rmsd_angle.label_alt_id_1 
_pdbx_validate_rmsd_angle.auth_atom_id_2 
_pdbx_validate_rmsd_angle.auth_asym_id_2 
_pdbx_validate_rmsd_angle.auth_comp_id_2 
_pdbx_validate_rmsd_angle.auth_seq_id_2 
_pdbx_validate_rmsd_angle.PDB_ins_code_2 
_pdbx_validate_rmsd_angle.label_alt_id_2 
_pdbx_validate_rmsd_angle.auth_atom_id_3 
_pdbx_validate_rmsd_angle.auth_asym_id_3 
_pdbx_validate_rmsd_angle.auth_comp_id_3 
_pdbx_validate_rmsd_angle.auth_seq_id_3 
_pdbx_validate_rmsd_angle.PDB_ins_code_3 
_pdbx_validate_rmsd_angle.label_alt_id_3 
_pdbx_validate_rmsd_angle.angle_value 
_pdbx_validate_rmsd_angle.angle_target_value 
_pdbx_validate_rmsd_angle.angle_deviation 
_pdbx_validate_rmsd_angle.angle_standard_deviation 
_pdbx_validate_rmsd_angle.linker_flag 
1 1 CG B MET 13 ? ? SD B MET 13 ? ? CE  B MET 13 ? ? 111.08 100.20 10.88 1.60 N 
2 1 CB B ASP 47 ? ? CG B ASP 47 ? ? OD1 B ASP 47 ? ? 123.81 118.30 5.51  0.90 N 
# 
loop_
_pdbx_validate_torsion.id 
_pdbx_validate_torsion.PDB_model_num 
_pdbx_validate_torsion.auth_comp_id 
_pdbx_validate_torsion.auth_asym_id 
_pdbx_validate_torsion.auth_seq_id 
_pdbx_validate_torsion.PDB_ins_code 
_pdbx_validate_torsion.label_alt_id 
_pdbx_validate_torsion.phi 
_pdbx_validate_torsion.psi 
1 1 MET A 13 ? ? -176.03 129.43 
2 1 ASN A 51 ? ? 76.38   150.03 
3 1 ASN A 61 ? ? -162.82 100.09 
4 1 ARG A 71 ? ? 80.22   7.45   
5 1 ASN B 51 ? ? 60.45   155.03 
6 1 SER B 88 ? ? -168.88 118.56 
# 
loop_
_pdbx_refine_tls.id 
_pdbx_refine_tls.details 
_pdbx_refine_tls.method 
_pdbx_refine_tls.origin_x 
_pdbx_refine_tls.origin_y 
_pdbx_refine_tls.origin_z 
_pdbx_refine_tls.T[1][1] 
_pdbx_refine_tls.T[2][2] 
_pdbx_refine_tls.T[3][3] 
_pdbx_refine_tls.T[1][2] 
_pdbx_refine_tls.T[1][3] 
_pdbx_refine_tls.T[2][3] 
_pdbx_refine_tls.L[1][1] 
_pdbx_refine_tls.L[2][2] 
_pdbx_refine_tls.L[3][3] 
_pdbx_refine_tls.L[1][2] 
_pdbx_refine_tls.L[1][3] 
_pdbx_refine_tls.L[2][3] 
_pdbx_refine_tls.S[1][1] 
_pdbx_refine_tls.S[1][2] 
_pdbx_refine_tls.S[1][3] 
_pdbx_refine_tls.S[2][1] 
_pdbx_refine_tls.S[2][2] 
_pdbx_refine_tls.S[2][3] 
_pdbx_refine_tls.S[3][1] 
_pdbx_refine_tls.S[3][2] 
_pdbx_refine_tls.S[3][3] 
_pdbx_refine_tls.pdbx_refine_id 
1 ? refined -3.1815 3.9997  -8.8983 -0.0483 -0.0960 -0.1013 0.0286  -0.0805 0.0340 4.0638 2.3711  2.3971 0.3240  -1.1580 -0.7090 0.0138  0.1910  0.1903  -0.1929 -0.0293 0.1281  -0.1510 -0.1424 0.0155  'X-RAY DIFFRACTION' 
2 ? refined 3.1726  -4.1054 8.7880  -0.1038 -0.0455 -0.1031 0.0576  -0.0609 0.0131 2.3119 2.3037  3.2780 0.9520  -0.2096 0.1410  0.0213  -0.1627 -0.0432 0.1393  0.0443  -0.1446 0.0551  0.0718  -0.0657 'X-RAY DIFFRACTION' 
3 ? refined 9.2457  0.7632  -5.3058 -0.1134 -0.0418 -0.0469 -0.0466 -0.0026 0.0577 7.7038 7.2236  9.6621 -2.6467 -1.9048 2.6990  -0.0928 -0.0115 -0.0030 -0.8138 0.4081  -0.7366 0.0665  0.5157  -0.3153 'X-RAY DIFFRACTION' 
4 ? refined -8.5949 -5.9739 2.5825  -0.0388 0.0262  -0.0837 -0.0194 0.0022  0.0025 3.3514 21.9913 1.2266 2.1953  1.0817  4.0700  -0.0208 -0.0618 -0.0299 0.6202  -0.1091 0.4271  0.4882  -0.0825 0.1300  'X-RAY DIFFRACTION' 
# 
loop_
_pdbx_refine_tls_group.id 
_pdbx_refine_tls_group.refine_tls_id 
_pdbx_refine_tls_group.beg_auth_asym_id 
_pdbx_refine_tls_group.beg_auth_seq_id 
_pdbx_refine_tls_group.beg_label_asym_id 
_pdbx_refine_tls_group.beg_label_seq_id 
_pdbx_refine_tls_group.end_auth_asym_id 
_pdbx_refine_tls_group.end_auth_seq_id 
_pdbx_refine_tls_group.end_label_asym_id 
_pdbx_refine_tls_group.end_label_seq_id 
_pdbx_refine_tls_group.selection 
_pdbx_refine_tls_group.pdbx_refine_id 
_pdbx_refine_tls_group.selection_details 
1 1 A 5   A 7 A 89  A 91 ? 'X-RAY DIFFRACTION' ? 
2 2 B 5   B 7 B 89  B 91 ? 'X-RAY DIFFRACTION' ? 
3 3 C 213 C 2 C 221 C 10 ? 'X-RAY DIFFRACTION' ? 
4 4 D 213 D 2 D 221 D 10 ? 'X-RAY DIFFRACTION' ? 
# 
loop_
_pdbx_unobs_or_zero_occ_residues.id 
_pdbx_unobs_or_zero_occ_residues.PDB_model_num 
_pdbx_unobs_or_zero_occ_residues.polymer_flag 
_pdbx_unobs_or_zero_occ_residues.occupancy_flag 
_pdbx_unobs_or_zero_occ_residues.auth_asym_id 
_pdbx_unobs_or_zero_occ_residues.auth_comp_id 
_pdbx_unobs_or_zero_occ_residues.auth_seq_id 
_pdbx_unobs_or_zero_occ_residues.PDB_ins_code 
_pdbx_unobs_or_zero_occ_residues.label_asym_id 
_pdbx_unobs_or_zero_occ_residues.label_comp_id 
_pdbx_unobs_or_zero_occ_residues.label_seq_id 
1  1 Y 1 A MET -1  ? A MET 1 
2  1 Y 1 A ASP 0   ? A ASP 2 
3  1 Y 1 A MET 1   ? A MET 3 
4  1 Y 1 A SER 2   ? A SER 4 
5  1 Y 1 A ASP 3   ? A ASP 5 
6  1 Y 1 A ARG 4   ? A ARG 6 
7  1 Y 1 B MET -1  ? B MET 1 
8  1 Y 1 B ASP 0   ? B ASP 2 
9  1 Y 1 B MET 1   ? B MET 3 
10 1 Y 1 B SER 2   ? B SER 4 
11 1 Y 1 B ASP 3   ? B ASP 5 
12 1 Y 1 B ARG 4   ? B ARG 6 
13 1 Y 1 C THR 212 ? C THR 1 
14 1 Y 1 D THR 212 ? D THR 1 
# 
loop_
_chem_comp_atom.comp_id 
_chem_comp_atom.atom_id 
_chem_comp_atom.type_symbol 
_chem_comp_atom.pdbx_aromatic_flag 
_chem_comp_atom.pdbx_stereo_config 
_chem_comp_atom.pdbx_ordinal 
ALA N    N N N 1   
ALA CA   C N S 2   
ALA C    C N N 3   
ALA O    O N N 4   
ALA CB   C N N 5   
ALA OXT  O N N 6   
ALA H    H N N 7   
ALA H2   H N N 8   
ALA HA   H N N 9   
ALA HB1  H N N 10  
ALA HB2  H N N 11  
ALA HB3  H N N 12  
ALA HXT  H N N 13  
ARG N    N N N 14  
ARG CA   C N S 15  
ARG C    C N N 16  
ARG O    O N N 17  
ARG CB   C N N 18  
ARG CG   C N N 19  
ARG CD   C N N 20  
ARG NE   N N N 21  
ARG CZ   C N N 22  
ARG NH1  N N N 23  
ARG NH2  N N N 24  
ARG OXT  O N N 25  
ARG H    H N N 26  
ARG H2   H N N 27  
ARG HA   H N N 28  
ARG HB2  H N N 29  
ARG HB3  H N N 30  
ARG HG2  H N N 31  
ARG HG3  H N N 32  
ARG HD2  H N N 33  
ARG HD3  H N N 34  
ARG HE   H N N 35  
ARG HH11 H N N 36  
ARG HH12 H N N 37  
ARG HH21 H N N 38  
ARG HH22 H N N 39  
ARG HXT  H N N 40  
ASN N    N N N 41  
ASN CA   C N S 42  
ASN C    C N N 43  
ASN O    O N N 44  
ASN CB   C N N 45  
ASN CG   C N N 46  
ASN OD1  O N N 47  
ASN ND2  N N N 48  
ASN OXT  O N N 49  
ASN H    H N N 50  
ASN H2   H N N 51  
ASN HA   H N N 52  
ASN HB2  H N N 53  
ASN HB3  H N N 54  
ASN HD21 H N N 55  
ASN HD22 H N N 56  
ASN HXT  H N N 57  
ASP N    N N N 58  
ASP CA   C N S 59  
ASP C    C N N 60  
ASP O    O N N 61  
ASP CB   C N N 62  
ASP CG   C N N 63  
ASP OD1  O N N 64  
ASP OD2  O N N 65  
ASP OXT  O N N 66  
ASP H    H N N 67  
ASP H2   H N N 68  
ASP HA   H N N 69  
ASP HB2  H N N 70  
ASP HB3  H N N 71  
ASP HD2  H N N 72  
ASP HXT  H N N 73  
CYS N    N N N 74  
CYS CA   C N R 75  
CYS C    C N N 76  
CYS O    O N N 77  
CYS CB   C N N 78  
CYS SG   S N N 79  
CYS OXT  O N N 80  
CYS H    H N N 81  
CYS H2   H N N 82  
CYS HA   H N N 83  
CYS HB2  H N N 84  
CYS HB3  H N N 85  
CYS HG   H N N 86  
CYS HXT  H N N 87  
GLN N    N N N 88  
GLN CA   C N S 89  
GLN C    C N N 90  
GLN O    O N N 91  
GLN CB   C N N 92  
GLN CG   C N N 93  
GLN CD   C N N 94  
GLN OE1  O N N 95  
GLN NE2  N N N 96  
GLN OXT  O N N 97  
GLN H    H N N 98  
GLN H2   H N N 99  
GLN HA   H N N 100 
GLN HB2  H N N 101 
GLN HB3  H N N 102 
GLN HG2  H N N 103 
GLN HG3  H N N 104 
GLN HE21 H N N 105 
GLN HE22 H N N 106 
GLN HXT  H N N 107 
GLU N    N N N 108 
GLU CA   C N S 109 
GLU C    C N N 110 
GLU O    O N N 111 
GLU CB   C N N 112 
GLU CG   C N N 113 
GLU CD   C N N 114 
GLU OE1  O N N 115 
GLU OE2  O N N 116 
GLU OXT  O N N 117 
GLU H    H N N 118 
GLU H2   H N N 119 
GLU HA   H N N 120 
GLU HB2  H N N 121 
GLU HB3  H N N 122 
GLU HG2  H N N 123 
GLU HG3  H N N 124 
GLU HE2  H N N 125 
GLU HXT  H N N 126 
GLY N    N N N 127 
GLY CA   C N N 128 
GLY C    C N N 129 
GLY O    O N N 130 
GLY OXT  O N N 131 
GLY H    H N N 132 
GLY H2   H N N 133 
GLY HA2  H N N 134 
GLY HA3  H N N 135 
GLY HXT  H N N 136 
HIS N    N N N 137 
HIS CA   C N S 138 
HIS C    C N N 139 
HIS O    O N N 140 
HIS CB   C N N 141 
HIS CG   C Y N 142 
HIS ND1  N Y N 143 
HIS CD2  C Y N 144 
HIS CE1  C Y N 145 
HIS NE2  N Y N 146 
HIS OXT  O N N 147 
HIS H    H N N 148 
HIS H2   H N N 149 
HIS HA   H N N 150 
HIS HB2  H N N 151 
HIS HB3  H N N 152 
HIS HD1  H N N 153 
HIS HD2  H N N 154 
HIS HE1  H N N 155 
HIS HE2  H N N 156 
HIS HXT  H N N 157 
HOH O    O N N 158 
HOH H1   H N N 159 
HOH H2   H N N 160 
ILE N    N N N 161 
ILE CA   C N S 162 
ILE C    C N N 163 
ILE O    O N N 164 
ILE CB   C N S 165 
ILE CG1  C N N 166 
ILE CG2  C N N 167 
ILE CD1  C N N 168 
ILE OXT  O N N 169 
ILE H    H N N 170 
ILE H2   H N N 171 
ILE HA   H N N 172 
ILE HB   H N N 173 
ILE HG12 H N N 174 
ILE HG13 H N N 175 
ILE HG21 H N N 176 
ILE HG22 H N N 177 
ILE HG23 H N N 178 
ILE HD11 H N N 179 
ILE HD12 H N N 180 
ILE HD13 H N N 181 
ILE HXT  H N N 182 
LEU N    N N N 183 
LEU CA   C N S 184 
LEU C    C N N 185 
LEU O    O N N 186 
LEU CB   C N N 187 
LEU CG   C N N 188 
LEU CD1  C N N 189 
LEU CD2  C N N 190 
LEU OXT  O N N 191 
LEU H    H N N 192 
LEU H2   H N N 193 
LEU HA   H N N 194 
LEU HB2  H N N 195 
LEU HB3  H N N 196 
LEU HG   H N N 197 
LEU HD11 H N N 198 
LEU HD12 H N N 199 
LEU HD13 H N N 200 
LEU HD21 H N N 201 
LEU HD22 H N N 202 
LEU HD23 H N N 203 
LEU HXT  H N N 204 
LYS N    N N N 205 
LYS CA   C N S 206 
LYS C    C N N 207 
LYS O    O N N 208 
LYS CB   C N N 209 
LYS CG   C N N 210 
LYS CD   C N N 211 
LYS CE   C N N 212 
LYS NZ   N N N 213 
LYS OXT  O N N 214 
LYS H    H N N 215 
LYS H2   H N N 216 
LYS HA   H N N 217 
LYS HB2  H N N 218 
LYS HB3  H N N 219 
LYS HG2  H N N 220 
LYS HG3  H N N 221 
LYS HD2  H N N 222 
LYS HD3  H N N 223 
LYS HE2  H N N 224 
LYS HE3  H N N 225 
LYS HZ1  H N N 226 
LYS HZ2  H N N 227 
LYS HZ3  H N N 228 
LYS HXT  H N N 229 
MET N    N N N 230 
MET CA   C N S 231 
MET C    C N N 232 
MET O    O N N 233 
MET CB   C N N 234 
MET CG   C N N 235 
MET SD   S N N 236 
MET CE   C N N 237 
MET OXT  O N N 238 
MET H    H N N 239 
MET H2   H N N 240 
MET HA   H N N 241 
MET HB2  H N N 242 
MET HB3  H N N 243 
MET HG2  H N N 244 
MET HG3  H N N 245 
MET HE1  H N N 246 
MET HE2  H N N 247 
MET HE3  H N N 248 
MET HXT  H N N 249 
PHE N    N N N 250 
PHE CA   C N S 251 
PHE C    C N N 252 
PHE O    O N N 253 
PHE CB   C N N 254 
PHE CG   C Y N 255 
PHE CD1  C Y N 256 
PHE CD2  C Y N 257 
PHE CE1  C Y N 258 
PHE CE2  C Y N 259 
PHE CZ   C Y N 260 
PHE OXT  O N N 261 
PHE H    H N N 262 
PHE H2   H N N 263 
PHE HA   H N N 264 
PHE HB2  H N N 265 
PHE HB3  H N N 266 
PHE HD1  H N N 267 
PHE HD2  H N N 268 
PHE HE1  H N N 269 
PHE HE2  H N N 270 
PHE HZ   H N N 271 
PHE HXT  H N N 272 
PRO N    N N N 273 
PRO CA   C N S 274 
PRO C    C N N 275 
PRO O    O N N 276 
PRO CB   C N N 277 
PRO CG   C N N 278 
PRO CD   C N N 279 
PRO OXT  O N N 280 
PRO H    H N N 281 
PRO HA   H N N 282 
PRO HB2  H N N 283 
PRO HB3  H N N 284 
PRO HG2  H N N 285 
PRO HG3  H N N 286 
PRO HD2  H N N 287 
PRO HD3  H N N 288 
PRO HXT  H N N 289 
SER N    N N N 290 
SER CA   C N S 291 
SER C    C N N 292 
SER O    O N N 293 
SER CB   C N N 294 
SER OG   O N N 295 
SER OXT  O N N 296 
SER H    H N N 297 
SER H2   H N N 298 
SER HA   H N N 299 
SER HB2  H N N 300 
SER HB3  H N N 301 
SER HG   H N N 302 
SER HXT  H N N 303 
THR N    N N N 304 
THR CA   C N S 305 
THR C    C N N 306 
THR O    O N N 307 
THR CB   C N R 308 
THR OG1  O N N 309 
THR CG2  C N N 310 
THR OXT  O N N 311 
THR H    H N N 312 
THR H2   H N N 313 
THR HA   H N N 314 
THR HB   H N N 315 
THR HG1  H N N 316 
THR HG21 H N N 317 
THR HG22 H N N 318 
THR HG23 H N N 319 
THR HXT  H N N 320 
TRP N    N N N 321 
TRP CA   C N S 322 
TRP C    C N N 323 
TRP O    O N N 324 
TRP CB   C N N 325 
TRP CG   C Y N 326 
TRP CD1  C Y N 327 
TRP CD2  C Y N 328 
TRP NE1  N Y N 329 
TRP CE2  C Y N 330 
TRP CE3  C Y N 331 
TRP CZ2  C Y N 332 
TRP CZ3  C Y N 333 
TRP CH2  C Y N 334 
TRP OXT  O N N 335 
TRP H    H N N 336 
TRP H2   H N N 337 
TRP HA   H N N 338 
TRP HB2  H N N 339 
TRP HB3  H N N 340 
TRP HD1  H N N 341 
TRP HE1  H N N 342 
TRP HE3  H N N 343 
TRP HZ2  H N N 344 
TRP HZ3  H N N 345 
TRP HH2  H N N 346 
TRP HXT  H N N 347 
TYR N    N N N 348 
TYR CA   C N S 349 
TYR C    C N N 350 
TYR O    O N N 351 
TYR CB   C N N 352 
TYR CG   C Y N 353 
TYR CD1  C Y N 354 
TYR CD2  C Y N 355 
TYR CE1  C Y N 356 
TYR CE2  C Y N 357 
TYR CZ   C Y N 358 
TYR OH   O N N 359 
TYR OXT  O N N 360 
TYR H    H N N 361 
TYR H2   H N N 362 
TYR HA   H N N 363 
TYR HB2  H N N 364 
TYR HB3  H N N 365 
TYR HD1  H N N 366 
TYR HD2  H N N 367 
TYR HE1  H N N 368 
TYR HE2  H N N 369 
TYR HH   H N N 370 
TYR HXT  H N N 371 
VAL N    N N N 372 
VAL CA   C N S 373 
VAL C    C N N 374 
VAL O    O N N 375 
VAL CB   C N N 376 
VAL CG1  C N N 377 
VAL CG2  C N N 378 
VAL OXT  O N N 379 
VAL H    H N N 380 
VAL H2   H N N 381 
VAL HA   H N N 382 
VAL HB   H N N 383 
VAL HG11 H N N 384 
VAL HG12 H N N 385 
VAL HG13 H N N 386 
VAL HG21 H N N 387 
VAL HG22 H N N 388 
VAL HG23 H N N 389 
VAL HXT  H N N 390 
# 
loop_
_chem_comp_bond.comp_id 
_chem_comp_bond.atom_id_1 
_chem_comp_bond.atom_id_2 
_chem_comp_bond.value_order 
_chem_comp_bond.pdbx_aromatic_flag 
_chem_comp_bond.pdbx_stereo_config 
_chem_comp_bond.pdbx_ordinal 
ALA N   CA   sing N N 1   
ALA N   H    sing N N 2   
ALA N   H2   sing N N 3   
ALA CA  C    sing N N 4   
ALA CA  CB   sing N N 5   
ALA CA  HA   sing N N 6   
ALA C   O    doub N N 7   
ALA C   OXT  sing N N 8   
ALA CB  HB1  sing N N 9   
ALA CB  HB2  sing N N 10  
ALA CB  HB3  sing N N 11  
ALA OXT HXT  sing N N 12  
ARG N   CA   sing N N 13  
ARG N   H    sing N N 14  
ARG N   H2   sing N N 15  
ARG CA  C    sing N N 16  
ARG CA  CB   sing N N 17  
ARG CA  HA   sing N N 18  
ARG C   O    doub N N 19  
ARG C   OXT  sing N N 20  
ARG CB  CG   sing N N 21  
ARG CB  HB2  sing N N 22  
ARG CB  HB3  sing N N 23  
ARG CG  CD   sing N N 24  
ARG CG  HG2  sing N N 25  
ARG CG  HG3  sing N N 26  
ARG CD  NE   sing N N 27  
ARG CD  HD2  sing N N 28  
ARG CD  HD3  sing N N 29  
ARG NE  CZ   sing N N 30  
ARG NE  HE   sing N N 31  
ARG CZ  NH1  sing N N 32  
ARG CZ  NH2  doub N N 33  
ARG NH1 HH11 sing N N 34  
ARG NH1 HH12 sing N N 35  
ARG NH2 HH21 sing N N 36  
ARG NH2 HH22 sing N N 37  
ARG OXT HXT  sing N N 38  
ASN N   CA   sing N N 39  
ASN N   H    sing N N 40  
ASN N   H2   sing N N 41  
ASN CA  C    sing N N 42  
ASN CA  CB   sing N N 43  
ASN CA  HA   sing N N 44  
ASN C   O    doub N N 45  
ASN C   OXT  sing N N 46  
ASN CB  CG   sing N N 47  
ASN CB  HB2  sing N N 48  
ASN CB  HB3  sing N N 49  
ASN CG  OD1  doub N N 50  
ASN CG  ND2  sing N N 51  
ASN ND2 HD21 sing N N 52  
ASN ND2 HD22 sing N N 53  
ASN OXT HXT  sing N N 54  
ASP N   CA   sing N N 55  
ASP N   H    sing N N 56  
ASP N   H2   sing N N 57  
ASP CA  C    sing N N 58  
ASP CA  CB   sing N N 59  
ASP CA  HA   sing N N 60  
ASP C   O    doub N N 61  
ASP C   OXT  sing N N 62  
ASP CB  CG   sing N N 63  
ASP CB  HB2  sing N N 64  
ASP CB  HB3  sing N N 65  
ASP CG  OD1  doub N N 66  
ASP CG  OD2  sing N N 67  
ASP OD2 HD2  sing N N 68  
ASP OXT HXT  sing N N 69  
CYS N   CA   sing N N 70  
CYS N   H    sing N N 71  
CYS N   H2   sing N N 72  
CYS CA  C    sing N N 73  
CYS CA  CB   sing N N 74  
CYS CA  HA   sing N N 75  
CYS C   O    doub N N 76  
CYS C   OXT  sing N N 77  
CYS CB  SG   sing N N 78  
CYS CB  HB2  sing N N 79  
CYS CB  HB3  sing N N 80  
CYS SG  HG   sing N N 81  
CYS OXT HXT  sing N N 82  
GLN N   CA   sing N N 83  
GLN N   H    sing N N 84  
GLN N   H2   sing N N 85  
GLN CA  C    sing N N 86  
GLN CA  CB   sing N N 87  
GLN CA  HA   sing N N 88  
GLN C   O    doub N N 89  
GLN C   OXT  sing N N 90  
GLN CB  CG   sing N N 91  
GLN CB  HB2  sing N N 92  
GLN CB  HB3  sing N N 93  
GLN CG  CD   sing N N 94  
GLN CG  HG2  sing N N 95  
GLN CG  HG3  sing N N 96  
GLN CD  OE1  doub N N 97  
GLN CD  NE2  sing N N 98  
GLN NE2 HE21 sing N N 99  
GLN NE2 HE22 sing N N 100 
GLN OXT HXT  sing N N 101 
GLU N   CA   sing N N 102 
GLU N   H    sing N N 103 
GLU N   H2   sing N N 104 
GLU CA  C    sing N N 105 
GLU CA  CB   sing N N 106 
GLU CA  HA   sing N N 107 
GLU C   O    doub N N 108 
GLU C   OXT  sing N N 109 
GLU CB  CG   sing N N 110 
GLU CB  HB2  sing N N 111 
GLU CB  HB3  sing N N 112 
GLU CG  CD   sing N N 113 
GLU CG  HG2  sing N N 114 
GLU CG  HG3  sing N N 115 
GLU CD  OE1  doub N N 116 
GLU CD  OE2  sing N N 117 
GLU OE2 HE2  sing N N 118 
GLU OXT HXT  sing N N 119 
GLY N   CA   sing N N 120 
GLY N   H    sing N N 121 
GLY N   H2   sing N N 122 
GLY CA  C    sing N N 123 
GLY CA  HA2  sing N N 124 
GLY CA  HA3  sing N N 125 
GLY C   O    doub N N 126 
GLY C   OXT  sing N N 127 
GLY OXT HXT  sing N N 128 
HIS N   CA   sing N N 129 
HIS N   H    sing N N 130 
HIS N   H2   sing N N 131 
HIS CA  C    sing N N 132 
HIS CA  CB   sing N N 133 
HIS CA  HA   sing N N 134 
HIS C   O    doub N N 135 
HIS C   OXT  sing N N 136 
HIS CB  CG   sing N N 137 
HIS CB  HB2  sing N N 138 
HIS CB  HB3  sing N N 139 
HIS CG  ND1  sing Y N 140 
HIS CG  CD2  doub Y N 141 
HIS ND1 CE1  doub Y N 142 
HIS ND1 HD1  sing N N 143 
HIS CD2 NE2  sing Y N 144 
HIS CD2 HD2  sing N N 145 
HIS CE1 NE2  sing Y N 146 
HIS CE1 HE1  sing N N 147 
HIS NE2 HE2  sing N N 148 
HIS OXT HXT  sing N N 149 
HOH O   H1   sing N N 150 
HOH O   H2   sing N N 151 
ILE N   CA   sing N N 152 
ILE N   H    sing N N 153 
ILE N   H2   sing N N 154 
ILE CA  C    sing N N 155 
ILE CA  CB   sing N N 156 
ILE CA  HA   sing N N 157 
ILE C   O    doub N N 158 
ILE C   OXT  sing N N 159 
ILE CB  CG1  sing N N 160 
ILE CB  CG2  sing N N 161 
ILE CB  HB   sing N N 162 
ILE CG1 CD1  sing N N 163 
ILE CG1 HG12 sing N N 164 
ILE CG1 HG13 sing N N 165 
ILE CG2 HG21 sing N N 166 
ILE CG2 HG22 sing N N 167 
ILE CG2 HG23 sing N N 168 
ILE CD1 HD11 sing N N 169 
ILE CD1 HD12 sing N N 170 
ILE CD1 HD13 sing N N 171 
ILE OXT HXT  sing N N 172 
LEU N   CA   sing N N 173 
LEU N   H    sing N N 174 
LEU N   H2   sing N N 175 
LEU CA  C    sing N N 176 
LEU CA  CB   sing N N 177 
LEU CA  HA   sing N N 178 
LEU C   O    doub N N 179 
LEU C   OXT  sing N N 180 
LEU CB  CG   sing N N 181 
LEU CB  HB2  sing N N 182 
LEU CB  HB3  sing N N 183 
LEU CG  CD1  sing N N 184 
LEU CG  CD2  sing N N 185 
LEU CG  HG   sing N N 186 
LEU CD1 HD11 sing N N 187 
LEU CD1 HD12 sing N N 188 
LEU CD1 HD13 sing N N 189 
LEU CD2 HD21 sing N N 190 
LEU CD2 HD22 sing N N 191 
LEU CD2 HD23 sing N N 192 
LEU OXT HXT  sing N N 193 
LYS N   CA   sing N N 194 
LYS N   H    sing N N 195 
LYS N   H2   sing N N 196 
LYS CA  C    sing N N 197 
LYS CA  CB   sing N N 198 
LYS CA  HA   sing N N 199 
LYS C   O    doub N N 200 
LYS C   OXT  sing N N 201 
LYS CB  CG   sing N N 202 
LYS CB  HB2  sing N N 203 
LYS CB  HB3  sing N N 204 
LYS CG  CD   sing N N 205 
LYS CG  HG2  sing N N 206 
LYS CG  HG3  sing N N 207 
LYS CD  CE   sing N N 208 
LYS CD  HD2  sing N N 209 
LYS CD  HD3  sing N N 210 
LYS CE  NZ   sing N N 211 
LYS CE  HE2  sing N N 212 
LYS CE  HE3  sing N N 213 
LYS NZ  HZ1  sing N N 214 
LYS NZ  HZ2  sing N N 215 
LYS NZ  HZ3  sing N N 216 
LYS OXT HXT  sing N N 217 
MET N   CA   sing N N 218 
MET N   H    sing N N 219 
MET N   H2   sing N N 220 
MET CA  C    sing N N 221 
MET CA  CB   sing N N 222 
MET CA  HA   sing N N 223 
MET C   O    doub N N 224 
MET C   OXT  sing N N 225 
MET CB  CG   sing N N 226 
MET CB  HB2  sing N N 227 
MET CB  HB3  sing N N 228 
MET CG  SD   sing N N 229 
MET CG  HG2  sing N N 230 
MET CG  HG3  sing N N 231 
MET SD  CE   sing N N 232 
MET CE  HE1  sing N N 233 
MET CE  HE2  sing N N 234 
MET CE  HE3  sing N N 235 
MET OXT HXT  sing N N 236 
PHE N   CA   sing N N 237 
PHE N   H    sing N N 238 
PHE N   H2   sing N N 239 
PHE CA  C    sing N N 240 
PHE CA  CB   sing N N 241 
PHE CA  HA   sing N N 242 
PHE C   O    doub N N 243 
PHE C   OXT  sing N N 244 
PHE CB  CG   sing N N 245 
PHE CB  HB2  sing N N 246 
PHE CB  HB3  sing N N 247 
PHE CG  CD1  doub Y N 248 
PHE CG  CD2  sing Y N 249 
PHE CD1 CE1  sing Y N 250 
PHE CD1 HD1  sing N N 251 
PHE CD2 CE2  doub Y N 252 
PHE CD2 HD2  sing N N 253 
PHE CE1 CZ   doub Y N 254 
PHE CE1 HE1  sing N N 255 
PHE CE2 CZ   sing Y N 256 
PHE CE2 HE2  sing N N 257 
PHE CZ  HZ   sing N N 258 
PHE OXT HXT  sing N N 259 
PRO N   CA   sing N N 260 
PRO N   CD   sing N N 261 
PRO N   H    sing N N 262 
PRO CA  C    sing N N 263 
PRO CA  CB   sing N N 264 
PRO CA  HA   sing N N 265 
PRO C   O    doub N N 266 
PRO C   OXT  sing N N 267 
PRO CB  CG   sing N N 268 
PRO CB  HB2  sing N N 269 
PRO CB  HB3  sing N N 270 
PRO CG  CD   sing N N 271 
PRO CG  HG2  sing N N 272 
PRO CG  HG3  sing N N 273 
PRO CD  HD2  sing N N 274 
PRO CD  HD3  sing N N 275 
PRO OXT HXT  sing N N 276 
SER N   CA   sing N N 277 
SER N   H    sing N N 278 
SER N   H2   sing N N 279 
SER CA  C    sing N N 280 
SER CA  CB   sing N N 281 
SER CA  HA   sing N N 282 
SER C   O    doub N N 283 
SER C   OXT  sing N N 284 
SER CB  OG   sing N N 285 
SER CB  HB2  sing N N 286 
SER CB  HB3  sing N N 287 
SER OG  HG   sing N N 288 
SER OXT HXT  sing N N 289 
THR N   CA   sing N N 290 
THR N   H    sing N N 291 
THR N   H2   sing N N 292 
THR CA  C    sing N N 293 
THR CA  CB   sing N N 294 
THR CA  HA   sing N N 295 
THR C   O    doub N N 296 
THR C   OXT  sing N N 297 
THR CB  OG1  sing N N 298 
THR CB  CG2  sing N N 299 
THR CB  HB   sing N N 300 
THR OG1 HG1  sing N N 301 
THR CG2 HG21 sing N N 302 
THR CG2 HG22 sing N N 303 
THR CG2 HG23 sing N N 304 
THR OXT HXT  sing N N 305 
TRP N   CA   sing N N 306 
TRP N   H    sing N N 307 
TRP N   H2   sing N N 308 
TRP CA  C    sing N N 309 
TRP CA  CB   sing N N 310 
TRP CA  HA   sing N N 311 
TRP C   O    doub N N 312 
TRP C   OXT  sing N N 313 
TRP CB  CG   sing N N 314 
TRP CB  HB2  sing N N 315 
TRP CB  HB3  sing N N 316 
TRP CG  CD1  doub Y N 317 
TRP CG  CD2  sing Y N 318 
TRP CD1 NE1  sing Y N 319 
TRP CD1 HD1  sing N N 320 
TRP CD2 CE2  doub Y N 321 
TRP CD2 CE3  sing Y N 322 
TRP NE1 CE2  sing Y N 323 
TRP NE1 HE1  sing N N 324 
TRP CE2 CZ2  sing Y N 325 
TRP CE3 CZ3  doub Y N 326 
TRP CE3 HE3  sing N N 327 
TRP CZ2 CH2  doub Y N 328 
TRP CZ2 HZ2  sing N N 329 
TRP CZ3 CH2  sing Y N 330 
TRP CZ3 HZ3  sing N N 331 
TRP CH2 HH2  sing N N 332 
TRP OXT HXT  sing N N 333 
TYR N   CA   sing N N 334 
TYR N   H    sing N N 335 
TYR N   H2   sing N N 336 
TYR CA  C    sing N N 337 
TYR CA  CB   sing N N 338 
TYR CA  HA   sing N N 339 
TYR C   O    doub N N 340 
TYR C   OXT  sing N N 341 
TYR CB  CG   sing N N 342 
TYR CB  HB2  sing N N 343 
TYR CB  HB3  sing N N 344 
TYR CG  CD1  doub Y N 345 
TYR CG  CD2  sing Y N 346 
TYR CD1 CE1  sing Y N 347 
TYR CD1 HD1  sing N N 348 
TYR CD2 CE2  doub Y N 349 
TYR CD2 HD2  sing N N 350 
TYR CE1 CZ   doub Y N 351 
TYR CE1 HE1  sing N N 352 
TYR CE2 CZ   sing Y N 353 
TYR CE2 HE2  sing N N 354 
TYR CZ  OH   sing N N 355 
TYR OH  HH   sing N N 356 
TYR OXT HXT  sing N N 357 
VAL N   CA   sing N N 358 
VAL N   H    sing N N 359 
VAL N   H2   sing N N 360 
VAL CA  C    sing N N 361 
VAL CA  CB   sing N N 362 
VAL CA  HA   sing N N 363 
VAL C   O    doub N N 364 
VAL C   OXT  sing N N 365 
VAL CB  CG1  sing N N 366 
VAL CB  CG2  sing N N 367 
VAL CB  HB   sing N N 368 
VAL CG1 HG11 sing N N 369 
VAL CG1 HG12 sing N N 370 
VAL CG1 HG13 sing N N 371 
VAL CG2 HG21 sing N N 372 
VAL CG2 HG22 sing N N 373 
VAL CG2 HG23 sing N N 374 
VAL OXT HXT  sing N N 375 
# 
_atom_sites.entry_id                    3DVP 
_atom_sites.fract_transf_matrix[1][1]   0.01412394 
_atom_sites.fract_transf_matrix[1][2]   -0.00534584 
_atom_sites.fract_transf_matrix[1][3]   0.01472873 
_atom_sites.fract_transf_matrix[2][1]   0.01276905 
_atom_sites.fract_transf_matrix[2][2]   0.00661963 
_atom_sites.fract_transf_matrix[2][3]   -0.00984211 
_atom_sites.fract_transf_matrix[3][1]   -0.00188404 
_atom_sites.fract_transf_matrix[3][2]   0.01372937 
_atom_sites.fract_transf_matrix[3][3]   0.00678980 
_atom_sites.fract_transf_vector[1]      0.317683 
_atom_sites.fract_transf_vector[2]      0.000326 
_atom_sites.fract_transf_vector[3]      0.009509 
# 
loop_
_atom_type.symbol 
C 
N 
O 
S 
# 
loop_
_atom_site.group_PDB 
_atom_site.id 
_atom_site.type_symbol 
_atom_site.label_atom_id 
_atom_site.label_alt_id 
_atom_site.label_comp_id 
_atom_site.label_asym_id 
_atom_site.label_entity_id 
_atom_site.label_seq_id 
_atom_site.pdbx_PDB_ins_code 
_atom_site.Cartn_x 
_atom_site.Cartn_y 
_atom_site.Cartn_z 
_atom_site.occupancy 
_atom_site.B_iso_or_equiv 
_atom_site.pdbx_formal_charge 
_atom_site.auth_seq_id 
_atom_site.auth_comp_id 
_atom_site.auth_asym_id 
_atom_site.auth_atom_id 
_atom_site.pdbx_PDB_model_num 
ATOM   1    N N   . LYS A 1 7  ? -3.267  18.656  -13.906 1.00 18.33 ? 5   LYS A N   1 
ATOM   2    C CA  . LYS A 1 7  ? -3.418  18.541  -12.417 1.00 18.48 ? 5   LYS A CA  1 
ATOM   3    C C   . LYS A 1 7  ? -2.586  17.368  -11.919 1.00 16.88 ? 5   LYS A C   1 
ATOM   4    O O   . LYS A 1 7  ? -2.069  17.435  -10.814 1.00 17.40 ? 5   LYS A O   1 
ATOM   5    C CB  . LYS A 1 7  ? -4.920  18.431  -11.956 1.00 18.83 ? 5   LYS A CB  1 
ATOM   6    C CG  . LYS A 1 7  ? -5.640  19.792  -11.929 1.00 22.44 ? 5   LYS A CG  1 
ATOM   7    C CD  . LYS A 1 7  ? -7.144  19.711  -11.598 1.00 27.18 ? 5   LYS A CD  1 
ATOM   8    C CE  . LYS A 1 7  ? -7.438  19.512  -10.092 1.00 29.23 ? 5   LYS A CE  1 
ATOM   9    N NZ  . LYS A 1 7  ? -7.059  18.139  -9.554  1.00 30.38 ? 5   LYS A NZ  1 
ATOM   10   N N   . ALA A 1 8  ? -2.429  16.336  -12.739 1.00 14.92 ? 6   ALA A N   1 
ATOM   11   C CA  . ALA A 1 8  ? -1.678  15.164  -12.280 1.00 13.08 ? 6   ALA A CA  1 
ATOM   12   C C   . ALA A 1 8  ? -0.208  15.502  -12.177 1.00 11.75 ? 6   ALA A C   1 
ATOM   13   O O   . ALA A 1 8  ? 0.351   16.179  -13.006 1.00 11.88 ? 6   ALA A O   1 
ATOM   14   C CB  . ALA A 1 8  ? -1.889  13.934  -13.192 1.00 12.85 ? 6   ALA A CB  1 
ATOM   15   N N   . VAL A 1 9  ? 0.415   15.020  -11.130 1.00 10.74 ? 7   VAL A N   1 
ATOM   16   C CA  . VAL A 1 9  ? 1.865   15.069  -11.049 1.00 9.88  ? 7   VAL A CA  1 
ATOM   17   C C   . VAL A 1 9  ? 2.476   13.649  -10.842 1.00 9.75  ? 7   VAL A C   1 
ATOM   18   O O   . VAL A 1 9  ? 2.359   13.084  -9.717  1.00 9.87  ? 7   VAL A O   1 
ATOM   19   C CB  . VAL A 1 9  ? 2.265   16.042  -9.934  1.00 9.87  ? 7   VAL A CB  1 
ATOM   20   C CG1 . VAL A 1 9  ? 3.760   15.984  -9.684  1.00 8.36  ? 7   VAL A CG1 1 
ATOM   21   C CG2 . VAL A 1 9  ? 1.780   17.485  -10.288 1.00 7.94  ? 7   VAL A CG2 1 
ATOM   22   N N   . ILE A 1 10 ? 3.057   13.044  -11.898 1.00 7.96  ? 8   ILE A N   1 
ATOM   23   C CA  . ILE A 1 10 ? 3.683   11.710  -11.673 1.00 8.47  ? 8   ILE A CA  1 
ATOM   24   C C   . ILE A 1 10 ? 5.082   11.832  -10.942 1.00 7.74  ? 8   ILE A C   1 
ATOM   25   O O   . ILE A 1 10 ? 6.038   12.340  -11.510 1.00 7.65  ? 8   ILE A O   1 
ATOM   26   C CB  . ILE A 1 10 ? 3.874   10.853  -12.930 1.00 8.24  ? 8   ILE A CB  1 
ATOM   27   C CG1 . ILE A 1 10 ? 2.588   10.471  -13.555 1.00 9.79  ? 8   ILE A CG1 1 
ATOM   28   C CG2 . ILE A 1 10 ? 4.461   9.506   -12.616 1.00 6.10  ? 8   ILE A CG2 1 
ATOM   29   C CD1 . ILE A 1 10 ? 1.658   11.501  -13.698 1.00 12.65 ? 8   ILE A CD1 1 
ATOM   30   N N   . LYS A 1 11 ? 5.167   11.328  -9.717  1.00 6.14  ? 9   LYS A N   1 
ATOM   31   C CA  . LYS A 1 11 ? 6.359   11.369  -8.963  1.00 6.41  ? 9   LYS A CA  1 
ATOM   32   C C   . LYS A 1 11 ? 7.363   10.348  -9.506  1.00 5.87  ? 9   LYS A C   1 
ATOM   33   O O   . LYS A 1 11 ? 8.435   10.731  -9.963  1.00 5.86  ? 9   LYS A O   1 
ATOM   34   C CB  . LYS A 1 11 ? 6.029   11.086  -7.482  1.00 8.27  ? 9   LYS A CB  1 
ATOM   35   C CG  . LYS A 1 11 ? 5.442   12.240  -6.694  1.00 10.13 ? 9   LYS A CG  1 
ATOM   36   C CD  . LYS A 1 11 ? 6.567   13.179  -6.203  1.00 13.05 ? 9   LYS A CD  1 
ATOM   37   C CE  . LYS A 1 11 ? 6.060   14.691  -6.197  1.00 17.36 ? 9   LYS A CE  1 
ATOM   38   N NZ  . LYS A 1 11 ? 6.663   15.556  -5.092  1.00 11.75 ? 9   LYS A NZ  1 
ATOM   39   N N   . ASN A 1 12 ? 6.947   9.059   -9.516  1.00 5.01  ? 10  ASN A N   1 
ATOM   40   C CA  . ASN A 1 12 ? 7.672   7.876   -9.883  1.00 3.28  ? 10  ASN A CA  1 
ATOM   41   C C   . ASN A 1 12 ? 6.779   6.889   -10.621 1.00 2.71  ? 10  ASN A C   1 
ATOM   42   O O   . ASN A 1 12 ? 5.578   6.884   -10.442 1.00 2.00  ? 10  ASN A O   1 
ATOM   43   C CB  . ASN A 1 12 ? 8.231   7.180   -8.654  1.00 5.39  ? 10  ASN A CB  1 
ATOM   44   C CG  . ASN A 1 12 ? 9.450   6.231   -8.971  1.00 5.91  ? 10  ASN A CG  1 
ATOM   45   O OD1 . ASN A 1 12 ? 9.837   6.072   -10.114 1.00 8.41  ? 10  ASN A OD1 1 
ATOM   46   N ND2 . ASN A 1 12 ? 10.055  5.675   -7.944  1.00 3.50  ? 10  ASN A ND2 1 
ATOM   47   N N   . ALA A 1 13 ? 7.378   6.064   -11.499 1.00 2.07  ? 11  ALA A N   1 
ATOM   48   C CA  . ALA A 1 13 ? 6.621   5.083   -12.297 1.00 2.00  ? 11  ALA A CA  1 
ATOM   49   C C   . ALA A 1 13 ? 7.544   4.156   -12.958 1.00 2.00  ? 11  ALA A C   1 
ATOM   50   O O   . ALA A 1 13 ? 8.671   4.523   -13.264 1.00 3.55  ? 11  ALA A O   1 
ATOM   51   C CB  . ALA A 1 13 ? 5.780   5.726   -13.386 1.00 2.00  ? 11  ALA A CB  1 
ATOM   52   N N   . ASP A 1 14 ? 7.049   2.948   -13.160 1.00 2.00  ? 12  ASP A N   1 
ATOM   53   C CA  . ASP A 1 14 ? 7.591   1.966   -14.003 1.00 2.00  ? 12  ASP A CA  1 
ATOM   54   C C   . ASP A 1 14 ? 6.342   1.342   -14.706 1.00 2.28  ? 12  ASP A C   1 
ATOM   55   O O   . ASP A 1 14 ? 5.751   0.318   -14.283 1.00 2.63  ? 12  ASP A O   1 
ATOM   56   C CB  . ASP A 1 14 ? 8.439   0.995   -13.199 1.00 2.00  ? 12  ASP A CB  1 
ATOM   57   C CG  . ASP A 1 14 ? 8.748   -0.299  -13.940 1.00 2.22  ? 12  ASP A CG  1 
ATOM   58   O OD1 . ASP A 1 14 ? 9.038   -0.279  -15.177 1.00 4.63  ? 12  ASP A OD1 1 
ATOM   59   O OD2 . ASP A 1 14 ? 8.704   -1.354  -13.274 1.00 3.03  ? 12  ASP A OD2 1 
ATOM   60   N N   . MET A 1 15 ? 5.925   1.978   -15.793 1.00 20.00 ? 13  MET A N   1 
ATOM   61   C CA  . MET A 1 15 ? 4.650   1.633   -16.408 1.00 20.00 ? 13  MET A CA  1 
ATOM   62   C C   . MET A 1 15 ? 4.424   2.418   -17.688 1.00 20.00 ? 13  MET A C   1 
ATOM   63   O O   . MET A 1 15 ? 4.556   3.642   -17.708 1.00 2.00  ? 13  MET A O   1 
ATOM   64   C CB  . MET A 1 15 ? 3.499   1.878   -15.430 1.00 20.00 ? 13  MET A CB  1 
ATOM   65   C CG  . MET A 1 15 ? 2.127   1.912   -16.083 1.00 20.00 ? 13  MET A CG  1 
ATOM   66   S SD  . MET A 1 15 ? 0.896   2.757   -15.073 1.00 20.00 ? 13  MET A SD  1 
ATOM   67   C CE  . MET A 1 15 ? 0.687   1.580   -13.739 1.00 20.00 ? 13  MET A CE  1 
ATOM   68   N N   . SER A 1 16 ? 4.083   1.711   -18.759 1.00 2.00  ? 14  SER A N   1 
ATOM   69   C CA  . SER A 1 16 ? 3.895   2.374   -20.073 1.00 2.00  ? 14  SER A CA  1 
ATOM   70   C C   . SER A 1 16 ? 3.150   3.752   -19.922 1.00 2.00  ? 14  SER A C   1 
ATOM   71   O O   . SER A 1 16 ? 2.236   3.970   -19.094 1.00 2.23  ? 14  SER A O   1 
ATOM   72   C CB  . SER A 1 16 ? 3.216   1.430   -21.084 1.00 2.00  ? 14  SER A CB  1 
ATOM   73   O OG  . SER A 1 16 ? 1.895   1.023   -20.776 1.00 2.00  ? 14  SER A OG  1 
ATOM   74   N N   . GLU A 1 17 ? 3.630   4.711   -20.674 1.00 2.00  ? 15  GLU A N   1 
ATOM   75   C CA  . GLU A 1 17 ? 3.056   6.012   -20.679 1.00 2.41  ? 15  GLU A CA  1 
ATOM   76   C C   . GLU A 1 17 ? 1.489   6.045   -20.859 1.00 3.95  ? 15  GLU A C   1 
ATOM   77   O O   . GLU A 1 17 ? 0.828   7.060   -20.541 1.00 3.53  ? 15  GLU A O   1 
ATOM   78   C CB  . GLU A 1 17 ? 3.691   6.806   -21.806 1.00 2.04  ? 15  GLU A CB  1 
ATOM   79   C CG  . GLU A 1 17 ? 4.928   7.615   -21.481 1.00 2.88  ? 15  GLU A CG  1 
ATOM   80   C CD  . GLU A 1 17 ? 4.816   8.422   -20.217 1.00 2.00  ? 15  GLU A CD  1 
ATOM   81   O OE1 . GLU A 1 17 ? 3.700   8.768   -19.781 1.00 2.00  ? 15  GLU A OE1 1 
ATOM   82   O OE2 . GLU A 1 17 ? 5.875   8.647   -19.636 1.00 2.16  ? 15  GLU A OE2 1 
ATOM   83   N N   . GLU A 1 18 ? 0.931   5.003   -21.497 1.00 4.80  ? 16  GLU A N   1 
ATOM   84   C CA  . GLU A 1 18 ? -0.489  4.973   -21.801 1.00 5.22  ? 16  GLU A CA  1 
ATOM   85   C C   . GLU A 1 18 ? -1.224  4.264   -20.745 1.00 4.98  ? 16  GLU A C   1 
ATOM   86   O O   . GLU A 1 18 ? -2.363  4.610   -20.470 1.00 5.79  ? 16  GLU A O   1 
ATOM   87   C CB  . GLU A 1 18 ? -0.799  4.244   -23.141 1.00 6.94  ? 16  GLU A CB  1 
ATOM   88   C CG  . GLU A 1 18 ? -0.520  2.786   -23.299 1.00 7.04  ? 16  GLU A CG  1 
ATOM   89   C CD  . GLU A 1 18 ? -1.304  2.221   -24.534 1.00 10.68 ? 16  GLU A CD  1 
ATOM   90   O OE1 . GLU A 1 18 ? -2.403  2.778   -24.786 1.00 8.93  ? 16  GLU A OE1 1 
ATOM   91   O OE2 . GLU A 1 18 ? -0.829  1.256   -25.242 1.00 12.12 ? 16  GLU A OE2 1 
ATOM   92   N N   . MET A 1 19 ? -0.590  3.279   -20.128 1.00 5.12  ? 17  MET A N   1 
ATOM   93   C CA  . MET A 1 19 ? -1.160  2.666   -18.902 1.00 3.79  ? 17  MET A CA  1 
ATOM   94   C C   . MET A 1 19 ? -1.196  3.713   -17.793 1.00 3.44  ? 17  MET A C   1 
ATOM   95   O O   . MET A 1 19 ? -2.194  3.775   -17.011 1.00 3.70  ? 17  MET A O   1 
ATOM   96   C CB  . MET A 1 19 ? -0.418  1.364   -18.462 1.00 3.25  ? 17  MET A CB  1 
ATOM   97   C CG  . MET A 1 19 ? -0.886  0.849   -17.073 1.00 4.40  ? 17  MET A CG  1 
ATOM   98   S SD  . MET A 1 19 ? -0.463  -0.872  -16.545 1.00 7.63  ? 17  MET A SD  1 
ATOM   99   C CE  . MET A 1 19 ? -0.553  -1.762  -18.106 1.00 2.00  ? 17  MET A CE  1 
ATOM   100  N N   . GLN A 1 20 ? -0.159  4.543   -17.736 1.00 3.49  ? 18  GLN A N   1 
ATOM   101  C CA  . GLN A 1 20 ? -0.151  5.724   -16.825 1.00 4.22  ? 18  GLN A CA  1 
ATOM   102  C C   . GLN A 1 20 ? -1.341  6.711   -17.063 1.00 3.80  ? 18  GLN A C   1 
ATOM   103  O O   . GLN A 1 20 ? -2.050  7.071   -16.134 1.00 4.81  ? 18  GLN A O   1 
ATOM   104  C CB  . GLN A 1 20 ? 1.197   6.493   -16.884 1.00 3.72  ? 18  GLN A CB  1 
ATOM   105  C CG  . GLN A 1 20 ? 2.444   5.859   -16.246 1.00 6.65  ? 18  GLN A CG  1 
ATOM   106  C CD  . GLN A 1 20 ? 3.627   6.778   -16.389 1.00 7.84  ? 18  GLN A CD  1 
ATOM   107  O OE1 . GLN A 1 20 ? 3.537   7.949   -15.996 1.00 7.58  ? 18  GLN A OE1 1 
ATOM   108  N NE2 . GLN A 1 20 ? 4.720   6.298   -17.035 1.00 6.62  ? 18  GLN A NE2 1 
ATOM   109  N N   . GLN A 1 21 ? -1.533  7.169   -18.283 1.00 2.56  ? 19  GLN A N   1 
ATOM   110  C CA  . GLN A 1 21 ? -2.691  7.975   -18.561 1.00 3.99  ? 19  GLN A CA  1 
ATOM   111  C C   . GLN A 1 21 ? -3.999  7.284   -18.080 1.00 4.32  ? 19  GLN A C   1 
ATOM   112  O O   . GLN A 1 21 ? -4.939  7.915   -17.544 1.00 4.24  ? 19  GLN A O   1 
ATOM   113  C CB  . GLN A 1 21 ? -2.796  8.309   -20.070 1.00 4.12  ? 19  GLN A CB  1 
ATOM   114  C CG  . GLN A 1 21 ? -3.928  9.173   -20.373 1.00 2.02  ? 19  GLN A CG  1 
ATOM   115  C CD  . GLN A 1 21 ? -3.687  10.526  -19.729 1.00 5.31  ? 19  GLN A CD  1 
ATOM   116  O OE1 . GLN A 1 21 ? -4.487  11.012  -18.888 1.00 4.04  ? 19  GLN A OE1 1 
ATOM   117  N NE2 . GLN A 1 21 ? -2.548  11.134  -20.091 1.00 2.00  ? 19  GLN A NE2 1 
ATOM   118  N N   . ASP A 1 22 ? -4.073  5.997   -18.357 1.00 3.53  ? 20  ASP A N   1 
ATOM   119  C CA  . ASP A 1 22 ? -5.196  5.219   -17.936 1.00 4.89  ? 20  ASP A CA  1 
ATOM   120  C C   . ASP A 1 22 ? -5.441  5.317   -16.419 1.00 4.91  ? 20  ASP A C   1 
ATOM   121  O O   . ASP A 1 22 ? -6.563  5.606   -15.959 1.00 3.56  ? 20  ASP A O   1 
ATOM   122  C CB  . ASP A 1 22 ? -4.908  3.799   -18.306 1.00 6.31  ? 20  ASP A CB  1 
ATOM   123  C CG  . ASP A 1 22 ? -6.122  3.101   -18.811 1.00 11.50 ? 20  ASP A CG  1 
ATOM   124  O OD1 . ASP A 1 22 ? -6.487  3.408   -19.968 1.00 9.31  ? 20  ASP A OD1 1 
ATOM   125  O OD2 . ASP A 1 22 ? -6.741  2.307   -18.019 1.00 20.18 ? 20  ASP A OD2 1 
ATOM   126  N N   . ALA A 1 23 ? -4.347  5.088   -15.638 1.00 5.34  ? 21  ALA A N   1 
ATOM   127  C CA  . ALA A 1 23 ? -4.328  5.269   -14.183 1.00 3.98  ? 21  ALA A CA  1 
ATOM   128  C C   . ALA A 1 23 ? -4.919  6.609   -13.766 1.00 3.63  ? 21  ALA A C   1 
ATOM   129  O O   . ALA A 1 23 ? -5.795  6.668   -12.874 1.00 3.74  ? 21  ALA A O   1 
ATOM   130  C CB  . ALA A 1 23 ? -2.906  5.135   -13.626 1.00 4.18  ? 21  ALA A CB  1 
ATOM   131  N N   . VAL A 1 24 ? -4.391  7.673   -14.365 1.00 2.48  ? 22  VAL A N   1 
ATOM   132  C CA  . VAL A 1 24 ? -4.807  9.047   -14.048 1.00 2.35  ? 22  VAL A CA  1 
ATOM   133  C C   . VAL A 1 24 ? -6.271  9.352   -14.429 1.00 2.00  ? 22  VAL A C   1 
ATOM   134  O O   . VAL A 1 24 ? -6.948  10.005  -13.659 1.00 2.00  ? 22  VAL A O   1 
ATOM   135  C CB  . VAL A 1 24 ? -3.880  10.095  -14.732 1.00 2.00  ? 22  VAL A CB  1 
ATOM   136  C CG1 . VAL A 1 24 ? -4.538  11.493  -14.733 1.00 2.00  ? 22  VAL A CG1 1 
ATOM   137  C CG2 . VAL A 1 24 ? -2.517  10.070  -14.056 1.00 3.49  ? 22  VAL A CG2 1 
ATOM   138  N N   . ASP A 1 25 ? -6.732  8.888   -15.596 1.00 2.00  ? 23  ASP A N   1 
ATOM   139  C CA  . ASP A 1 25 ? -8.140  8.941   -15.993 1.00 2.00  ? 23  ASP A CA  1 
ATOM   140  C C   . ASP A 1 25 ? -9.032  8.288   -14.959 1.00 2.00  ? 23  ASP A C   1 
ATOM   141  O O   . ASP A 1 25 ? -9.978  8.863   -14.503 1.00 2.00  ? 23  ASP A O   1 
ATOM   142  C CB  . ASP A 1 25 ? -8.420  8.221   -17.304 1.00 2.00  ? 23  ASP A CB  1 
ATOM   143  C CG  . ASP A 1 25 ? -7.727  8.827   -18.517 1.00 3.72  ? 23  ASP A CG  1 
ATOM   144  O OD1 . ASP A 1 25 ? -7.234  9.983   -18.387 1.00 2.00  ? 23  ASP A OD1 1 
ATOM   145  O OD2 . ASP A 1 25 ? -7.715  8.121   -19.601 1.00 3.30  ? 23  ASP A OD2 1 
ATOM   146  N N   . CYS A 1 26 ? -8.731  7.033   -14.663 1.00 2.01  ? 24  CYS A N   1 
ATOM   147  C CA  . CYS A 1 26 ? -9.317  6.284   -13.580 1.00 3.49  ? 24  CYS A CA  1 
ATOM   148  C C   . CYS A 1 26 ? -9.425  6.966   -12.168 1.00 3.19  ? 24  CYS A C   1 
ATOM   149  O O   . CYS A 1 26 ? -10.452 6.847   -11.433 1.00 3.54  ? 24  CYS A O   1 
ATOM   150  C CB  . CYS A 1 26 ? -8.485  5.013   -13.380 1.00 4.35  ? 24  CYS A CB  1 
ATOM   151  S SG  . CYS A 1 26 ? -9.483  3.768   -12.518 1.00 6.29  ? 24  CYS A SG  1 
ATOM   152  N N   . ALA A 1 27 ? -8.347  7.627   -11.781 1.00 3.05  ? 25  ALA A N   1 
ATOM   153  C CA  . ALA A 1 27 ? -8.231  8.305   -10.526 1.00 2.31  ? 25  ALA A CA  1 
ATOM   154  C C   . ALA A 1 27 ? -9.006  9.585   -10.594 1.00 2.39  ? 25  ALA A C   1 
ATOM   155  O O   . ALA A 1 27 ? -9.475  10.057  -9.539  1.00 2.50  ? 25  ALA A O   1 
ATOM   156  C CB  . ALA A 1 27 ? -6.744  8.572   -10.172 1.00 2.35  ? 25  ALA A CB  1 
ATOM   157  N N   . THR A 1 28 ? -9.125  10.164  -11.802 1.00 2.00  ? 26  THR A N   1 
ATOM   158  C CA  . THR A 1 28 ? -9.966  11.383  -11.996 1.00 2.01  ? 26  THR A CA  1 
ATOM   159  C C   . THR A 1 28 ? -11.424 11.063  -11.846 1.00 2.35  ? 26  THR A C   1 
ATOM   160  O O   . THR A 1 28 ? -12.124 11.850  -11.200 1.00 2.96  ? 26  THR A O   1 
ATOM   161  C CB  . THR A 1 28 ? -9.782  12.067  -13.373 1.00 2.02  ? 26  THR A CB  1 
ATOM   162  O OG1 . THR A 1 28 ? -8.378  12.154  -13.669 1.00 3.60  ? 26  THR A OG1 1 
ATOM   163  C CG2 . THR A 1 28 ? -10.340 13.416  -13.310 1.00 2.00  ? 26  THR A CG2 1 
ATOM   164  N N   . GLN A 1 29 ? -11.862 9.936   -12.453 1.00 2.47  ? 27  GLN A N   1 
ATOM   165  C CA  . GLN A 1 29 ? -13.190 9.383   -12.359 1.00 3.45  ? 27  GLN A CA  1 
ATOM   166  C C   . GLN A 1 29 ? -13.554 9.115   -10.906 1.00 2.36  ? 27  GLN A C   1 
ATOM   167  O O   . GLN A 1 29 ? -14.611 9.494   -10.401 1.00 2.00  ? 27  GLN A O   1 
ATOM   168  C CB  . GLN A 1 29 ? -13.301 8.074   -13.111 1.00 4.21  ? 27  GLN A CB  1 
ATOM   169  C CG  . GLN A 1 29 ? -13.364 8.174   -14.628 1.00 10.68 ? 27  GLN A CG  1 
ATOM   170  C CD  . GLN A 1 29 ? -13.421 6.765   -15.331 1.00 15.12 ? 27  GLN A CD  1 
ATOM   171  O OE1 . GLN A 1 29 ? -12.838 5.726   -14.855 1.00 10.03 ? 27  GLN A OE1 1 
ATOM   172  N NE2 . GLN A 1 29 ? -14.136 6.744   -16.473 1.00 14.08 ? 27  GLN A NE2 1 
ATOM   173  N N   . ALA A 1 30 ? -12.627 8.389   -10.266 1.00 2.35  ? 28  ALA A N   1 
ATOM   174  C CA  . ALA A 1 30 ? -12.725 7.999   -8.860  1.00 2.00  ? 28  ALA A CA  1 
ATOM   175  C C   . ALA A 1 30 ? -13.069 9.240   -7.929  1.00 2.12  ? 28  ALA A C   1 
ATOM   176  O O   . ALA A 1 30 ? -14.026 9.208   -7.146  1.00 2.00  ? 28  ALA A O   1 
ATOM   177  C CB  . ALA A 1 30 ? -11.478 7.364   -8.487  1.00 2.00  ? 28  ALA A CB  1 
ATOM   178  N N   . LEU A 1 31 ? -12.367 10.366  -8.124  1.00 2.73  ? 29  LEU A N   1 
ATOM   179  C CA  . LEU A 1 31 ? -12.554 11.643  -7.378  1.00 2.45  ? 29  LEU A CA  1 
ATOM   180  C C   . LEU A 1 31 ? -13.845 12.387  -7.748  1.00 2.86  ? 29  LEU A C   1 
ATOM   181  O O   . LEU A 1 31 ? -14.468 13.167  -6.938  1.00 2.01  ? 29  LEU A O   1 
ATOM   182  C CB  . LEU A 1 31 ? -11.294 12.554  -7.554  1.00 3.38  ? 29  LEU A CB  1 
ATOM   183  C CG  . LEU A 1 31 ? -9.988  11.837  -7.018  1.00 5.10  ? 29  LEU A CG  1 
ATOM   184  C CD1 . LEU A 1 31 ? -8.718  12.677  -7.148  1.00 7.98  ? 29  LEU A CD1 1 
ATOM   185  C CD2 . LEU A 1 31 ? -10.172 11.518  -5.623  1.00 2.00  ? 29  LEU A CD2 1 
ATOM   186  N N   . GLU A 1 32 ? -14.314 12.199  -8.999  1.00 20.00 ? 30  GLU A N   1 
ATOM   187  C CA  . GLU A 1 32 ? -15.608 12.770  -9.350  1.00 20.00 ? 30  GLU A CA  1 
ATOM   188  C C   . GLU A 1 32 ? -16.739 12.078  -8.599  1.00 20.00 ? 30  GLU A C   1 
ATOM   189  O O   . GLU A 1 32 ? -17.852 12.539  -8.380  1.00 2.56  ? 30  GLU A O   1 
ATOM   190  C CB  . GLU A 1 32 ? -15.843 12.676  -10.859 1.00 20.00 ? 30  GLU A CB  1 
ATOM   191  C CG  . GLU A 1 32 ? -14.881 13.509  -11.691 1.00 20.00 ? 30  GLU A CG  1 
ATOM   192  C CD  . GLU A 1 32 ? -15.173 13.423  -13.178 1.00 20.00 ? 30  GLU A CD  1 
ATOM   193  O OE1 . GLU A 1 32 ? -15.221 12.295  -13.710 1.00 20.00 ? 30  GLU A OE1 1 
ATOM   194  O OE2 . GLU A 1 32 ? -15.352 14.484  -13.811 1.00 20.00 ? 30  GLU A OE2 1 
ATOM   195  N N   . LYS A 1 33 ? -16.435 10.858  -8.085  1.00 5.20  ? 31  LYS A N   1 
ATOM   196  C CA  . LYS A 1 33 ? -17.472 9.960   -7.643  1.00 6.37  ? 31  LYS A CA  1 
ATOM   197  C C   . LYS A 1 33 ? -17.354 9.697   -6.139  1.00 5.84  ? 31  LYS A C   1 
ATOM   198  O O   . LYS A 1 33 ? -18.369 9.554   -5.463  1.00 4.89  ? 31  LYS A O   1 
ATOM   199  C CB  . LYS A 1 33 ? -17.391 8.661   -8.464  1.00 6.54  ? 31  LYS A CB  1 
ATOM   200  C CG  . LYS A 1 33 ? -18.505 7.667   -8.199  1.00 11.19 ? 31  LYS A CG  1 
ATOM   201  C CD  . LYS A 1 33 ? -18.776 6.822   -9.494  1.00 17.11 ? 31  LYS A CD  1 
ATOM   202  C CE  . LYS A 1 33 ? -19.395 5.424   -9.219  1.00 14.08 ? 31  LYS A CE  1 
ATOM   203  N NZ  . LYS A 1 33 ? -18.304 4.397   -9.019  1.00 7.68  ? 31  LYS A NZ  1 
ATOM   204  N N   . TYR A 1 34 ? -16.120 9.693   -5.626  1.00 5.89  ? 32  TYR A N   1 
ATOM   205  C CA  . TYR A 1 34 ? -15.847 9.347   -4.176  1.00 6.38  ? 32  TYR A CA  1 
ATOM   206  C C   . TYR A 1 34 ? -15.058 10.398  -3.383  1.00 6.58  ? 32  TYR A C   1 
ATOM   207  O O   . TYR A 1 34 ? -14.066 10.950  -3.848  1.00 5.96  ? 32  TYR A O   1 
ATOM   208  C CB  . TYR A 1 34 ? -15.120 7.959   -3.999  1.00 4.67  ? 32  TYR A CB  1 
ATOM   209  C CG  . TYR A 1 34 ? -15.832 6.817   -4.719  1.00 5.13  ? 32  TYR A CG  1 
ATOM   210  C CD1 . TYR A 1 34 ? -17.074 6.338   -4.273  1.00 3.57  ? 32  TYR A CD1 1 
ATOM   211  C CD2 . TYR A 1 34 ? -15.297 6.260   -5.865  1.00 3.03  ? 32  TYR A CD2 1 
ATOM   212  C CE1 . TYR A 1 34 ? -17.733 5.309   -4.918  1.00 2.38  ? 32  TYR A CE1 1 
ATOM   213  C CE2 . TYR A 1 34 ? -15.942 5.270   -6.536  1.00 4.21  ? 32  TYR A CE2 1 
ATOM   214  C CZ  . TYR A 1 34 ? -17.184 4.772   -6.094  1.00 7.85  ? 32  TYR A CZ  1 
ATOM   215  O OH  . TYR A 1 34 ? -17.839 3.693   -6.831  1.00 4.44  ? 32  TYR A OH  1 
ATOM   216  N N   . ASN A 1 35 ? -15.503 10.576  -2.139  1.00 7.12  ? 33  ASN A N   1 
ATOM   217  C CA  . ASN A 1 35 ? -14.924 11.513  -1.182  1.00 7.58  ? 33  ASN A CA  1 
ATOM   218  C C   . ASN A 1 35 ? -13.802 10.890  -0.322  1.00 6.82  ? 33  ASN A C   1 
ATOM   219  O O   . ASN A 1 35 ? -12.787 11.510  -0.119  1.00 7.43  ? 33  ASN A O   1 
ATOM   220  C CB  . ASN A 1 35 ? -16.033 12.189  -0.260  1.00 8.37  ? 33  ASN A CB  1 
ATOM   221  C CG  . ASN A 1 35 ? -17.188 12.868  -1.068  1.00 11.76 ? 33  ASN A CG  1 
ATOM   222  O OD1 . ASN A 1 35 ? -17.690 12.316  -2.062  1.00 17.07 ? 33  ASN A OD1 1 
ATOM   223  N ND2 . ASN A 1 35 ? -17.629 14.047  -0.620  1.00 12.23 ? 33  ASN A ND2 1 
ATOM   224  N N   . ILE A 1 36 ? -14.003 9.686   0.224   1.00 6.55  ? 34  ILE A N   1 
ATOM   225  C CA  . ILE A 1 36 ? -13.128 9.151   1.305   1.00 5.50  ? 34  ILE A CA  1 
ATOM   226  C C   . ILE A 1 36 ? -12.144 8.117   0.731   1.00 5.83  ? 34  ILE A C   1 
ATOM   227  O O   . ILE A 1 36 ? -12.504 7.320   -0.121  1.00 5.31  ? 34  ILE A O   1 
ATOM   228  C CB  . ILE A 1 36 ? -13.930 8.561   2.500   1.00 5.43  ? 34  ILE A CB  1 
ATOM   229  C CG1 . ILE A 1 36 ? -14.121 7.072   2.352   1.00 2.00  ? 34  ILE A CG1 1 
ATOM   230  C CG2 . ILE A 1 36 ? -15.307 9.321   2.676   1.00 2.73  ? 34  ILE A CG2 1 
ATOM   231  C CD1 . ILE A 1 36 ? -15.082 6.550   3.337   1.00 2.00  ? 34  ILE A CD1 1 
ATOM   232  N N   . GLU A 1 37 ? -10.897 8.194   1.179   1.00 6.32  ? 35  GLU A N   1 
ATOM   233  C CA  . GLU A 1 37 ? -9.755  7.432   0.652   1.00 6.32  ? 35  GLU A CA  1 
ATOM   234  C C   . GLU A 1 37 ? -10.031 5.989   0.283   1.00 5.51  ? 35  GLU A C   1 
ATOM   235  O O   . GLU A 1 37 ? -9.722  5.577   -0.850  1.00 5.69  ? 35  GLU A O   1 
ATOM   236  C CB  . GLU A 1 37 ? -8.635  7.407   1.700   1.00 7.68  ? 35  GLU A CB  1 
ATOM   237  C CG  . GLU A 1 37 ? -7.808  8.672   1.787   1.00 12.40 ? 35  GLU A CG  1 
ATOM   238  C CD  . GLU A 1 37 ? -8.186  9.517   2.930   1.00 20.71 ? 35  GLU A CD  1 
ATOM   239  O OE1 . GLU A 1 37 ? -7.544  9.411   4.026   1.00 25.69 ? 35  GLU A OE1 1 
ATOM   240  O OE2 . GLU A 1 37 ? -9.131  10.304  2.726   1.00 23.90 ? 35  GLU A OE2 1 
ATOM   241  N N   . PRO A 1 38 ? -10.579 5.175   1.228   1.00 4.86  ? 36  PRO A N   1 
ATOM   242  C CA  . PRO A 1 38 ? -10.796 3.724   0.954   1.00 2.75  ? 36  PRO A CA  1 
ATOM   243  C C   . PRO A 1 38 ? -11.695 3.403   -0.263  1.00 2.00  ? 36  PRO A C   1 
ATOM   244  O O   . PRO A 1 38 ? -11.492 2.388   -0.994  1.00 2.00  ? 36  PRO A O   1 
ATOM   245  C CB  . PRO A 1 38 ? -11.499 3.230   2.211   1.00 2.00  ? 36  PRO A CB  1 
ATOM   246  C CG  . PRO A 1 38 ? -11.248 4.235   3.219   1.00 3.27  ? 36  PRO A CG  1 
ATOM   247  C CD  . PRO A 1 38 ? -11.032 5.535   2.583   1.00 4.56  ? 36  PRO A CD  1 
ATOM   248  N N   . ASP A 1 39 ? -12.706 4.251   -0.437  1.00 2.00  ? 37  ASP A N   1 
ATOM   249  C CA  . ASP A 1 39 ? -13.643 4.157   -1.573  1.00 2.00  ? 37  ASP A CA  1 
ATOM   250  C C   . ASP A 1 39 ? -13.000 4.468   -2.905  1.00 2.06  ? 37  ASP A C   1 
ATOM   251  O O   . ASP A 1 39 ? -13.347 3.806   -3.883  1.00 2.00  ? 37  ASP A O   1 
ATOM   252  C CB  . ASP A 1 39 ? -14.816 5.117   -1.403  1.00 2.00  ? 37  ASP A CB  1 
ATOM   253  C CG  . ASP A 1 39 ? -15.544 4.891   -0.166  1.00 2.00  ? 37  ASP A CG  1 
ATOM   254  O OD1 . ASP A 1 39 ? -15.258 3.876   0.485   1.00 2.00  ? 37  ASP A OD1 1 
ATOM   255  O OD2 . ASP A 1 39 ? -16.420 5.726   0.142   1.00 2.00  ? 37  ASP A OD2 1 
ATOM   256  N N   . ILE A 1 40 ? -12.124 5.500   -2.926  1.00 2.92  ? 38  ILE A N   1 
ATOM   257  C CA  . ILE A 1 40 ? -11.365 5.926   -4.126  1.00 3.00  ? 38  ILE A CA  1 
ATOM   258  C C   . ILE A 1 40 ? -10.461 4.819   -4.568  1.00 3.65  ? 38  ILE A C   1 
ATOM   259  O O   . ILE A 1 40 ? -10.324 4.535   -5.733  1.00 5.81  ? 38  ILE A O   1 
ATOM   260  C CB  . ILE A 1 40 ? -10.511 7.199   -3.901  1.00 2.05  ? 38  ILE A CB  1 
ATOM   261  C CG1 . ILE A 1 40 ? -11.363 8.451   -3.803  1.00 2.00  ? 38  ILE A CG1 1 
ATOM   262  C CG2 . ILE A 1 40 ? -9.603  7.422   -5.034  1.00 2.00  ? 38  ILE A CG2 1 
ATOM   263  C CD1 . ILE A 1 40 ? -10.821 9.474   -2.808  1.00 2.35  ? 38  ILE A CD1 1 
ATOM   264  N N   . ALA A 1 41 ? -9.794  4.225   -3.597  1.00 4.12  ? 39  ALA A N   1 
ATOM   265  C CA  . ALA A 1 41 ? -8.741  3.270   -3.817  1.00 2.96  ? 39  ALA A CA  1 
ATOM   266  C C   . ALA A 1 41 ? -9.336  2.000   -4.448  1.00 3.00  ? 39  ALA A C   1 
ATOM   267  O O   . ALA A 1 41 ? -8.796  1.484   -5.424  1.00 2.59  ? 39  ALA A O   1 
ATOM   268  C CB  . ALA A 1 41 ? -8.041  2.995   -2.511  1.00 2.38  ? 39  ALA A CB  1 
ATOM   269  N N   . ALA A 1 42 ? -10.443 1.537   -3.865  1.00 3.49  ? 40  ALA A N   1 
ATOM   270  C CA  . ALA A 1 42 ? -11.151 0.325   -4.214  1.00 3.01  ? 40  ALA A CA  1 
ATOM   271  C C   . ALA A 1 42 ? -11.737 0.479   -5.560  1.00 4.60  ? 40  ALA A C   1 
ATOM   272  O O   . ALA A 1 42 ? -12.063 -0.513  -6.206  1.00 8.55  ? 40  ALA A O   1 
ATOM   273  C CB  . ALA A 1 42 ? -12.267 0.099   -3.272  1.00 2.00  ? 40  ALA A CB  1 
ATOM   274  N N   . TYR A 1 43 ? -12.012 1.697   -5.965  1.00 4.15  ? 41  TYR A N   1 
ATOM   275  C CA  . TYR A 1 43 ? -12.575 1.933   -7.262  1.00 3.47  ? 41  TYR A CA  1 
ATOM   276  C C   . TYR A 1 43 ? -11.465 1.849   -8.332  1.00 4.24  ? 41  TYR A C   1 
ATOM   277  O O   . TYR A 1 43 ? -11.613 1.081   -9.267  1.00 5.80  ? 41  TYR A O   1 
ATOM   278  C CB  . TYR A 1 43 ? -13.277 3.289   -7.327  1.00 3.75  ? 41  TYR A CB  1 
ATOM   279  C CG  . TYR A 1 43 ? -13.604 3.679   -8.749  1.00 2.49  ? 41  TYR A CG  1 
ATOM   280  C CD1 . TYR A 1 43 ? -14.911 3.659   -9.202  1.00 2.00  ? 41  TYR A CD1 1 
ATOM   281  C CD2 . TYR A 1 43 ? -12.564 4.043   -9.656  1.00 2.00  ? 41  TYR A CD2 1 
ATOM   282  C CE1 . TYR A 1 43 ? -15.180 3.972   -10.517 1.00 2.00  ? 41  TYR A CE1 1 
ATOM   283  C CE2 . TYR A 1 43 ? -12.818 4.407   -10.909 1.00 2.00  ? 41  TYR A CE2 1 
ATOM   284  C CZ  . TYR A 1 43 ? -14.131 4.365   -11.348 1.00 2.00  ? 41  TYR A CZ  1 
ATOM   285  O OH  . TYR A 1 43 ? -14.369 4.662   -12.645 1.00 2.81  ? 41  TYR A OH  1 
ATOM   286  N N   . ILE A 1 44 ? -10.370 2.603   -8.188  1.00 4.12  ? 42  ILE A N   1 
ATOM   287  C CA  . ILE A 1 44 ? -9.139  2.453   -8.986  1.00 4.93  ? 42  ILE A CA  1 
ATOM   288  C C   . ILE A 1 44 ? -8.592  0.967   -9.123  1.00 6.01  ? 42  ILE A C   1 
ATOM   289  O O   . ILE A 1 44 ? -8.365  0.462   -10.197 1.00 7.07  ? 42  ILE A O   1 
ATOM   290  C CB  . ILE A 1 44 ? -7.952  3.415   -8.478  1.00 6.49  ? 42  ILE A CB  1 
ATOM   291  C CG1 . ILE A 1 44 ? -8.402  4.880   -8.432  1.00 3.28  ? 42  ILE A CG1 1 
ATOM   292  C CG2 . ILE A 1 44 ? -6.652  3.150   -9.313  1.00 4.38  ? 42  ILE A CG2 1 
ATOM   293  C CD1 . ILE A 1 44 ? -7.372  5.806   -7.918  1.00 2.00  ? 42  ILE A CD1 1 
ATOM   294  N N   . LYS A 1 45 ? -8.359  0.282   -8.007  1.00 6.40  ? 43  LYS A N   1 
ATOM   295  C CA  . LYS A 1 45 ? -7.923  -1.118  -7.926  1.00 5.12  ? 43  LYS A CA  1 
ATOM   296  C C   . LYS A 1 45 ? -8.802  -2.029  -8.750  1.00 6.08  ? 43  LYS A C   1 
ATOM   297  O O   . LYS A 1 45 ? -8.317  -2.723  -9.674  1.00 6.53  ? 43  LYS A O   1 
ATOM   298  C CB  . LYS A 1 45 ? -7.887  -1.533  -6.435  1.00 4.91  ? 43  LYS A CB  1 
ATOM   299  C CG  . LYS A 1 45 ? -7.354  -2.947  -6.085  1.00 4.18  ? 43  LYS A CG  1 
ATOM   300  C CD  . LYS A 1 45 ? -8.374  -4.011  -6.381  1.00 2.33  ? 43  LYS A CD  1 
ATOM   301  C CE  . LYS A 1 45 ? -8.150  -5.243  -5.499  1.00 4.38  ? 43  LYS A CE  1 
ATOM   302  N NZ  . LYS A 1 45 ? -7.158  -6.203  -6.021  1.00 2.00  ? 43  LYS A NZ  1 
ATOM   303  N N   . LYS A 1 46 ? -10.122 -2.002  -8.500  1.00 5.53  ? 44  LYS A N   1 
ATOM   304  C CA  . LYS A 1 46 ? -11.017 -2.818  -9.303  1.00 3.93  ? 44  LYS A CA  1 
ATOM   305  C C   . LYS A 1 46 ? -11.018 -2.519  -10.870 1.00 3.07  ? 44  LYS A C   1 
ATOM   306  O O   . LYS A 1 46 ? -11.165 -3.415  -11.714 1.00 2.94  ? 44  LYS A O   1 
ATOM   307  C CB  . LYS A 1 46 ? -12.414 -2.666  -8.691  1.00 5.00  ? 44  LYS A CB  1 
ATOM   308  C CG  . LYS A 1 46 ? -12.421 -3.165  -7.302  1.00 4.36  ? 44  LYS A CG  1 
ATOM   309  C CD  . LYS A 1 46 ? -13.748 -2.874  -6.691  1.00 6.28  ? 44  LYS A CD  1 
ATOM   310  C CE  . LYS A 1 46 ? -13.678 -3.045  -5.144  1.00 5.79  ? 44  LYS A CE  1 
ATOM   311  N NZ  . LYS A 1 46 ? -15.045 -3.711  -4.881  1.00 8.56  ? 44  LYS A NZ  1 
ATOM   312  N N   . GLU A 1 47 ? -10.867 -1.283  -11.281 1.00 2.01  ? 45  GLU A N   1 
ATOM   313  C CA  . GLU A 1 47 ? -10.842 -1.113  -12.695 1.00 2.92  ? 45  GLU A CA  1 
ATOM   314  C C   . GLU A 1 47 ? -9.606  -1.824  -13.241 1.00 2.98  ? 45  GLU A C   1 
ATOM   315  O O   . GLU A 1 47 ? -9.697  -2.484  -14.293 1.00 2.50  ? 45  GLU A O   1 
ATOM   316  C CB  . GLU A 1 47 ? -10.817 0.359   -13.088 1.00 3.86  ? 45  GLU A CB  1 
ATOM   317  C CG  . GLU A 1 47 ? -12.039 1.120   -12.614 1.00 7.15  ? 45  GLU A CG  1 
ATOM   318  C CD  . GLU A 1 47 ? -13.397 0.650   -13.214 1.00 15.50 ? 45  GLU A CD  1 
ATOM   319  O OE1 . GLU A 1 47 ? -13.493 0.285   -14.430 1.00 16.31 ? 45  GLU A OE1 1 
ATOM   320  O OE2 . GLU A 1 47 ? -14.391 0.685   -12.424 1.00 14.59 ? 45  GLU A OE2 1 
ATOM   321  N N   . PHE A 1 48 ? -8.477  -1.754  -12.518 1.00 3.01  ? 46  PHE A N   1 
ATOM   322  C CA  . PHE A 1 48 ? -7.211  -2.285  -13.050 1.00 2.35  ? 46  PHE A CA  1 
ATOM   323  C C   . PHE A 1 48 ? -7.161  -3.796  -13.058 1.00 2.40  ? 46  PHE A C   1 
ATOM   324  O O   . PHE A 1 48 ? -6.677  -4.316  -14.054 1.00 2.00  ? 46  PHE A O   1 
ATOM   325  C CB  . PHE A 1 48 ? -6.042  -1.687  -12.235 1.00 3.78  ? 46  PHE A CB  1 
ATOM   326  C CG  . PHE A 1 48 ? -5.479  -0.433  -12.905 1.00 3.86  ? 46  PHE A CG  1 
ATOM   327  C CD1 . PHE A 1 48 ? -6.313  0.649   -13.157 1.00 2.00  ? 46  PHE A CD1 1 
ATOM   328  C CD2 . PHE A 1 48 ? -4.157  -0.391  -13.369 1.00 5.70  ? 46  PHE A CD2 1 
ATOM   329  C CE1 . PHE A 1 48 ? -5.830  1.763   -13.832 1.00 2.32  ? 46  PHE A CE1 1 
ATOM   330  C CE2 . PHE A 1 48 ? -3.642  0.736   -14.055 1.00 2.21  ? 46  PHE A CE2 1 
ATOM   331  C CZ  . PHE A 1 48 ? -4.462  1.787   -14.307 1.00 2.33  ? 46  PHE A CZ  1 
ATOM   332  N N   . ASP A 1 49 ? -7.653  -4.479  -12.029 1.00 2.59  ? 47  ASP A N   1 
ATOM   333  C CA  . ASP A 1 49 ? -7.834  -5.929  -12.101 1.00 2.50  ? 47  ASP A CA  1 
ATOM   334  C C   . ASP A 1 49 ? -8.709  -6.326  -13.291 1.00 3.06  ? 47  ASP A C   1 
ATOM   335  O O   . ASP A 1 49 ? -8.508  -7.371  -13.908 1.00 2.58  ? 47  ASP A O   1 
ATOM   336  C CB  . ASP A 1 49 ? -8.443  -6.458  -10.801 1.00 2.03  ? 47  ASP A CB  1 
ATOM   337  C CG  . ASP A 1 49 ? -7.493  -6.346  -9.625  1.00 4.39  ? 47  ASP A CG  1 
ATOM   338  O OD1 . ASP A 1 49 ? -6.298  -6.057  -9.849  1.00 2.71  ? 47  ASP A OD1 1 
ATOM   339  O OD2 . ASP A 1 49 ? -7.940  -6.549  -8.476  1.00 7.81  ? 47  ASP A OD2 1 
ATOM   340  N N   . LYS A 1 50 ? -9.679  -5.472  -13.597 1.00 3.54  ? 48  LYS A N   1 
ATOM   341  C CA  . LYS A 1 50 ? -10.637 -5.693  -14.657 1.00 4.64  ? 48  LYS A CA  1 
ATOM   342  C C   . LYS A 1 50 ? -9.994  -5.431  -16.070 1.00 4.84  ? 48  LYS A C   1 
ATOM   343  O O   . LYS A 1 50 ? -9.969  -6.296  -16.971 1.00 4.17  ? 48  LYS A O   1 
ATOM   344  C CB  . LYS A 1 50 ? -11.921 -4.851  -14.356 1.00 5.08  ? 48  LYS A CB  1 
ATOM   345  C CG  . LYS A 1 50 ? -13.118 -4.989  -15.338 1.00 5.56  ? 48  LYS A CG  1 
ATOM   346  C CD  . LYS A 1 50 ? -14.321 -4.194  -14.792 1.00 9.36  ? 48  LYS A CD  1 
ATOM   347  C CE  . LYS A 1 50 ? -15.325 -3.708  -15.862 1.00 11.48 ? 48  LYS A CE  1 
ATOM   348  N NZ  . LYS A 1 50 ? -16.032 -4.765  -16.695 1.00 13.04 ? 48  LYS A NZ  1 
ATOM   349  N N   . LYS A 1 51 ? -9.413  -4.245  -16.214 1.00 4.71  ? 49  LYS A N   1 
ATOM   350  C CA  . LYS A 1 51 ? -8.768  -3.828  -17.436 1.00 4.86  ? 49  LYS A CA  1 
ATOM   351  C C   . LYS A 1 51 ? -7.396  -4.484  -17.650 1.00 5.07  ? 49  LYS A C   1 
ATOM   352  O O   . LYS A 1 51 ? -7.051  -4.891  -18.758 1.00 5.61  ? 49  LYS A O   1 
ATOM   353  C CB  . LYS A 1 51 ? -8.612  -2.298  -17.430 1.00 4.70  ? 49  LYS A CB  1 
ATOM   354  C CG  . LYS A 1 51 ? -8.558  -1.729  -18.812 1.00 8.05  ? 49  LYS A CG  1 
ATOM   355  C CD  . LYS A 1 51 ? -9.085  -0.305  -18.864 1.00 14.81 ? 49  LYS A CD  1 
ATOM   356  C CE  . LYS A 1 51 ? -8.964  0.269   -20.310 1.00 18.72 ? 49  LYS A CE  1 
ATOM   357  N NZ  . LYS A 1 51 ? -7.580  0.158   -20.925 1.00 16.83 ? 49  LYS A NZ  1 
ATOM   358  N N   . TYR A 1 52 ? -6.579  -4.530  -16.629 1.00 5.79  ? 50  TYR A N   1 
ATOM   359  C CA  . TYR A 1 52 ? -5.239  -5.118  -16.802 1.00 7.97  ? 50  TYR A CA  1 
ATOM   360  C C   . TYR A 1 52 ? -4.935  -6.386  -16.008 1.00 7.04  ? 50  TYR A C   1 
ATOM   361  O O   . TYR A 1 52 ? -3.773  -6.665  -15.837 1.00 7.06  ? 50  TYR A O   1 
ATOM   362  C CB  . TYR A 1 52 ? -4.145  -4.063  -16.428 1.00 8.34  ? 50  TYR A CB  1 
ATOM   363  C CG  . TYR A 1 52 ? -4.222  -2.791  -17.320 1.00 12.44 ? 50  TYR A CG  1 
ATOM   364  C CD1 . TYR A 1 52 ? -4.816  -1.602  -16.837 1.00 12.87 ? 50  TYR A CD1 1 
ATOM   365  C CD2 . TYR A 1 52 ? -3.741  -2.804  -18.668 1.00 14.33 ? 50  TYR A CD2 1 
ATOM   366  C CE1 . TYR A 1 52 ? -4.920  -0.437  -17.621 1.00 12.36 ? 50  TYR A CE1 1 
ATOM   367  C CE2 . TYR A 1 52 ? -3.840  -1.635  -19.508 1.00 14.73 ? 50  TYR A CE2 1 
ATOM   368  C CZ  . TYR A 1 52 ? -4.426  -0.445  -18.966 1.00 19.62 ? 50  TYR A CZ  1 
ATOM   369  O OH  . TYR A 1 52 ? -4.579  0.709   -19.784 1.00 17.88 ? 50  TYR A OH  1 
ATOM   370  N N   . ASN A 1 53 ? -5.952  -7.105  -15.508 1.00 5.90  ? 51  ASN A N   1 
ATOM   371  C CA  . ASN A 1 53 ? -5.770  -8.358  -14.698 1.00 4.21  ? 51  ASN A CA  1 
ATOM   372  C C   . ASN A 1 53 ? -5.342  -8.086  -13.285 1.00 3.58  ? 51  ASN A C   1 
ATOM   373  O O   . ASN A 1 53 ? -4.675  -7.036  -13.015 1.00 4.45  ? 51  ASN A O   1 
ATOM   374  C CB  . ASN A 1 53 ? -4.757  -9.314  -15.316 1.00 2.54  ? 51  ASN A CB  1 
ATOM   375  C CG  . ASN A 1 53 ? -5.131  -9.710  -16.747 1.00 2.09  ? 51  ASN A CG  1 
ATOM   376  O OD1 . ASN A 1 53 ? -6.329  -9.766  -17.108 1.00 2.00  ? 51  ASN A OD1 1 
ATOM   377  N ND2 . ASN A 1 53 ? -4.116  -10.022 -17.550 1.00 2.00  ? 51  ASN A ND2 1 
ATOM   378  N N   . PRO A 1 54 ? -5.755  -9.004  -12.361 1.00 3.32  ? 52  PRO A N   1 
ATOM   379  C CA  . PRO A 1 54 ? -5.256  -8.938  -10.979 1.00 2.26  ? 52  PRO A CA  1 
ATOM   380  C C   . PRO A 1 54 ? -3.781  -9.240  -10.928 1.00 2.00  ? 52  PRO A C   1 
ATOM   381  O O   . PRO A 1 54 ? -3.245  -9.720  -11.864 1.00 2.00  ? 52  PRO A O   1 
ATOM   382  C CB  . PRO A 1 54 ? -6.090  -10.022 -10.235 1.00 2.63  ? 52  PRO A CB  1 
ATOM   383  C CG  . PRO A 1 54 ? -7.150  -10.504 -11.196 1.00 2.00  ? 52  PRO A CG  1 
ATOM   384  C CD  . PRO A 1 54 ? -6.721  -10.128 -12.567 1.00 2.03  ? 52  PRO A CD  1 
ATOM   385  N N   . THR A 1 55 ? -3.105  -8.945  -9.820  1.00 2.81  ? 53  THR A N   1 
ATOM   386  C CA  . THR A 1 55 ? -3.683  -8.349  -8.655  1.00 2.19  ? 53  THR A CA  1 
ATOM   387  C C   . THR A 1 55 ? -3.017  -6.998  -8.475  1.00 3.12  ? 53  THR A C   1 
ATOM   388  O O   . THR A 1 55 ? -1.788  -6.867  -8.456  1.00 3.52  ? 53  THR A O   1 
ATOM   389  C CB  . THR A 1 55 ? -3.517  -9.249  -7.387  1.00 3.09  ? 53  THR A CB  1 
ATOM   390  O OG1 . THR A 1 55 ? -3.754  -10.657 -7.682  1.00 2.00  ? 53  THR A OG1 1 
ATOM   391  C CG2 . THR A 1 55 ? -4.454  -8.755  -6.260  1.00 2.00  ? 53  THR A CG2 1 
ATOM   392  N N   . TRP A 1 56 ? -3.842  -5.991  -8.327  1.00 2.49  ? 54  TRP A N   1 
ATOM   393  C CA  . TRP A 1 56 ? -3.400  -4.661  -8.080  1.00 2.02  ? 54  TRP A CA  1 
ATOM   394  C C   . TRP A 1 56 ? -3.750  -4.175  -6.673  1.00 2.46  ? 54  TRP A C   1 
ATOM   395  O O   . TRP A 1 56 ? -4.573  -4.758  -5.940  1.00 2.58  ? 54  TRP A O   1 
ATOM   396  C CB  . TRP A 1 56 ? -4.059  -3.712  -9.094  1.00 3.27  ? 54  TRP A CB  1 
ATOM   397  C CG  . TRP A 1 56 ? -3.682  -3.837  -10.526 1.00 2.00  ? 54  TRP A CG  1 
ATOM   398  C CD1 . TRP A 1 56 ? -4.160  -4.774  -11.455 1.00 2.00  ? 54  TRP A CD1 1 
ATOM   399  C CD2 . TRP A 1 56 ? -2.707  -3.012  -11.231 1.00 2.59  ? 54  TRP A CD2 1 
ATOM   400  N NE1 . TRP A 1 56 ? -3.510  -4.571  -12.675 1.00 2.46  ? 54  TRP A NE1 1 
ATOM   401  C CE2 . TRP A 1 56 ? -2.664  -3.478  -12.585 1.00 2.00  ? 54  TRP A CE2 1 
ATOM   402  C CE3 . TRP A 1 56 ? -1.896  -1.922  -10.856 1.00 2.00  ? 54  TRP A CE3 1 
ATOM   403  C CZ2 . TRP A 1 56 ? -1.858  -2.880  -13.560 1.00 2.00  ? 54  TRP A CZ2 1 
ATOM   404  C CZ3 . TRP A 1 56 ? -1.124  -1.296  -11.851 1.00 2.83  ? 54  TRP A CZ3 1 
ATOM   405  C CH2 . TRP A 1 56 ? -1.094  -1.804  -13.184 1.00 2.85  ? 54  TRP A CH2 1 
ATOM   406  N N   . HIS A 1 57 ? -3.129  -3.058  -6.305  1.00 2.85  ? 55  HIS A N   1 
ATOM   407  C CA  . HIS A 1 57 ? -3.215  -2.503  -4.925  1.00 2.28  ? 55  HIS A CA  1 
ATOM   408  C C   . HIS A 1 57 ? -3.142  -0.994  -5.021  1.00 2.84  ? 55  HIS A C   1 
ATOM   409  O O   . HIS A 1 57 ? -2.329  -0.459  -5.792  1.00 3.28  ? 55  HIS A O   1 
ATOM   410  C CB  . HIS A 1 57 ? -2.146  -3.064  -3.951  1.00 2.00  ? 55  HIS A CB  1 
ATOM   411  C CG  . HIS A 1 57 ? -1.889  -4.545  -4.125  1.00 2.42  ? 55  HIS A CG  1 
ATOM   412  N ND1 . HIS A 1 57 ? -2.491  -5.568  -3.409  1.00 2.00  ? 55  HIS A ND1 1 
ATOM   413  C CD2 . HIS A 1 57 ? -1.037  -5.151  -4.981  1.00 2.00  ? 55  HIS A CD2 1 
ATOM   414  C CE1 . HIS A 1 57 ? -2.020  -6.728  -3.840  1.00 2.00  ? 55  HIS A CE1 1 
ATOM   415  N NE2 . HIS A 1 57 ? -1.118  -6.499  -4.777  1.00 2.00  ? 55  HIS A NE2 1 
ATOM   416  N N   . CYS A 1 58 ? -4.036  -0.313  -4.306  1.00 2.00  ? 56  CYS A N   1 
ATOM   417  C CA  . CYS A 1 58 ? -4.000  1.116   -4.368  1.00 2.06  ? 56  CYS A CA  1 
ATOM   418  C C   . CYS A 1 58 ? -4.121  1.757   -2.990  1.00 2.55  ? 56  CYS A C   1 
ATOM   419  O O   . CYS A 1 58 ? -4.975  1.429   -2.101  1.00 3.80  ? 56  CYS A O   1 
ATOM   420  C CB  . CYS A 1 58 ? -5.142  1.601   -5.242  1.00 3.55  ? 56  CYS A CB  1 
ATOM   421  S SG  . CYS A 1 58 ? -5.324  3.381   -5.608  1.00 2.07  ? 56  CYS A SG  1 
ATOM   422  N N   . ILE A 1 59 ? -3.237  2.709   -2.820  1.00 2.51  ? 57  ILE A N   1 
ATOM   423  C CA  . ILE A 1 59 ? -3.145  3.466   -1.610  1.00 2.42  ? 57  ILE A CA  1 
ATOM   424  C C   . ILE A 1 59 ? -3.497  4.906   -1.972  1.00 2.05  ? 57  ILE A C   1 
ATOM   425  O O   . ILE A 1 59 ? -2.849  5.516   -2.809  1.00 2.00  ? 57  ILE A O   1 
ATOM   426  C CB  . ILE A 1 59 ? -1.745  3.365   -0.942  1.00 2.00  ? 57  ILE A CB  1 
ATOM   427  C CG1 . ILE A 1 59 ? -1.495  1.975   -0.397  1.00 3.62  ? 57  ILE A CG1 1 
ATOM   428  C CG2 . ILE A 1 59 ? -1.696  4.270   0.183   1.00 2.00  ? 57  ILE A CG2 1 
ATOM   429  C CD1 . ILE A 1 59 ? -2.057  0.854   -1.197  1.00 2.04  ? 57  ILE A CD1 1 
ATOM   430  N N   . VAL A 1 60 ? -4.498  5.435   -1.283  1.00 2.00  ? 58  VAL A N   1 
ATOM   431  C CA  . VAL A 1 60 ? -4.879  6.819   -1.495  1.00 2.00  ? 58  VAL A CA  1 
ATOM   432  C C   . VAL A 1 60 ? -4.787  7.616   -0.220  1.00 2.00  ? 58  VAL A C   1 
ATOM   433  O O   . VAL A 1 60 ? -5.471  7.381   0.756   1.00 2.40  ? 58  VAL A O   1 
ATOM   434  C CB  . VAL A 1 60 ? -6.327  6.922   -2.053  1.00 2.00  ? 58  VAL A CB  1 
ATOM   435  C CG1 . VAL A 1 60 ? -6.681  8.353   -2.171  1.00 2.00  ? 58  VAL A CG1 1 
ATOM   436  C CG2 . VAL A 1 60 ? -6.383  6.192   -3.378  1.00 2.00  ? 58  VAL A CG2 1 
ATOM   437  N N   . GLY A 1 61 ? -3.952  8.615   -0.212  1.00 2.54  ? 59  GLY A N   1 
ATOM   438  C CA  . GLY A 1 61 ? -4.025  9.521   0.918   1.00 3.19  ? 59  GLY A CA  1 
ATOM   439  C C   . GLY A 1 61 ? -3.217  10.784  0.795   1.00 3.38  ? 59  GLY A C   1 
ATOM   440  O O   . GLY A 1 61 ? -2.508  10.981  -0.172  1.00 3.34  ? 59  GLY A O   1 
ATOM   441  N N   . ARG A 1 62 ? -3.325  11.625  1.813   1.00 3.50  ? 60  ARG A N   1 
ATOM   442  C CA  . ARG A 1 62 ? -2.630  12.901  1.861   1.00 4.78  ? 60  ARG A CA  1 
ATOM   443  C C   . ARG A 1 62 ? -1.280  12.841  2.576   1.00 3.98  ? 60  ARG A C   1 
ATOM   444  O O   . ARG A 1 62 ? -0.549  13.821  2.591   1.00 4.41  ? 60  ARG A O   1 
ATOM   445  C CB  . ARG A 1 62 ? -3.497  13.983  2.565   1.00 4.32  ? 60  ARG A CB  1 
ATOM   446  C CG  . ARG A 1 62 ? -4.829  14.240  1.833   1.00 5.45  ? 60  ARG A CG  1 
ATOM   447  C CD  . ARG A 1 62 ? -5.822  15.211  2.604   1.00 9.47  ? 60  ARG A CD  1 
ATOM   448  N NE  . ARG A 1 62 ? -6.837  15.619  1.640   1.00 12.25 ? 60  ARG A NE  1 
ATOM   449  C CZ  . ARG A 1 62 ? -7.734  14.774  1.113   1.00 11.71 ? 60  ARG A CZ  1 
ATOM   450  N NH1 . ARG A 1 62 ? -7.807  13.506  1.545   1.00 11.18 ? 60  ARG A NH1 1 
ATOM   451  N NH2 . ARG A 1 62 ? -8.578  15.189  0.177   1.00 6.91  ? 60  ARG A NH2 1 
ATOM   452  N N   . ASN A 1 63 ? -1.003  11.739  3.234   1.00 2.74  ? 61  ASN A N   1 
ATOM   453  C CA  . ASN A 1 63 ? 0.300   11.575  3.862   1.00 2.66  ? 61  ASN A CA  1 
ATOM   454  C C   . ASN A 1 63 ? 0.624   10.110  4.222   1.00 2.70  ? 61  ASN A C   1 
ATOM   455  O O   . ASN A 1 63 ? 0.191   9.601   5.274   1.00 3.40  ? 61  ASN A O   1 
ATOM   456  C CB  . ASN A 1 63 ? 0.447   12.367  5.139   1.00 2.00  ? 61  ASN A CB  1 
ATOM   457  C CG  . ASN A 1 63 ? 1.798   12.099  5.769   1.00 2.00  ? 61  ASN A CG  1 
ATOM   458  O OD1 . ASN A 1 63 ? 1.948   11.177  6.543   1.00 6.68  ? 61  ASN A OD1 1 
ATOM   459  N ND2 . ASN A 1 63 ? 2.792   12.816  5.356   1.00 2.00  ? 61  ASN A ND2 1 
ATOM   460  N N   . PHE A 1 64 ? 1.427   9.465   3.369   1.00 2.00  ? 62  PHE A N   1 
ATOM   461  C CA  . PHE A 1 64 ? 1.911   8.142   3.689   1.00 2.00  ? 62  PHE A CA  1 
ATOM   462  C C   . PHE A 1 64 ? 3.221   7.923   2.985   1.00 2.10  ? 62  PHE A C   1 
ATOM   463  O O   . PHE A 1 64 ? 3.541   8.624   1.972   1.00 2.44  ? 62  PHE A O   1 
ATOM   464  C CB  . PHE A 1 64 ? 0.855   7.075   3.300   1.00 2.00  ? 62  PHE A CB  1 
ATOM   465  C CG  . PHE A 1 64 ? 0.588   6.989   1.801   1.00 2.00  ? 62  PHE A CG  1 
ATOM   466  C CD1 . PHE A 1 64 ? 1.357   6.182   1.016   1.00 2.00  ? 62  PHE A CD1 1 
ATOM   467  C CD2 . PHE A 1 64 ? -0.437  7.765   1.186   1.00 2.00  ? 62  PHE A CD2 1 
ATOM   468  C CE1 . PHE A 1 64 ? 1.157   6.112   -0.365  1.00 2.00  ? 62  PHE A CE1 1 
ATOM   469  C CE2 . PHE A 1 64 ? -0.695  7.677   -0.171  1.00 4.13  ? 62  PHE A CE2 1 
ATOM   470  C CZ  . PHE A 1 64 ? 0.116   6.839   -0.986  1.00 2.25  ? 62  PHE A CZ  1 
ATOM   471  N N   . GLY A 1 65 ? 3.996   6.972   3.525   1.00 2.00  ? 63  GLY A N   1 
ATOM   472  C CA  . GLY A 1 65 ? 5.148   6.496   2.789   1.00 2.00  ? 63  GLY A CA  1 
ATOM   473  C C   . GLY A 1 65 ? 4.930   5.031   2.524   1.00 2.00  ? 63  GLY A C   1 
ATOM   474  O O   . GLY A 1 65 ? 4.007   4.429   3.100   1.00 2.00  ? 63  GLY A O   1 
ATOM   475  N N   . SER A 1 66 ? 5.748   4.437   1.659   1.00 2.00  ? 64  SER A N   1 
ATOM   476  C CA  . SER A 1 66 ? 5.625   2.959   1.446   1.00 2.00  ? 64  SER A CA  1 
ATOM   477  C C   . SER A 1 66 ? 6.924   2.307   0.945   1.00 2.00  ? 64  SER A C   1 
ATOM   478  O O   . SER A 1 66 ? 7.886   2.928   0.450   1.00 2.03  ? 64  SER A O   1 
ATOM   479  C CB  . SER A 1 66 ? 4.444   2.619   0.499   1.00 2.00  ? 64  SER A CB  1 
ATOM   480  O OG  . SER A 1 66 ? 4.883   2.678   -0.807  1.00 2.00  ? 64  SER A OG  1 
ATOM   481  N N   . TYR A 1 67 ? 6.973   1.031   1.171   1.00 2.52  ? 65  TYR A N   1 
ATOM   482  C CA  . TYR A 1 67 ? 7.962   0.173   0.517   1.00 3.35  ? 65  TYR A CA  1 
ATOM   483  C C   . TYR A 1 67 ? 7.305   -1.063  0.003   1.00 3.68  ? 65  TYR A C   1 
ATOM   484  O O   . TYR A 1 67 ? 6.864   -1.908  0.852   1.00 3.39  ? 65  TYR A O   1 
ATOM   485  C CB  . TYR A 1 67 ? 9.009   -0.250  1.483   1.00 2.07  ? 65  TYR A CB  1 
ATOM   486  C CG  . TYR A 1 67 ? 10.210  -0.744  0.713   1.00 2.02  ? 65  TYR A CG  1 
ATOM   487  C CD1 . TYR A 1 67 ? 11.065  0.151   0.041   1.00 2.00  ? 65  TYR A CD1 1 
ATOM   488  C CD2 . TYR A 1 67 ? 10.467  -2.132  0.633   1.00 2.51  ? 65  TYR A CD2 1 
ATOM   489  C CE1 . TYR A 1 67 ? 12.156  -0.295  -0.665  1.00 2.00  ? 65  TYR A CE1 1 
ATOM   490  C CE2 . TYR A 1 67 ? 11.541  -2.596  -0.059  1.00 2.18  ? 65  TYR A CE2 1 
ATOM   491  C CZ  . TYR A 1 67 ? 12.386  -1.670  -0.727  1.00 2.15  ? 65  TYR A CZ  1 
ATOM   492  O OH  . TYR A 1 67 ? 13.510  -2.121  -1.390  1.00 3.91  ? 65  TYR A OH  1 
ATOM   493  N N   . VAL A 1 68 ? 7.168   -1.142  -1.336  1.00 3.05  ? 66  VAL A N   1 
ATOM   494  C CA  . VAL A 1 68 ? 6.465   -2.284  -1.925  1.00 3.65  ? 66  VAL A CA  1 
ATOM   495  C C   . VAL A 1 68 ? 7.297   -2.959  -3.018  1.00 4.25  ? 66  VAL A C   1 
ATOM   496  O O   . VAL A 1 68 ? 8.271   -2.379  -3.525  1.00 5.41  ? 66  VAL A O   1 
ATOM   497  C CB  . VAL A 1 68 ? 5.083   -1.876  -2.504  1.00 3.91  ? 66  VAL A CB  1 
ATOM   498  C CG1 . VAL A 1 68 ? 4.281   -1.060  -1.472  1.00 3.85  ? 66  VAL A CG1 1 
ATOM   499  C CG2 . VAL A 1 68 ? 5.298   -1.118  -3.760  1.00 3.22  ? 66  VAL A CG2 1 
ATOM   500  N N   . THR A 1 69 ? 6.850   -4.151  -3.398  1.00 4.20  ? 67  THR A N   1 
ATOM   501  C CA  . THR A 1 69 ? 7.340   -4.917  -4.483  1.00 4.64  ? 67  THR A CA  1 
ATOM   502  C C   . THR A 1 69 ? 6.244   -5.048  -5.598  1.00 6.63  ? 67  THR A C   1 
ATOM   503  O O   . THR A 1 69 ? 5.077   -5.427  -5.333  1.00 7.27  ? 67  THR A O   1 
ATOM   504  C CB  . THR A 1 69 ? 7.777   -6.297  -3.993  1.00 5.17  ? 67  THR A CB  1 
ATOM   505  O OG1 . THR A 1 69 ? 8.875   -6.184  -3.022  1.00 6.75  ? 67  THR A OG1 1 
ATOM   506  C CG2 . THR A 1 69 ? 8.184   -7.199  -5.197  1.00 2.00  ? 67  THR A CG2 1 
ATOM   507  N N   . HIS A 1 70 ? 6.599   -4.732  -6.842  1.00 5.39  ? 68  HIS A N   1 
ATOM   508  C CA  . HIS A 1 70 ? 5.637   -4.770  -7.884  1.00 5.39  ? 68  HIS A CA  1 
ATOM   509  C C   . HIS A 1 70 ? 6.205   -5.534  -9.124  1.00 5.96  ? 68  HIS A C   1 
ATOM   510  O O   . HIS A 1 70 ? 7.428   -5.605  -9.373  1.00 5.91  ? 68  HIS A O   1 
ATOM   511  C CB  . HIS A 1 70 ? 5.198   -3.329  -8.233  1.00 5.60  ? 68  HIS A CB  1 
ATOM   512  C CG  . HIS A 1 70 ? 6.290   -2.512  -8.879  1.00 7.05  ? 68  HIS A CG  1 
ATOM   513  N ND1 . HIS A 1 70 ? 6.512   -2.520  -10.242 1.00 6.56  ? 68  HIS A ND1 1 
ATOM   514  C CD2 . HIS A 1 70 ? 7.306   -1.770  -8.341  1.00 5.94  ? 68  HIS A CD2 1 
ATOM   515  C CE1 . HIS A 1 70 ? 7.597   -1.810  -10.515 1.00 2.00  ? 68  HIS A CE1 1 
ATOM   516  N NE2 . HIS A 1 70 ? 8.072   -1.316  -9.382  1.00 2.00  ? 68  HIS A NE2 1 
ATOM   517  N N   . GLU A 1 71 ? 5.313   -6.147  -9.875  1.00 5.80  ? 69  GLU A N   1 
ATOM   518  C CA  . GLU A 1 71 ? 5.636   -6.716  -11.166 1.00 6.49  ? 69  GLU A CA  1 
ATOM   519  C C   . GLU A 1 71 ? 6.324   -5.644  -11.968 1.00 6.58  ? 69  GLU A C   1 
ATOM   520  O O   . GLU A 1 71 ? 5.906   -4.477  -11.925 1.00 6.90  ? 69  GLU A O   1 
ATOM   521  C CB  . GLU A 1 71 ? 4.356   -7.251  -11.825 1.00 6.77  ? 69  GLU A CB  1 
ATOM   522  C CG  . GLU A 1 71 ? 4.431   -7.736  -13.281 1.00 10.30 ? 69  GLU A CG  1 
ATOM   523  C CD  . GLU A 1 71 ? 3.050   -8.176  -13.777 1.00 13.98 ? 69  GLU A CD  1 
ATOM   524  O OE1 . GLU A 1 71 ? 2.278   -8.699  -12.911 1.00 14.45 ? 69  GLU A OE1 1 
ATOM   525  O OE2 . GLU A 1 71 ? 2.729   -7.969  -14.989 1.00 16.23 ? 69  GLU A OE2 1 
ATOM   526  N N   . THR A 1 72 ? 7.377   -6.011  -12.695 1.00 6.59  ? 70  THR A N   1 
ATOM   527  C CA  . THR A 1 72 ? 8.113   -5.070  -13.530 1.00 7.14  ? 70  THR A CA  1 
ATOM   528  C C   . THR A 1 72 ? 7.147   -4.373  -14.489 1.00 6.32  ? 70  THR A C   1 
ATOM   529  O O   . THR A 1 72 ? 6.298   -5.042  -15.056 1.00 6.85  ? 70  THR A O   1 
ATOM   530  C CB  . THR A 1 72 ? 9.278   -5.814  -14.252 1.00 7.83  ? 70  THR A CB  1 
ATOM   531  O OG1 . THR A 1 72 ? 10.138  -4.903  -14.967 1.00 11.51 ? 70  THR A OG1 1 
ATOM   532  C CG2 . THR A 1 72 ? 8.725   -6.848  -15.242 1.00 9.67  ? 70  THR A CG2 1 
ATOM   533  N N   . ARG A 1 73 ? 7.237   -3.044  -14.637 1.00 5.41  ? 71  ARG A N   1 
ATOM   534  C CA  . ARG A 1 73 ? 6.436   -2.250  -15.620 1.00 4.83  ? 71  ARG A CA  1 
ATOM   535  C C   . ARG A 1 73 ? 4.982   -1.960  -15.110 1.00 5.75  ? 71  ARG A C   1 
ATOM   536  O O   . ARG A 1 73 ? 4.131   -1.387  -15.799 1.00 5.31  ? 71  ARG A O   1 
ATOM   537  C CB  . ARG A 1 73 ? 6.436   -2.895  -17.041 1.00 4.48  ? 71  ARG A CB  1 
ATOM   538  C CG  . ARG A 1 73 ? 7.779   -2.798  -17.825 1.00 3.99  ? 71  ARG A CG  1 
ATOM   539  C CD  . ARG A 1 73 ? 8.052   -1.339  -18.311 1.00 2.85  ? 71  ARG A CD  1 
ATOM   540  N NE  . ARG A 1 73 ? 7.221   -0.966  -19.460 1.00 2.00  ? 71  ARG A NE  1 
ATOM   541  C CZ  . ARG A 1 73 ? 6.959   0.282   -19.827 1.00 3.98  ? 71  ARG A CZ  1 
ATOM   542  N NH1 . ARG A 1 73 ? 7.445   1.297   -19.114 1.00 5.31  ? 71  ARG A NH1 1 
ATOM   543  N NH2 . ARG A 1 73 ? 6.253   0.529   -20.928 1.00 4.90  ? 71  ARG A NH2 1 
ATOM   544  N N   . HIS A 1 74 ? 4.700   -2.304  -13.851 1.00 7.40  ? 72  HIS A N   1 
ATOM   545  C CA  . HIS A 1 74 ? 3.349   -2.046  -13.303 1.00 6.23  ? 72  HIS A CA  1 
ATOM   546  C C   . HIS A 1 74 ? 3.343   -1.347  -11.974 1.00 5.87  ? 72  HIS A C   1 
ATOM   547  O O   . HIS A 1 74 ? 2.938   -1.904  -10.944 1.00 7.82  ? 72  HIS A O   1 
ATOM   548  C CB  . HIS A 1 74 ? 2.616   -3.407  -13.213 1.00 5.49  ? 72  HIS A CB  1 
ATOM   549  C CG  . HIS A 1 74 ? 2.464   -4.053  -14.558 1.00 3.98  ? 72  HIS A CG  1 
ATOM   550  N ND1 . HIS A 1 74 ? 3.525   -4.620  -15.229 1.00 8.16  ? 72  HIS A ND1 1 
ATOM   551  C CD2 . HIS A 1 74 ? 1.395   -4.140  -15.394 1.00 2.00  ? 72  HIS A CD2 1 
ATOM   552  C CE1 . HIS A 1 74 ? 3.097   -5.094  -16.397 1.00 7.78  ? 72  HIS A CE1 1 
ATOM   553  N NE2 . HIS A 1 74 ? 1.816   -4.788  -16.528 1.00 2.00  ? 72  HIS A NE2 1 
ATOM   554  N N   . PHE A 1 75 ? 3.746   -0.084  -12.003 1.00 5.08  ? 73  PHE A N   1 
ATOM   555  C CA  . PHE A 1 75 ? 3.748   0.750   -10.766 1.00 2.57  ? 73  PHE A CA  1 
ATOM   556  C C   . PHE A 1 75 ? 3.636   2.156   -11.191 1.00 3.05  ? 73  PHE A C   1 
ATOM   557  O O   . PHE A 1 75 ? 4.170   2.560   -12.246 1.00 3.14  ? 73  PHE A O   1 
ATOM   558  C CB  . PHE A 1 75 ? 5.000   0.462   -9.979  1.00 2.46  ? 73  PHE A CB  1 
ATOM   559  C CG  . PHE A 1 75 ? 5.595   1.594   -9.247  1.00 2.15  ? 73  PHE A CG  1 
ATOM   560  C CD1 . PHE A 1 75 ? 6.688   2.308   -9.790  1.00 2.17  ? 73  PHE A CD1 1 
ATOM   561  C CD2 . PHE A 1 75 ? 5.224   1.871   -7.959  1.00 2.00  ? 73  PHE A CD2 1 
ATOM   562  C CE1 . PHE A 1 75 ? 7.327   3.307   -9.031  1.00 2.00  ? 73  PHE A CE1 1 
ATOM   563  C CE2 . PHE A 1 75 ? 5.843   2.955   -7.256  1.00 3.59  ? 73  PHE A CE2 1 
ATOM   564  C CZ  . PHE A 1 75 ? 6.894   3.640   -7.786  1.00 2.00  ? 73  PHE A CZ  1 
ATOM   565  N N   . ILE A 1 76 ? 2.841   2.884   -10.431 1.00 2.73  ? 74  ILE A N   1 
ATOM   566  C CA  . ILE A 1 76 ? 2.691   4.271   -10.659 1.00 4.32  ? 74  ILE A CA  1 
ATOM   567  C C   . ILE A 1 76 ? 2.485   4.829   -9.275  1.00 4.35  ? 74  ILE A C   1 
ATOM   568  O O   . ILE A 1 76 ? 1.764   4.209   -8.476  1.00 4.31  ? 74  ILE A O   1 
ATOM   569  C CB  . ILE A 1 76 ? 1.508   4.628   -11.627 1.00 3.19  ? 74  ILE A CB  1 
ATOM   570  C CG1 . ILE A 1 76 ? 1.564   6.127   -11.869 1.00 2.00  ? 74  ILE A CG1 1 
ATOM   571  C CG2 . ILE A 1 76 ? 0.142   4.167   -11.101 1.00 7.69  ? 74  ILE A CG2 1 
ATOM   572  C CD1 . ILE A 1 76 ? 1.025   6.719   -13.150 1.00 2.00  ? 74  ILE A CD1 1 
ATOM   573  N N   . TYR A 1 77 ? 3.144   5.956   -9.008  1.00 20.00 ? 75  TYR A N   1 
ATOM   574  C CA  . TYR A 1 77 ? 2.916   6.821   -7.858  1.00 20.00 ? 75  TYR A CA  1 
ATOM   575  C C   . TYR A 1 77 ? 2.737   8.274   -8.287  1.00 20.00 ? 75  TYR A C   1 
ATOM   576  O O   . TYR A 1 77 ? 3.634   8.869   -8.853  1.00 3.91  ? 75  TYR A O   1 
ATOM   577  C CB  . TYR A 1 77 ? 4.069   6.705   -6.860  1.00 20.00 ? 75  TYR A CB  1 
ATOM   578  C CG  . TYR A 1 77 ? 3.909   7.576   -5.634  1.00 20.00 ? 75  TYR A CG  1 
ATOM   579  C CD1 . TYR A 1 77 ? 2.837   7.398   -4.768  1.00 20.00 ? 75  TYR A CD1 1 
ATOM   580  C CD2 . TYR A 1 77 ? 4.829   8.573   -5.344  1.00 20.00 ? 75  TYR A CD2 1 
ATOM   581  C CE1 . TYR A 1 77 ? 2.686   8.192   -3.647  1.00 20.00 ? 75  TYR A CE1 1 
ATOM   582  C CE2 . TYR A 1 77 ? 4.687   9.373   -4.224  1.00 20.00 ? 75  TYR A CE2 1 
ATOM   583  C CZ  . TYR A 1 77 ? 3.616   9.177   -3.380  1.00 20.00 ? 75  TYR A CZ  1 
ATOM   584  O OH  . TYR A 1 77 ? 3.467   9.970   -2.265  1.00 20.00 ? 75  TYR A OH  1 
ATOM   585  N N   . PHE A 1 78 ? 1.600   8.870   -8.002  1.00 2.39  ? 76  PHE A N   1 
ATOM   586  C CA  . PHE A 1 78 ? 1.326   10.237  -8.444  1.00 2.21  ? 76  PHE A CA  1 
ATOM   587  C C   . PHE A 1 78 ? 0.423   11.076  -7.484  1.00 2.00  ? 76  PHE A C   1 
ATOM   588  O O   . PHE A 1 78 ? -0.235  10.567  -6.506  1.00 2.00  ? 76  PHE A O   1 
ATOM   589  C CB  . PHE A 1 78 ? 0.681   10.252  -9.860  1.00 3.04  ? 76  PHE A CB  1 
ATOM   590  C CG  . PHE A 1 78 ? -0.581  9.449   -10.005 1.00 2.00  ? 76  PHE A CG  1 
ATOM   591  C CD1 . PHE A 1 78 ? -0.548  8.068   -9.986  1.00 2.00  ? 76  PHE A CD1 1 
ATOM   592  C CD2 . PHE A 1 78 ? -1.800  10.085  -10.190 1.00 2.00  ? 76  PHE A CD2 1 
ATOM   593  C CE1 . PHE A 1 78 ? -1.729  7.279   -10.147 1.00 3.78  ? 76  PHE A CE1 1 
ATOM   594  C CE2 . PHE A 1 78 ? -2.994  9.348   -10.393 1.00 2.00  ? 76  PHE A CE2 1 
ATOM   595  C CZ  . PHE A 1 78 ? -2.961  7.958   -10.402 1.00 2.00  ? 76  PHE A CZ  1 
ATOM   596  N N   . TYR A 1 79 ? 0.401   12.362  -7.812  1.00 2.00  ? 77  TYR A N   1 
ATOM   597  C CA  . TYR A 1 79 ? -0.417  13.354  -7.103  1.00 2.00  ? 77  TYR A CA  1 
ATOM   598  C C   . TYR A 1 79 ? -1.558  13.781  -7.977  1.00 2.00  ? 77  TYR A C   1 
ATOM   599  O O   . TYR A 1 79 ? -1.392  14.050  -9.185  1.00 2.00  ? 77  TYR A O   1 
ATOM   600  C CB  . TYR A 1 79 ? 0.447   14.569  -6.647  1.00 2.00  ? 77  TYR A CB  1 
ATOM   601  C CG  . TYR A 1 79 ? 0.934   14.363  -5.252  1.00 4.78  ? 77  TYR A CG  1 
ATOM   602  C CD1 . TYR A 1 79 ? 2.140   13.700  -4.979  1.00 9.75  ? 77  TYR A CD1 1 
ATOM   603  C CD2 . TYR A 1 79 ? 0.149   14.779  -4.159  1.00 9.92  ? 77  TYR A CD2 1 
ATOM   604  C CE1 . TYR A 1 79 ? 2.559   13.440  -3.612  1.00 12.33 ? 77  TYR A CE1 1 
ATOM   605  C CE2 . TYR A 1 79 ? 0.527   14.555  -2.830  1.00 10.79 ? 77  TYR A CE2 1 
ATOM   606  C CZ  . TYR A 1 79 ? 1.736   13.883  -2.527  1.00 14.53 ? 77  TYR A CZ  1 
ATOM   607  O OH  . TYR A 1 79 ? 2.060   13.713  -1.145  1.00 10.68 ? 77  TYR A OH  1 
ATOM   608  N N   . LEU A 1 80 ? -2.719  13.848  -7.377  1.00 2.00  ? 78  LEU A N   1 
ATOM   609  C CA  . LEU A 1 80 ? -3.831  14.351  -8.137  1.00 4.02  ? 78  LEU A CA  1 
ATOM   610  C C   . LEU A 1 80 ? -4.472  15.363  -7.186  1.00 6.34  ? 78  LEU A C   1 
ATOM   611  O O   . LEU A 1 80 ? -5.465  15.076  -6.551  1.00 9.29  ? 78  LEU A O   1 
ATOM   612  C CB  . LEU A 1 80 ? -4.690  13.166  -8.636  1.00 2.95  ? 78  LEU A CB  1 
ATOM   613  C CG  . LEU A 1 80 ? -5.781  13.407  -9.659  1.00 2.03  ? 78  LEU A CG  1 
ATOM   614  C CD1 . LEU A 1 80 ? -5.223  13.846  -11.002 1.00 2.36  ? 78  LEU A CD1 1 
ATOM   615  C CD2 . LEU A 1 80 ? -6.545  12.146  -9.840  1.00 2.00  ? 78  LEU A CD2 1 
ATOM   616  N N   . GLY A 1 81 ? -3.839  16.544  -7.074  1.00 8.54  ? 79  GLY A N   1 
ATOM   617  C CA  . GLY A 1 81 ? -4.150  17.607  -6.080  1.00 10.05 ? 79  GLY A CA  1 
ATOM   618  C C   . GLY A 1 81 ? -3.416  17.392  -4.754  1.00 11.76 ? 79  GLY A C   1 
ATOM   619  O O   . GLY A 1 81 ? -2.187  17.113  -4.753  1.00 12.03 ? 79  GLY A O   1 
ATOM   620  N N   . GLN A 1 82 ? -4.115  17.503  -3.612  1.00 12.34 ? 80  GLN A N   1 
ATOM   621  C CA  . GLN A 1 82 ? -3.434  17.166  -2.325  1.00 11.94 ? 80  GLN A CA  1 
ATOM   622  C C   . GLN A 1 82 ? -3.532  15.689  -1.978  1.00 10.83 ? 80  GLN A C   1 
ATOM   623  O O   . GLN A 1 82 ? -3.200  15.320  -0.855  1.00 12.78 ? 80  GLN A O   1 
ATOM   624  C CB  . GLN A 1 82 ? -3.995  17.970  -1.163  1.00 12.30 ? 80  GLN A CB  1 
ATOM   625  C CG  . GLN A 1 82 ? -3.282  19.280  -0.887  1.00 13.26 ? 80  GLN A CG  1 
ATOM   626  C CD  . GLN A 1 82 ? -4.075  20.076  0.119   1.00 13.02 ? 80  GLN A CD  1 
ATOM   627  O OE1 . GLN A 1 82 ? -5.302  20.052  0.089   1.00 13.45 ? 80  GLN A OE1 1 
ATOM   628  N NE2 . GLN A 1 82 ? -3.394  20.750  1.028   1.00 12.74 ? 80  GLN A NE2 1 
ATOM   629  N N   . VAL A 1 83 ? -4.011  14.873  -2.918  1.00 8.05  ? 81  VAL A N   1 
ATOM   630  C CA  . VAL A 1 83 ? -4.016  13.437  -2.803  1.00 5.83  ? 81  VAL A CA  1 
ATOM   631  C C   . VAL A 1 83 ? -2.895  12.673  -3.616  1.00 3.50  ? 81  VAL A C   1 
ATOM   632  O O   . VAL A 1 83 ? -2.648  12.940  -4.740  1.00 2.55  ? 81  VAL A O   1 
ATOM   633  C CB  . VAL A 1 83 ? -5.379  12.947  -3.266  1.00 6.06  ? 81  VAL A CB  1 
ATOM   634  C CG1 . VAL A 1 83 ? -5.648  11.537  -2.678  1.00 6.69  ? 81  VAL A CG1 1 
ATOM   635  C CG2 . VAL A 1 83 ? -6.412  13.941  -2.856  1.00 6.46  ? 81  VAL A CG2 1 
ATOM   636  N N   . ALA A 1 84 ? -2.279  11.688  -2.990  1.00 2.89  ? 82  ALA A N   1 
ATOM   637  C CA  . ALA A 1 84 ? -1.191  10.891  -3.494  1.00 2.05  ? 82  ALA A CA  1 
ATOM   638  C C   . ALA A 1 84 ? -1.814  9.514   -3.715  1.00 3.95  ? 82  ALA A C   1 
ATOM   639  O O   . ALA A 1 84 ? -2.574  8.953   -2.871  1.00 3.73  ? 82  ALA A O   1 
ATOM   640  C CB  . ALA A 1 84 ? -0.082  10.837  -2.552  1.00 2.00  ? 82  ALA A CB  1 
ATOM   641  N N   . ILE A 1 85 ? -1.575  9.007   -4.920  1.00 4.34  ? 83  ILE A N   1 
ATOM   642  C CA  . ILE A 1 85 ? -2.073  7.721   -5.276  1.00 2.82  ? 83  ILE A CA  1 
ATOM   643  C C   . ILE A 1 85 ? -0.900  6.800   -5.600  1.00 2.00  ? 83  ILE A C   1 
ATOM   644  O O   . ILE A 1 85 ? -0.022  7.145   -6.399  1.00 2.00  ? 83  ILE A O   1 
ATOM   645  C CB  . ILE A 1 85 ? -3.059  7.774   -6.497  1.00 4.49  ? 83  ILE A CB  1 
ATOM   646  C CG1 . ILE A 1 85 ? -4.391  8.467   -6.265  1.00 2.35  ? 83  ILE A CG1 1 
ATOM   647  C CG2 . ILE A 1 85 ? -3.484  6.378   -6.967  1.00 2.00  ? 83  ILE A CG2 1 
ATOM   648  C CD1 . ILE A 1 85 ? -4.460  9.874   -6.390  1.00 4.68  ? 83  ILE A CD1 1 
ATOM   649  N N   . LEU A 1 86 ? -0.918  5.628   -4.975  1.00 2.02  ? 84  LEU A N   1 
ATOM   650  C CA  . LEU A 1 86 ? -0.026  4.513   -5.306  1.00 2.32  ? 84  LEU A CA  1 
ATOM   651  C C   . LEU A 1 86 ? -0.812  3.331   -5.850  1.00 2.67  ? 84  LEU A C   1 
ATOM   652  O O   . LEU A 1 86 ? -1.772  2.870   -5.252  1.00 2.00  ? 84  LEU A O   1 
ATOM   653  C CB  . LEU A 1 86 ? 0.782   4.091   -4.084  1.00 2.50  ? 84  LEU A CB  1 
ATOM   654  C CG  . LEU A 1 86 ? 1.637   2.826   -4.238  1.00 2.00  ? 84  LEU A CG  1 
ATOM   655  C CD1 . LEU A 1 86 ? 2.762   2.997   -5.320  1.00 2.00  ? 84  LEU A CD1 1 
ATOM   656  C CD2 . LEU A 1 86 ? 2.185   2.431   -2.887  1.00 2.00  ? 84  LEU A CD2 1 
ATOM   657  N N   . LEU A 1 87 ? -0.429  2.882   -7.042  1.00 3.58  ? 85  LEU A N   1 
ATOM   658  C CA  . LEU A 1 87 ? -1.147  1.809   -7.777  1.00 2.69  ? 85  LEU A CA  1 
ATOM   659  C C   . LEU A 1 87 ? -0.079  0.914   -8.335  1.00 3.98  ? 85  LEU A C   1 
ATOM   660  O O   . LEU A 1 87 ? 0.790   1.381   -9.073  1.00 5.62  ? 85  LEU A O   1 
ATOM   661  C CB  . LEU A 1 87 ? -2.097  2.347   -8.863  1.00 2.00  ? 85  LEU A CB  1 
ATOM   662  C CG  . LEU A 1 87 ? -2.921  1.374   -9.708  1.00 2.00  ? 85  LEU A CG  1 
ATOM   663  C CD1 . LEU A 1 87 ? -3.891  0.633   -8.863  1.00 2.00  ? 85  LEU A CD1 1 
ATOM   664  C CD2 . LEU A 1 87 ? -3.664  2.113   -10.905 1.00 2.00  ? 85  LEU A CD2 1 
ATOM   665  N N   . PHE A 1 88 ? -0.093  -0.363  -7.952  1.00 4.16  ? 86  PHE A N   1 
ATOM   666  C CA  . PHE A 1 88 ? 0.952   -1.268  -8.379  1.00 3.91  ? 86  PHE A CA  1 
ATOM   667  C C   . PHE A 1 88 ? 0.327   -2.611  -8.439  1.00 3.20  ? 86  PHE A C   1 
ATOM   668  O O   . PHE A 1 88 ? -0.724  -2.817  -7.913  1.00 3.48  ? 86  PHE A O   1 
ATOM   669  C CB  . PHE A 1 88 ? 2.236   -1.202  -7.434  1.00 3.88  ? 86  PHE A CB  1 
ATOM   670  C CG  . PHE A 1 88 ? 2.028   -1.781  -6.064  1.00 3.64  ? 86  PHE A CG  1 
ATOM   671  C CD1 . PHE A 1 88 ? 1.443   -0.991  -5.035  1.00 2.13  ? 86  PHE A CD1 1 
ATOM   672  C CD2 . PHE A 1 88 ? 2.359   -3.127  -5.788  1.00 2.00  ? 86  PHE A CD2 1 
ATOM   673  C CE1 . PHE A 1 88 ? 1.208   -1.530  -3.730  1.00 2.78  ? 86  PHE A CE1 1 
ATOM   674  C CE2 . PHE A 1 88 ? 2.126   -3.701  -4.471  1.00 2.00  ? 86  PHE A CE2 1 
ATOM   675  C CZ  . PHE A 1 88 ? 1.521   -2.893  -3.447  1.00 2.05  ? 86  PHE A CZ  1 
ATOM   676  N N   . LYS A 1 89 ? 1.009   -3.553  -9.043  1.00 4.04  ? 87  LYS A N   1 
ATOM   677  C CA  . LYS A 1 89 ? 0.533   -4.906  -9.172  1.00 4.57  ? 87  LYS A CA  1 
ATOM   678  C C   . LYS A 1 89 ? 1.506   -5.838  -8.574  1.00 4.82  ? 87  LYS A C   1 
ATOM   679  O O   . LYS A 1 89 ? 2.679   -5.747  -8.848  1.00 4.95  ? 87  LYS A O   1 
ATOM   680  C CB  . LYS A 1 89 ? 0.392   -5.199  -10.652 1.00 5.82  ? 87  LYS A CB  1 
ATOM   681  C CG  . LYS A 1 89 ? -0.370  -6.448  -11.044 1.00 6.01  ? 87  LYS A CG  1 
ATOM   682  C CD  . LYS A 1 89 ? -0.496  -6.536  -12.564 1.00 7.53  ? 87  LYS A CD  1 
ATOM   683  C CE  . LYS A 1 89 ? -0.379  -7.977  -13.004 1.00 10.04 ? 87  LYS A CE  1 
ATOM   684  N NZ  . LYS A 1 89 ? -1.583  -8.333  -13.761 1.00 13.10 ? 87  LYS A NZ  1 
ATOM   685  N N   . SER A 1 90 ? 1.036   -6.707  -7.683  1.00 5.74  ? 88  SER A N   1 
ATOM   686  C CA  . SER A 1 90 ? 1.800   -7.814  -7.114  1.00 5.79  ? 88  SER A CA  1 
ATOM   687  C C   . SER A 1 90 ? 0.881   -8.933  -6.788  1.00 5.49  ? 88  SER A C   1 
ATOM   688  O O   . SER A 1 90 ? -0.112  -8.677  -6.158  1.00 6.72  ? 88  SER A O   1 
ATOM   689  C CB  . SER A 1 90 ? 2.443   -7.446  -5.823  1.00 6.42  ? 88  SER A CB  1 
ATOM   690  O OG  . SER A 1 90 ? 3.148   -8.573  -5.247  1.00 8.68  ? 88  SER A OG  1 
ATOM   691  N N   . GLY A 1 91 ? 1.183   -10.167 -7.195  1.00 6.29  ? 89  GLY A N   1 
ATOM   692  C CA  . GLY A 1 91 ? 0.285   -11.349 -6.988  1.00 6.11  ? 89  GLY A CA  1 
ATOM   693  C C   . GLY A 1 91 ? -0.841  -11.419 -8.030  1.00 7.60  ? 89  GLY A C   1 
ATOM   694  O O   . GLY A 1 91 ? -1.059  -10.490 -8.931  1.00 7.08  ? 89  GLY A O   1 
ATOM   695  O OXT . GLY A 1 91 ? -1.581  -12.408 -7.921  1.00 6.89  ? 89  GLY A OXT 1 
ATOM   696  N N   . LYS B 1 7  ? 1.497   0.642   23.125  1.00 14.85 ? 5   LYS B N   1 
ATOM   697  C CA  . LYS B 1 7  ? 0.636   1.689   22.550  1.00 14.61 ? 5   LYS B CA  1 
ATOM   698  C C   . LYS B 1 7  ? 0.097   1.239   21.229  1.00 13.81 ? 5   LYS B C   1 
ATOM   699  O O   . LYS B 1 7  ? -0.495  2.040   20.531  1.00 14.36 ? 5   LYS B O   1 
ATOM   700  C CB  . LYS B 1 7  ? 1.392   3.020   22.351  1.00 14.68 ? 5   LYS B CB  1 
ATOM   701  N N   . ALA B 1 8  ? 0.351   -0.004  20.831  1.00 12.35 ? 6   ALA B N   1 
ATOM   702  C CA  . ALA B 1 8  ? -0.230  -0.501  19.563  1.00 10.80 ? 6   ALA B CA  1 
ATOM   703  C C   . ALA B 1 8  ? -1.715  -0.688  19.694  1.00 9.92  ? 6   ALA B C   1 
ATOM   704  O O   . ALA B 1 8  ? -2.165  -1.121  20.714  1.00 8.52  ? 6   ALA B O   1 
ATOM   705  C CB  . ALA B 1 8  ? 0.395   -1.807  19.138  1.00 10.65 ? 6   ALA B CB  1 
ATOM   706  N N   . VAL B 1 9  ? -2.451  -0.310  18.653  1.00 9.99  ? 7   VAL B N   1 
ATOM   707  C CA  . VAL B 1 9  ? -3.873  -0.534  18.588  1.00 9.36  ? 7   VAL B CA  1 
ATOM   708  C C   . VAL B 1 9  ? -4.187  -1.220  17.246  1.00 9.21  ? 7   VAL B C   1 
ATOM   709  O O   . VAL B 1 9  ? -3.851  -0.700  16.169  1.00 7.46  ? 7   VAL B O   1 
ATOM   710  C CB  . VAL B 1 9  ? -4.638  0.781   18.769  1.00 10.97 ? 7   VAL B CB  1 
ATOM   711  C CG1 . VAL B 1 9  ? -6.124  0.635   18.274  1.00 9.79  ? 7   VAL B CG1 1 
ATOM   712  C CG2 . VAL B 1 9  ? -4.517  1.313   20.247  1.00 9.68  ? 7   VAL B CG2 1 
ATOM   713  N N   . ILE B 1 10 ? -4.746  -2.436  17.338  1.00 9.30  ? 8   ILE B N   1 
ATOM   714  C CA  . ILE B 1 10 ? -4.921  -3.254  16.114  1.00 8.63  ? 8   ILE B CA  1 
ATOM   715  C C   . ILE B 1 10 ? -6.325  -3.085  15.586  1.00 7.39  ? 8   ILE B C   1 
ATOM   716  O O   . ILE B 1 10 ? -7.197  -3.747  16.085  1.00 6.33  ? 8   ILE B O   1 
ATOM   717  C CB  . ILE B 1 10 ? -4.630  -4.742  16.340  1.00 9.66  ? 8   ILE B CB  1 
ATOM   718  C CG1 . ILE B 1 10 ? -3.244  -4.812  16.914  1.00 7.56  ? 8   ILE B CG1 1 
ATOM   719  C CG2 . ILE B 1 10 ? -4.743  -5.402  15.025  1.00 7.95  ? 8   ILE B CG2 1 
ATOM   720  C CD1 . ILE B 1 10 ? -2.481  -6.169  16.870  1.00 10.60 ? 8   ILE B CD1 1 
ATOM   721  N N   . LYS B 1 11 ? -6.493  -2.244  14.560  1.00 6.91  ? 9   LYS B N   1 
ATOM   722  C CA  . LYS B 1 11 ? -7.797  -1.972  13.950  1.00 6.19  ? 9   LYS B CA  1 
ATOM   723  C C   . LYS B 1 11 ? -8.361  -3.178  13.260  1.00 4.54  ? 9   LYS B C   1 
ATOM   724  O O   . LYS B 1 11 ? -9.352  -3.658  13.649  1.00 4.37  ? 9   LYS B O   1 
ATOM   725  C CB  . LYS B 1 11 ? -7.657  -0.869  12.927  1.00 7.04  ? 9   LYS B CB  1 
ATOM   726  C CG  . LYS B 1 11 ? -7.341  0.518   13.427  1.00 9.68  ? 9   LYS B CG  1 
ATOM   727  C CD  . LYS B 1 11 ? -8.597  1.396   13.177  1.00 11.08 ? 9   LYS B CD  1 
ATOM   728  C CE  . LYS B 1 11 ? -8.813  2.451   14.294  1.00 13.15 ? 9   LYS B CE  1 
ATOM   729  N NZ  . LYS B 1 11 ? -9.012  3.817   13.698  1.00 13.20 ? 9   LYS B NZ  1 
ATOM   730  N N   . ASN B 1 12 ? -7.673  -3.679  12.243  1.00 4.21  ? 10  ASN B N   1 
ATOM   731  C CA  . ASN B 1 12 ? -8.103  -4.797  11.469  1.00 3.85  ? 10  ASN B CA  1 
ATOM   732  C C   . ASN B 1 12 ? -6.954  -5.685  11.215  1.00 3.88  ? 10  ASN B C   1 
ATOM   733  O O   . ASN B 1 12 ? -5.801  -5.253  11.051  1.00 3.77  ? 10  ASN B O   1 
ATOM   734  C CB  . ASN B 1 12 ? -8.644  -4.383  10.098  1.00 6.25  ? 10  ASN B CB  1 
ATOM   735  C CG  . ASN B 1 12 ? -9.546  -5.472  9.420   1.00 6.45  ? 10  ASN B CG  1 
ATOM   736  O OD1 . ASN B 1 12 ? -9.771  -6.572  9.950   1.00 3.55  ? 10  ASN B OD1 1 
ATOM   737  N ND2 . ASN B 1 12 ? -10.100 -5.121  8.269   1.00 6.06  ? 10  ASN B ND2 1 
ATOM   738  N N   . ALA B 1 13 ? -7.266  -6.978  11.163  1.00 3.23  ? 11  ALA B N   1 
ATOM   739  C CA  . ALA B 1 13 ? -6.240  -7.939  10.882  1.00 2.18  ? 11  ALA B CA  1 
ATOM   740  C C   . ALA B 1 13 ? -6.828  -9.215  10.382  1.00 2.00  ? 11  ALA B C   1 
ATOM   741  O O   . ALA B 1 13 ? -7.960  -9.555  10.673  1.00 2.00  ? 11  ALA B O   1 
ATOM   742  C CB  . ALA B 1 13 ? -5.464  -8.201  12.155  1.00 2.21  ? 11  ALA B CB  1 
ATOM   743  N N   . ASP B 1 14 ? -6.018  -9.932  9.624   1.00 2.00  ? 12  ASP B N   1 
ATOM   744  C CA  . ASP B 1 14 ? -6.281  -11.332 9.220   1.00 2.00  ? 12  ASP B CA  1 
ATOM   745  C C   . ASP B 1 14 ? -4.950  -12.105 9.318   1.00 2.12  ? 12  ASP B C   1 
ATOM   746  O O   . ASP B 1 14 ? -4.274  -12.351 8.319   1.00 2.53  ? 12  ASP B O   1 
ATOM   747  C CB  . ASP B 1 14 ? -6.903  -11.402 7.850   1.00 2.00  ? 12  ASP B CB  1 
ATOM   748  C CG  . ASP B 1 14 ? -6.964  -12.785 7.315   1.00 2.32  ? 12  ASP B CG  1 
ATOM   749  O OD1 . ASP B 1 14 ? -7.086  -13.728 8.109   1.00 4.83  ? 12  ASP B OD1 1 
ATOM   750  O OD2 . ASP B 1 14 ? -6.892  -12.964 6.082   1.00 2.52  ? 12  ASP B OD2 1 
ATOM   751  N N   . MET B 1 15 ? -4.511  -12.414 10.547  1.00 2.00  ? 13  MET B N   1 
ATOM   752  C CA  . MET B 1 15 ? -3.285  -13.122 10.713  1.00 2.07  ? 13  MET B CA  1 
ATOM   753  C C   . MET B 1 15 ? -3.167  -13.620 12.111  1.00 2.13  ? 13  MET B C   1 
ATOM   754  O O   . MET B 1 15 ? -3.874  -13.160 12.996  1.00 2.02  ? 13  MET B O   1 
ATOM   755  C CB  . MET B 1 15 ? -2.084  -12.186 10.391  1.00 3.48  ? 13  MET B CB  1 
ATOM   756  C CG  . MET B 1 15 ? -1.617  -11.183 11.368  1.00 2.00  ? 13  MET B CG  1 
ATOM   757  S SD  . MET B 1 15 ? 0.046   -10.477 11.045  1.00 3.11  ? 13  MET B SD  1 
ATOM   758  C CE  . MET B 1 15 ? 0.165   -9.836  9.353   1.00 2.00  ? 13  MET B CE  1 
ATOM   759  N N   . SER B 1 16 ? -2.300  -14.616 12.306  1.00 2.13  ? 14  SER B N   1 
ATOM   760  C CA  . SER B 1 16 ? -2.178  -15.236 13.622  1.00 2.51  ? 14  SER B CA  1 
ATOM   761  C C   . SER B 1 16 ? -1.808  -14.191 14.688  1.00 3.54  ? 14  SER B C   1 
ATOM   762  O O   . SER B 1 16 ? -0.975  -13.291 14.484  1.00 5.25  ? 14  SER B O   1 
ATOM   763  C CB  . SER B 1 16 ? -1.158  -16.369 13.561  1.00 3.29  ? 14  SER B CB  1 
ATOM   764  O OG  . SER B 1 16 ? 0.153   -15.938 13.247  1.00 2.00  ? 14  SER B OG  1 
ATOM   765  N N   . GLU B 1 17 ? -2.479  -14.244 15.807  1.00 3.49  ? 15  GLU B N   1 
ATOM   766  C CA  . GLU B 1 17 ? -2.163  -13.367 16.907  1.00 3.70  ? 15  GLU B CA  1 
ATOM   767  C C   . GLU B 1 17 ? -0.611  -13.270 17.222  1.00 4.63  ? 15  GLU B C   1 
ATOM   768  O O   . GLU B 1 17 ? -0.082  -12.348 17.852  1.00 5.14  ? 15  GLU B O   1 
ATOM   769  C CB  . GLU B 1 17 ? -3.021  -13.849 18.098  1.00 3.74  ? 15  GLU B CB  1 
ATOM   770  C CG  . GLU B 1 17 ? -3.459  -12.719 19.046  1.00 3.85  ? 15  GLU B CG  1 
ATOM   771  C CD  . GLU B 1 17 ? -4.461  -11.786 18.488  1.00 2.00  ? 15  GLU B CD  1 
ATOM   772  O OE1 . GLU B 1 17 ? -4.216  -10.563 18.493  1.00 2.31  ? 15  GLU B OE1 1 
ATOM   773  O OE2 . GLU B 1 17 ? -5.501  -12.266 18.043  1.00 2.00  ? 15  GLU B OE2 1 
ATOM   774  N N   . GLU B 1 18 ? 0.122   -14.282 16.795  1.00 5.06  ? 16  GLU B N   1 
ATOM   775  C CA  . GLU B 1 18 ? 1.521   -14.409 17.096  1.00 4.09  ? 16  GLU B CA  1 
ATOM   776  C C   . GLU B 1 18 ? 2.337   -13.689 16.032  1.00 3.09  ? 16  GLU B C   1 
ATOM   777  O O   . GLU B 1 18 ? 3.416   -13.208 16.279  1.00 2.10  ? 16  GLU B O   1 
ATOM   778  C CB  . GLU B 1 18 ? 1.905   -15.912 17.209  1.00 4.09  ? 16  GLU B CB  1 
ATOM   779  C CG  . GLU B 1 18 ? 3.437   -16.154 17.214  1.00 7.56  ? 16  GLU B CG  1 
ATOM   780  C CD  . GLU B 1 18 ? 3.845   -17.549 17.649  1.00 12.12 ? 16  GLU B CD  1 
ATOM   781  O OE1 . GLU B 1 18 ? 3.914   -17.857 18.890  1.00 15.51 ? 16  GLU B OE1 1 
ATOM   782  O OE2 . GLU B 1 18 ? 4.143   -18.344 16.737  1.00 11.39 ? 16  GLU B OE2 1 
ATOM   783  N N   . MET B 1 19 ? 1.777   -13.608 14.841  1.00 2.87  ? 17  MET B N   1 
ATOM   784  C CA  . MET B 1 19 ? 2.365   -12.878 13.748  1.00 3.11  ? 17  MET B CA  1 
ATOM   785  C C   . MET B 1 19 ? 1.990   -11.413 13.870  1.00 3.15  ? 17  MET B C   1 
ATOM   786  O O   . MET B 1 19 ? 2.718   -10.536 13.433  1.00 4.08  ? 17  MET B O   1 
ATOM   787  C CB  . MET B 1 19 ? 1.917   -13.470 12.386  1.00 2.80  ? 17  MET B CB  1 
ATOM   788  C CG  . MET B 1 19 ? 2.574   -12.792 11.191  1.00 3.69  ? 17  MET B CG  1 
ATOM   789  S SD  . MET B 1 19 ? 2.160   -13.412 9.490   1.00 6.51  ? 17  MET B SD  1 
ATOM   790  C CE  . MET B 1 19 ? 2.790   -15.109 9.558   1.00 2.00  ? 17  MET B CE  1 
ATOM   791  N N   . GLN B 1 20 ? 0.846   -11.132 14.466  1.00 3.36  ? 18  GLN B N   1 
ATOM   792  C CA  . GLN B 1 20 ? 0.492   -9.738  14.800  1.00 2.85  ? 18  GLN B CA  1 
ATOM   793  C C   . GLN B 1 20 ? 1.519   -9.161  15.815  1.00 2.05  ? 18  GLN B C   1 
ATOM   794  O O   . GLN B 1 20 ? 2.008   -8.092  15.631  1.00 3.72  ? 18  GLN B O   1 
ATOM   795  C CB  . GLN B 1 20 ? -0.991  -9.591  15.288  1.00 2.00  ? 18  GLN B CB  1 
ATOM   796  C CG  . GLN B 1 20 ? -2.088  -9.990  14.335  1.00 2.16  ? 18  GLN B CG  1 
ATOM   797  C CD  . GLN B 1 20 ? -3.463  -9.794  14.928  1.00 2.16  ? 18  GLN B CD  1 
ATOM   798  O OE1 . GLN B 1 20 ? -3.765  -8.759  15.587  1.00 2.01  ? 18  GLN B OE1 1 
ATOM   799  N NE2 . GLN B 1 20 ? -4.297  -10.807 14.771  1.00 2.00  ? 18  GLN B NE2 1 
ATOM   800  N N   . GLN B 1 21 ? 1.778   -9.847  16.914  1.00 2.00  ? 19  GLN B N   1 
ATOM   801  C CA  . GLN B 1 21 ? 2.789   -9.408  17.865  1.00 2.05  ? 19  GLN B CA  1 
ATOM   802  C C   . GLN B 1 21 ? 4.143   -9.084  17.224  1.00 2.69  ? 19  GLN B C   1 
ATOM   803  O O   . GLN B 1 21 ? 4.797   -8.050  17.538  1.00 2.33  ? 19  GLN B O   1 
ATOM   804  C CB  . GLN B 1 21 ? 3.023   -10.490 18.913  1.00 2.00  ? 19  GLN B CB  1 
ATOM   805  C CG  . GLN B 1 21 ? 3.822   -10.026 20.098  1.00 4.17  ? 19  GLN B CG  1 
ATOM   806  C CD  . GLN B 1 21 ? 3.271   -8.724  20.619  1.00 7.52  ? 19  GLN B CD  1 
ATOM   807  O OE1 . GLN B 1 21 ? 2.151   -8.693  21.136  1.00 5.81  ? 19  GLN B OE1 1 
ATOM   808  N NE2 . GLN B 1 21 ? 4.018   -7.622  20.418  1.00 8.35  ? 19  GLN B NE2 1 
ATOM   809  N N   . ASP B 1 22 ? 4.559   -10.015 16.360  1.00 2.71  ? 20  ASP B N   1 
ATOM   810  C CA  . ASP B 1 22 ? 5.765   -9.907  15.614  1.00 2.48  ? 20  ASP B CA  1 
ATOM   811  C C   . ASP B 1 22 ? 5.790   -8.673  14.780  1.00 2.21  ? 20  ASP B C   1 
ATOM   812  O O   . ASP B 1 22 ? 6.732   -7.917  14.817  1.00 2.00  ? 20  ASP B O   1 
ATOM   813  C CB  . ASP B 1 22 ? 5.825   -11.078 14.673  1.00 3.83  ? 20  ASP B CB  1 
ATOM   814  C CG  . ASP B 1 22 ? 7.206   -11.688 14.657  1.00 6.49  ? 20  ASP B CG  1 
ATOM   815  O OD1 . ASP B 1 22 ? 7.734   -11.947 15.759  1.00 5.44  ? 20  ASP B OD1 1 
ATOM   816  O OD2 . ASP B 1 22 ? 7.788   -11.815 13.570  1.00 13.43 ? 20  ASP B OD2 1 
ATOM   817  N N   . ALA B 1 23 ? 4.748   -8.519  13.961  1.00 3.40  ? 21  ALA B N   1 
ATOM   818  C CA  . ALA B 1 23 ? 4.504   -7.264  13.255  1.00 3.33  ? 21  ALA B CA  1 
ATOM   819  C C   . ALA B 1 23 ? 4.748   -6.049  14.171  1.00 3.17  ? 21  ALA B C   1 
ATOM   820  O O   . ALA B 1 23 ? 5.493   -5.140  13.812  1.00 3.77  ? 21  ALA B O   1 
ATOM   821  C CB  . ALA B 1 23 ? 3.063   -7.226  12.578  1.00 2.76  ? 21  ALA B CB  1 
ATOM   822  N N   . VAL B 1 24 ? 4.173   -6.055  15.365  1.00 2.02  ? 22  VAL B N   1 
ATOM   823  C CA  . VAL B 1 24 ? 4.209   -4.850  16.203  1.00 2.00  ? 22  VAL B CA  1 
ATOM   824  C C   . VAL B 1 24 ? 5.569   -4.596  16.755  1.00 2.00  ? 22  VAL B C   1 
ATOM   825  O O   . VAL B 1 24 ? 5.963   -3.490  16.821  1.00 2.00  ? 22  VAL B O   1 
ATOM   826  C CB  . VAL B 1 24 ? 3.197   -4.945  17.404  1.00 2.00  ? 22  VAL B CB  1 
ATOM   827  C CG1 . VAL B 1 24 ? 3.543   -3.909  18.481  1.00 2.00  ? 22  VAL B CG1 1 
ATOM   828  C CG2 . VAL B 1 24 ? 1.710   -4.894  16.869  1.00 2.00  ? 22  VAL B CG2 1 
ATOM   829  N N   . ASP B 1 25 ? 6.239   -5.643  17.213  1.00 2.00  ? 23  ASP B N   1 
ATOM   830  C CA  . ASP B 1 25 ? 7.620   -5.634  17.632  1.00 2.00  ? 23  ASP B CA  1 
ATOM   831  C C   . ASP B 1 25 ? 8.574   -5.126  16.539  1.00 2.00  ? 23  ASP B C   1 
ATOM   832  O O   . ASP B 1 25 ? 9.482   -4.371  16.789  1.00 2.00  ? 23  ASP B O   1 
ATOM   833  C CB  . ASP B 1 25 ? 8.028   -7.026  17.971  1.00 2.00  ? 23  ASP B CB  1 
ATOM   834  C CG  . ASP B 1 25 ? 7.328   -7.567  19.159  1.00 2.00  ? 23  ASP B CG  1 
ATOM   835  O OD1 . ASP B 1 25 ? 6.601   -6.835  19.896  1.00 2.00  ? 23  ASP B OD1 1 
ATOM   836  O OD2 . ASP B 1 25 ? 7.554   -8.768  19.389  1.00 7.10  ? 23  ASP B OD2 1 
ATOM   837  N N   . CYS B 1 26 ? 8.367   -5.605  15.322  1.00 2.00  ? 24  CYS B N   1 
ATOM   838  C CA  . CYS B 1 26 ? 9.052   -5.100  14.180  1.00 3.31  ? 24  CYS B CA  1 
ATOM   839  C C   . CYS B 1 26 ? 8.796   -3.588  13.859  1.00 4.22  ? 24  CYS B C   1 
ATOM   840  O O   . CYS B 1 26 ? 9.744   -2.843  13.569  1.00 4.78  ? 24  CYS B O   1 
ATOM   841  C CB  . CYS B 1 26 ? 8.600   -5.890  12.990  1.00 4.33  ? 24  CYS B CB  1 
ATOM   842  S SG  . CYS B 1 26 ? 9.634   -5.650  11.595  1.00 6.74  ? 24  CYS B SG  1 
ATOM   843  N N   . ALA B 1 27 ? 7.541   -3.137  13.849  1.00 3.89  ? 25  ALA B N   1 
ATOM   844  C CA  . ALA B 1 27 ? 7.244   -1.687  13.805  1.00 3.33  ? 25  ALA B CA  1 
ATOM   845  C C   . ALA B 1 27 ? 7.884   -0.896  14.971  1.00 4.42  ? 25  ALA B C   1 
ATOM   846  O O   . ALA B 1 27 ? 8.502   0.158   14.755  1.00 5.36  ? 25  ALA B O   1 
ATOM   847  C CB  . ALA B 1 27 ? 5.757   -1.466  13.783  1.00 3.07  ? 25  ALA B CB  1 
ATOM   848  N N   . THR B 1 28 ? 7.750   -1.404  16.200  1.00 4.30  ? 26  THR B N   1 
ATOM   849  C CA  . THR B 1 28 ? 8.402   -0.794  17.354  1.00 3.36  ? 26  THR B CA  1 
ATOM   850  C C   . THR B 1 28 ? 9.902   -0.562  17.114  1.00 4.60  ? 26  THR B C   1 
ATOM   851  O O   . THR B 1 28 ? 10.363  0.599   17.362  1.00 5.27  ? 26  THR B O   1 
ATOM   852  C CB  . THR B 1 28 ? 8.201   -1.648  18.655  1.00 2.68  ? 26  THR B CB  1 
ATOM   853  O OG1 . THR B 1 28 ? 6.816   -2.055  18.753  1.00 2.00  ? 26  THR B OG1 1 
ATOM   854  C CG2 . THR B 1 28 ? 8.564   -0.844  19.820  1.00 2.00  ? 26  THR B CG2 1 
ATOM   855  N N   . GLN B 1 29 ? 10.654  -1.626  16.710  1.00 3.19  ? 27  GLN B N   1 
ATOM   856  C CA  . GLN B 1 29 ? 12.052  -1.536  16.343  1.00 3.67  ? 27  GLN B CA  1 
ATOM   857  C C   . GLN B 1 29 ? 12.235  -0.503  15.176  1.00 3.62  ? 27  GLN B C   1 
ATOM   858  O O   . GLN B 1 29 ? 13.154  0.325   15.115  1.00 2.00  ? 27  GLN B O   1 
ATOM   859  C CB  . GLN B 1 29 ? 12.626  -2.874  15.936  1.00 4.58  ? 27  GLN B CB  1 
ATOM   860  C CG  . GLN B 1 29 ? 12.493  -4.076  16.932  1.00 11.92 ? 27  GLN B CG  1 
ATOM   861  C CD  . GLN B 1 29 ? 13.169  -5.428  16.397  1.00 17.73 ? 27  GLN B CD  1 
ATOM   862  O OE1 . GLN B 1 29 ? 14.306  -5.723  16.770  1.00 18.75 ? 27  GLN B OE1 1 
ATOM   863  N NE2 . GLN B 1 29 ? 12.448  -6.218  15.560  1.00 15.42 ? 27  GLN B NE2 1 
ATOM   864  N N   . ALA B 1 30 ? 11.331  -0.568  14.205  1.00 2.54  ? 28  ALA B N   1 
ATOM   865  C CA  . ALA B 1 30 ? 11.469  0.299   13.095  1.00 2.62  ? 28  ALA B CA  1 
ATOM   866  C C   . ALA B 1 30 ? 11.466  1.778   13.564  1.00 2.49  ? 28  ALA B C   1 
ATOM   867  O O   . ALA B 1 30 ? 12.234  2.584   13.054  1.00 2.09  ? 28  ALA B O   1 
ATOM   868  C CB  . ALA B 1 30 ? 10.355  0.040   12.063  1.00 2.49  ? 28  ALA B CB  1 
ATOM   869  N N   . LEU B 1 31 ? 10.591  2.122   14.520  1.00 2.00  ? 29  LEU B N   1 
ATOM   870  C CA  . LEU B 1 31 ? 10.414  3.503   15.004  1.00 2.00  ? 29  LEU B CA  1 
ATOM   871  C C   . LEU B 1 31 ? 11.560  3.932   15.925  1.00 2.00  ? 29  LEU B C   1 
ATOM   872  O O   . LEU B 1 31 ? 11.889  5.110   15.974  1.00 2.29  ? 29  LEU B O   1 
ATOM   873  C CB  . LEU B 1 31 ? 9.026   3.696   15.701  1.00 2.00  ? 29  LEU B CB  1 
ATOM   874  C CG  . LEU B 1 31 ? 7.817   3.538   14.735  1.00 2.00  ? 29  LEU B CG  1 
ATOM   875  C CD1 . LEU B 1 31 ? 6.388   3.627   15.416  1.00 2.00  ? 29  LEU B CD1 1 
ATOM   876  C CD2 . LEU B 1 31 ? 7.915   4.542   13.621  1.00 2.00  ? 29  LEU B CD2 1 
ATOM   877  N N   . GLU B 1 32 ? 12.195  2.993   16.630  1.00 2.00  ? 30  GLU B N   1 
ATOM   878  C CA  . GLU B 1 32 ? 13.320  3.319   17.488  1.00 2.00  ? 30  GLU B CA  1 
ATOM   879  C C   . GLU B 1 32 ? 14.483  3.774   16.614  1.00 2.05  ? 30  GLU B C   1 
ATOM   880  O O   . GLU B 1 32 ? 15.268  4.628   16.970  1.00 2.05  ? 30  GLU B O   1 
ATOM   881  C CB  . GLU B 1 32 ? 13.688  2.122   18.372  1.00 2.48  ? 30  GLU B CB  1 
ATOM   882  C CG  . GLU B 1 32 ? 12.836  1.904   19.719  1.00 6.90  ? 30  GLU B CG  1 
ATOM   883  C CD  . GLU B 1 32 ? 12.819  0.383   20.199  1.00 11.77 ? 30  GLU B CD  1 
ATOM   884  O OE1 . GLU B 1 32 ? 13.557  -0.410  19.563  1.00 15.32 ? 30  GLU B OE1 1 
ATOM   885  O OE2 . GLU B 1 32 ? 12.131  -0.031  21.184  1.00 8.20  ? 30  GLU B OE2 1 
ATOM   886  N N   . LYS B 1 33 ? 14.569  3.273   15.401  1.00 3.57  ? 31  LYS B N   1 
ATOM   887  C CA  . LYS B 1 33 ? 15.698  3.687   14.532  1.00 3.51  ? 31  LYS B CA  1 
ATOM   888  C C   . LYS B 1 33 ? 15.348  4.493   13.230  1.00 3.05  ? 31  LYS B C   1 
ATOM   889  O O   . LYS B 1 33 ? 16.295  5.014   12.658  1.00 2.00  ? 31  LYS B O   1 
ATOM   890  C CB  . LYS B 1 33 ? 16.519  2.417   14.181  1.00 3.32  ? 31  LYS B CB  1 
ATOM   891  C CG  . LYS B 1 33 ? 15.647  1.190   13.806  1.00 5.98  ? 31  LYS B CG  1 
ATOM   892  C CD  . LYS B 1 33 ? 16.341  -0.199  13.982  1.00 6.78  ? 31  LYS B CD  1 
ATOM   893  C CE  . LYS B 1 33 ? 16.445  -0.587  15.487  1.00 10.56 ? 31  LYS B CE  1 
ATOM   894  N NZ  . LYS B 1 33 ? 16.081  -1.992  15.898  1.00 12.74 ? 31  LYS B NZ  1 
ATOM   895  N N   . TYR B 1 34 ? 14.047  4.660   12.843  1.00 2.55  ? 32  TYR B N   1 
ATOM   896  C CA  . TYR B 1 34 ? 13.657  5.550   11.669  1.00 2.13  ? 32  TYR B CA  1 
ATOM   897  C C   . TYR B 1 34 ? 12.582  6.616   11.921  1.00 3.47  ? 32  TYR B C   1 
ATOM   898  O O   . TYR B 1 34 ? 11.581  6.392   12.633  1.00 4.58  ? 32  TYR B O   1 
ATOM   899  C CB  . TYR B 1 34 ? 13.192  4.719   10.419  1.00 2.00  ? 32  TYR B CB  1 
ATOM   900  C CG  . TYR B 1 34 ? 14.236  3.723   10.042  1.00 2.62  ? 32  TYR B CG  1 
ATOM   901  C CD1 . TYR B 1 34 ? 15.499  4.126   9.601   1.00 4.13  ? 32  TYR B CD1 1 
ATOM   902  C CD2 . TYR B 1 34 ? 14.028  2.364   10.254  1.00 3.23  ? 32  TYR B CD2 1 
ATOM   903  C CE1 . TYR B 1 34 ? 16.509  3.168   9.341   1.00 5.43  ? 32  TYR B CE1 1 
ATOM   904  C CE2 . TYR B 1 34 ? 14.986  1.434   9.997   1.00 4.26  ? 32  TYR B CE2 1 
ATOM   905  C CZ  . TYR B 1 34 ? 16.227  1.797   9.540   1.00 6.45  ? 32  TYR B CZ  1 
ATOM   906  O OH  . TYR B 1 34 ? 17.160  0.756   9.287   1.00 2.00  ? 32  TYR B OH  1 
ATOM   907  N N   . ASN B 1 35 ? 12.761  7.748   11.237  1.00 4.57  ? 33  ASN B N   1 
ATOM   908  C CA  . ASN B 1 35 ? 11.868  8.874   11.257  1.00 6.38  ? 33  ASN B CA  1 
ATOM   909  C C   . ASN B 1 35 ? 10.942  8.939   10.065  1.00 5.53  ? 33  ASN B C   1 
ATOM   910  O O   . ASN B 1 35 ? 9.790   9.319   10.166  1.00 6.44  ? 33  ASN B O   1 
ATOM   911  C CB  . ASN B 1 35 ? 12.657  10.211  11.282  1.00 7.11  ? 33  ASN B CB  1 
ATOM   912  C CG  . ASN B 1 35 ? 13.256  10.555  12.615  1.00 13.15 ? 33  ASN B CG  1 
ATOM   913  O OD1 . ASN B 1 35 ? 12.601  11.195  13.434  1.00 21.50 ? 33  ASN B OD1 1 
ATOM   914  N ND2 . ASN B 1 35 ? 14.551  10.237  12.815  1.00 19.84 ? 33  ASN B ND2 1 
ATOM   915  N N   . ILE B 1 36 ? 11.553  8.770   8.891   1.00 5.02  ? 34  ILE B N   1 
ATOM   916  C CA  . ILE B 1 36 ? 10.981  8.920   7.542   1.00 3.65  ? 34  ILE B CA  1 
ATOM   917  C C   . ILE B 1 36 ? 10.128  7.746   7.194   1.00 3.43  ? 34  ILE B C   1 
ATOM   918  O O   . ILE B 1 36 ? 10.615  6.617   7.206   1.00 2.99  ? 34  ILE B O   1 
ATOM   919  C CB  . ILE B 1 36 ? 12.141  9.156   6.468   1.00 3.01  ? 34  ILE B CB  1 
ATOM   920  C CG1 . ILE B 1 36 ? 12.984  10.336  6.938   1.00 2.22  ? 34  ILE B CG1 1 
ATOM   921  C CG2 . ILE B 1 36 ? 11.730  9.453   5.058   1.00 2.00  ? 34  ILE B CG2 1 
ATOM   922  C CD1 . ILE B 1 36 ? 12.159  11.621  7.295   1.00 2.00  ? 34  ILE B CD1 1 
ATOM   923  N N   . GLU B 1 37 ? 8.836   8.000   6.957   1.00 3.80  ? 35  GLU B N   1 
ATOM   924  C CA  . GLU B 1 37 ? 7.782   7.012   6.687   1.00 2.71  ? 35  GLU B CA  1 
ATOM   925  C C   . GLU B 1 37 ? 8.200   5.917   5.714   1.00 3.78  ? 35  GLU B C   1 
ATOM   926  O O   . GLU B 1 37 ? 7.930   4.763   5.990   1.00 6.23  ? 35  GLU B O   1 
ATOM   927  C CB  . GLU B 1 37 ? 6.532   7.738   6.155   1.00 2.81  ? 35  GLU B CB  1 
ATOM   928  C CG  . GLU B 1 37 ? 5.857   8.620   7.243   1.00 2.92  ? 35  GLU B CG  1 
ATOM   929  C CD  . GLU B 1 37 ? 4.628   9.385   6.745   1.00 5.83  ? 35  GLU B CD  1 
ATOM   930  O OE1 . GLU B 1 37 ? 4.466   9.609   5.521   1.00 5.20  ? 35  GLU B OE1 1 
ATOM   931  O OE2 . GLU B 1 37 ? 3.828   9.794   7.587   1.00 4.51  ? 35  GLU B OE2 1 
ATOM   932  N N   . PRO B 1 38 ? 8.834   6.246   4.559   1.00 4.39  ? 36  PRO B N   1 
ATOM   933  C CA  . PRO B 1 38 ? 9.283   5.152   3.642   1.00 2.87  ? 36  PRO B CA  1 
ATOM   934  C C   . PRO B 1 38 ? 10.496  4.267   4.151   1.00 3.21  ? 36  PRO B C   1 
ATOM   935  O O   . PRO B 1 38 ? 10.699  3.077   3.739   1.00 2.00  ? 36  PRO B O   1 
ATOM   936  C CB  . PRO B 1 38 ? 9.684   5.889   2.374   1.00 3.18  ? 36  PRO B CB  1 
ATOM   937  C CG  . PRO B 1 38 ? 9.764   7.357   2.716   1.00 2.95  ? 36  PRO B CG  1 
ATOM   938  C CD  . PRO B 1 38 ? 9.088   7.612   4.012   1.00 4.28  ? 36  PRO B CD  1 
ATOM   939  N N   . ASP B 1 39 ? 11.315  4.849   5.042   1.00 2.96  ? 37  ASP B N   1 
ATOM   940  C CA  . ASP B 1 39 ? 12.421  4.095   5.689   1.00 2.02  ? 37  ASP B CA  1 
ATOM   941  C C   . ASP B 1 39 ? 11.840  3.119   6.721   1.00 2.62  ? 37  ASP B C   1 
ATOM   942  O O   . ASP B 1 39 ? 12.359  2.021   6.847   1.00 3.05  ? 37  ASP B O   1 
ATOM   943  C CB  . ASP B 1 39 ? 13.456  5.028   6.306   1.00 2.00  ? 37  ASP B CB  1 
ATOM   944  C CG  . ASP B 1 39 ? 14.046  6.042   5.289   1.00 2.00  ? 37  ASP B CG  1 
ATOM   945  O OD1 . ASP B 1 39 ? 13.822  5.898   4.073   1.00 2.00  ? 37  ASP B OD1 1 
ATOM   946  O OD2 . ASP B 1 39 ? 14.737  7.015   5.701   1.00 2.00  ? 37  ASP B OD2 1 
ATOM   947  N N   . ILE B 1 40 ? 10.764  3.512   7.415   1.00 2.89  ? 38  ILE B N   1 
ATOM   948  C CA  . ILE B 1 40 ? 10.087  2.688   8.407   1.00 3.97  ? 38  ILE B CA  1 
ATOM   949  C C   . ILE B 1 40 ? 9.475   1.509   7.724   1.00 4.93  ? 38  ILE B C   1 
ATOM   950  O O   . ILE B 1 40 ? 9.665   0.372   8.118   1.00 6.68  ? 38  ILE B O   1 
ATOM   951  C CB  . ILE B 1 40 ? 8.993   3.503   9.215   1.00 4.74  ? 38  ILE B CB  1 
ATOM   952  C CG1 . ILE B 1 40 ? 9.584   4.494   10.205  1.00 2.00  ? 38  ILE B CG1 1 
ATOM   953  C CG2 . ILE B 1 40 ? 8.015   2.618   10.020  1.00 6.27  ? 38  ILE B CG2 1 
ATOM   954  C CD1 . ILE B 1 40 ? 8.965   5.742   10.099  1.00 2.37  ? 38  ILE B CD1 1 
ATOM   955  N N   . ALA B 1 41 ? 8.764   1.793   6.642   1.00 5.35  ? 39  ALA B N   1 
ATOM   956  C CA  . ALA B 1 41 ? 8.013   0.802   5.864   1.00 3.62  ? 39  ALA B CA  1 
ATOM   957  C C   . ALA B 1 41 ? 8.907   -0.322  5.322   1.00 3.03  ? 39  ALA B C   1 
ATOM   958  O O   . ALA B 1 41 ? 8.574   -1.488  5.396   1.00 3.14  ? 39  ALA B O   1 
ATOM   959  C CB  . ALA B 1 41 ? 7.242   1.525   4.745   1.00 2.82  ? 39  ALA B CB  1 
ATOM   960  N N   . ALA B 1 42 ? 10.049  0.066   4.793   1.00 4.74  ? 40  ALA B N   1 
ATOM   961  C CA  . ALA B 1 42 ? 11.023  -0.800  4.133   1.00 4.68  ? 40  ALA B CA  1 
ATOM   962  C C   . ALA B 1 42 ? 11.734  -1.685  5.107   1.00 5.26  ? 40  ALA B C   1 
ATOM   963  O O   . ALA B 1 42 ? 12.045  -2.871  4.842   1.00 8.57  ? 40  ALA B O   1 
ATOM   964  C CB  . ALA B 1 42 ? 12.028  0.075   3.376   1.00 3.10  ? 40  ALA B CB  1 
ATOM   965  N N   . TYR B 1 43 ? 12.058  -1.111  6.248   1.00 4.90  ? 41  TYR B N   1 
ATOM   966  C CA  . TYR B 1 43 ? 12.652  -1.887  7.345   1.00 3.67  ? 41  TYR B CA  1 
ATOM   967  C C   . TYR B 1 43 ? 11.745  -3.052  7.685   1.00 2.56  ? 41  TYR B C   1 
ATOM   968  O O   . TYR B 1 43 ? 12.162  -4.170  7.560   1.00 2.89  ? 41  TYR B O   1 
ATOM   969  C CB  . TYR B 1 43 ? 12.956  -1.004  8.600   1.00 2.64  ? 41  TYR B CB  1 
ATOM   970  C CG  . TYR B 1 43 ? 13.407  -1.892  9.782   1.00 4.25  ? 41  TYR B CG  1 
ATOM   971  C CD1 . TYR B 1 43 ? 14.765  -2.114  10.043  1.00 2.00  ? 41  TYR B CD1 1 
ATOM   972  C CD2 . TYR B 1 43 ? 12.440  -2.565  10.600  1.00 2.00  ? 41  TYR B CD2 1 
ATOM   973  C CE1 . TYR B 1 43 ? 15.175  -2.954  11.093  1.00 2.01  ? 41  TYR B CE1 1 
ATOM   974  C CE2 . TYR B 1 43 ? 12.822  -3.360  11.638  1.00 2.00  ? 41  TYR B CE2 1 
ATOM   975  C CZ  . TYR B 1 43 ? 14.207  -3.567  11.879  1.00 3.71  ? 41  TYR B CZ  1 
ATOM   976  O OH  . TYR B 1 43 ? 14.612  -4.407  12.869  1.00 2.00  ? 41  TYR B OH  1 
ATOM   977  N N   . ILE B 1 44 ? 10.501  -2.781  8.077   1.00 3.25  ? 42  ILE B N   1 
ATOM   978  C CA  . ILE B 1 44 ? 9.420   -3.795  8.305   1.00 2.59  ? 42  ILE B CA  1 
ATOM   979  C C   . ILE B 1 44 ? 9.135   -4.819  7.163   1.00 4.20  ? 42  ILE B C   1 
ATOM   980  O O   . ILE B 1 44 ? 9.080   -6.049  7.373   1.00 5.22  ? 42  ILE B O   1 
ATOM   981  C CB  . ILE B 1 44 ? 8.084   -3.071  8.647   1.00 3.17  ? 42  ILE B CB  1 
ATOM   982  C CG1 . ILE B 1 44 ? 8.282   -2.044  9.773   1.00 2.00  ? 42  ILE B CG1 1 
ATOM   983  C CG2 . ILE B 1 44 ? 6.825   -4.123  8.916   1.00 2.00  ? 42  ILE B CG2 1 
ATOM   984  C CD1 . ILE B 1 44 ? 6.965   -1.261  10.113  1.00 2.00  ? 42  ILE B CD1 1 
ATOM   985  N N   . LYS B 1 45 ? 8.889   -4.305  5.955   1.00 4.17  ? 43  LYS B N   1 
ATOM   986  C CA  . LYS B 1 45 ? 8.729   -5.119  4.761   1.00 3.16  ? 43  LYS B CA  1 
ATOM   987  C C   . LYS B 1 45 ? 9.871   -6.153  4.576   1.00 4.05  ? 43  LYS B C   1 
ATOM   988  O O   . LYS B 1 45 ? 9.622   -7.361  4.357   1.00 3.78  ? 43  LYS B O   1 
ATOM   989  C CB  . LYS B 1 45 ? 8.631   -4.204  3.539   1.00 2.21  ? 43  LYS B CB  1 
ATOM   990  C CG  . LYS B 1 45 ? 8.420   -4.947  2.287   1.00 2.09  ? 43  LYS B CG  1 
ATOM   991  C CD  . LYS B 1 45 ? 9.730   -5.397  1.668   1.00 2.00  ? 43  LYS B CD  1 
ATOM   992  C CE  . LYS B 1 45 ? 9.666   -5.461  0.153   1.00 3.18  ? 43  LYS B CE  1 
ATOM   993  N NZ  . LYS B 1 45 ? 8.889   -6.688  -0.370  1.00 6.98  ? 43  LYS B NZ  1 
ATOM   994  N N   . LYS B 1 46 ? 11.125  -5.688  4.633   1.00 4.08  ? 44  LYS B N   1 
ATOM   995  C CA  . LYS B 1 46 ? 12.278  -6.558  4.487   1.00 4.12  ? 44  LYS B CA  1 
ATOM   996  C C   . LYS B 1 46 ? 12.454  -7.583  5.647   1.00 3.26  ? 44  LYS B C   1 
ATOM   997  O O   . LYS B 1 46 ? 12.967  -8.704  5.462   1.00 3.19  ? 44  LYS B O   1 
ATOM   998  C CB  . LYS B 1 46 ? 13.544  -5.705  4.365   1.00 5.20  ? 44  LYS B CB  1 
ATOM   999  C CG  . LYS B 1 46 ? 13.698  -5.077  3.029   1.00 7.19  ? 44  LYS B CG  1 
ATOM   1000 C CD  . LYS B 1 46 ? 14.666  -3.861  3.141   1.00 13.99 ? 44  LYS B CD  1 
ATOM   1001 C CE  . LYS B 1 46 ? 14.457  -2.905  1.896   1.00 16.07 ? 44  LYS B CE  1 
ATOM   1002 N NZ  . LYS B 1 46 ? 15.725  -2.633  1.164   1.00 13.78 ? 44  LYS B NZ  1 
ATOM   1003 N N   . GLU B 1 47 ? 12.022  -7.220  6.843   1.00 2.69  ? 45  GLU B N   1 
ATOM   1004 C CA  . GLU B 1 47 ? 12.076  -8.160  7.936   1.00 2.88  ? 45  GLU B CA  1 
ATOM   1005 C C   . GLU B 1 47 ? 11.081  -9.272  7.713   1.00 2.77  ? 45  GLU B C   1 
ATOM   1006 O O   . GLU B 1 47 ? 11.379  -10.455 7.897   1.00 2.00  ? 45  GLU B O   1 
ATOM   1007 C CB  . GLU B 1 47 ? 11.756  -7.478  9.251   1.00 3.12  ? 45  GLU B CB  1 
ATOM   1008 C CG  . GLU B 1 47 ? 12.902  -6.608  9.698   1.00 10.61 ? 45  GLU B CG  1 
ATOM   1009 C CD  . GLU B 1 47 ? 14.177  -7.401  10.004  1.00 15.72 ? 45  GLU B CD  1 
ATOM   1010 O OE1 . GLU B 1 47 ? 15.232  -6.774  10.182  1.00 17.86 ? 45  GLU B OE1 1 
ATOM   1011 O OE2 . GLU B 1 47 ? 14.144  -8.656  10.050  1.00 19.97 ? 45  GLU B OE2 1 
ATOM   1012 N N   . PHE B 1 48 ? 9.875   -8.905  7.287   1.00 4.40  ? 46  PHE B N   1 
ATOM   1013 C CA  . PHE B 1 48 ? 8.850   -9.966  7.068   1.00 3.83  ? 46  PHE B CA  1 
ATOM   1014 C C   . PHE B 1 48 ? 9.206   -10.866 5.875   1.00 3.57  ? 46  PHE B C   1 
ATOM   1015 O O   . PHE B 1 48 ? 9.085   -12.081 5.981   1.00 3.76  ? 46  PHE B O   1 
ATOM   1016 C CB  . PHE B 1 48 ? 7.471   -9.315  6.932   1.00 3.64  ? 46  PHE B CB  1 
ATOM   1017 C CG  . PHE B 1 48 ? 6.755   -9.247  8.248   1.00 4.46  ? 46  PHE B CG  1 
ATOM   1018 C CD1 . PHE B 1 48 ? 7.305   -8.512  9.303   1.00 2.00  ? 46  PHE B CD1 1 
ATOM   1019 C CD2 . PHE B 1 48 ? 5.589   -10.015 8.476   1.00 7.73  ? 46  PHE B CD2 1 
ATOM   1020 C CE1 . PHE B 1 48 ? 6.700   -8.499  10.583  1.00 2.83  ? 46  PHE B CE1 1 
ATOM   1021 C CE2 . PHE B 1 48 ? 4.929   -9.992  9.751   1.00 7.02  ? 46  PHE B CE2 1 
ATOM   1022 C CZ  . PHE B 1 48 ? 5.494   -9.253  10.816  1.00 5.27  ? 46  PHE B CZ  1 
ATOM   1023 N N   . ASP B 1 49 ? 9.711   -10.333 4.794   1.00 3.37  ? 47  ASP B N   1 
ATOM   1024 C CA  . ASP B 1 49 ? 10.329  -11.157 3.784   1.00 4.09  ? 47  ASP B CA  1 
ATOM   1025 C C   . ASP B 1 49 ? 11.325  -12.112 4.225   1.00 3.82  ? 47  ASP B C   1 
ATOM   1026 O O   . ASP B 1 49 ? 11.251  -13.195 3.822   1.00 4.04  ? 47  ASP B O   1 
ATOM   1027 C CB  . ASP B 1 49 ? 10.941  -10.417 2.621   1.00 3.02  ? 47  ASP B CB  1 
ATOM   1028 C CG  . ASP B 1 49 ? 9.972   -9.820  1.699   1.00 4.99  ? 47  ASP B CG  1 
ATOM   1029 O OD1 . ASP B 1 49 ? 8.841   -10.243 1.535   1.00 10.20 ? 47  ASP B OD1 1 
ATOM   1030 O OD2 . ASP B 1 49 ? 10.405  -8.892  1.110   1.00 4.10  ? 47  ASP B OD2 1 
ATOM   1031 N N   . LYS B 1 50 ? 12.279  -11.667 5.021   1.00 5.34  ? 48  LYS B N   1 
ATOM   1032 C CA  . LYS B 1 50 ? 13.211  -12.537 5.782   1.00 6.39  ? 48  LYS B CA  1 
ATOM   1033 C C   . LYS B 1 50 ? 12.557  -13.595 6.668   1.00 5.84  ? 48  LYS B C   1 
ATOM   1034 O O   . LYS B 1 50 ? 12.861  -14.722 6.565   1.00 5.89  ? 48  LYS B O   1 
ATOM   1035 C CB  . LYS B 1 50 ? 14.165  -11.681 6.683   1.00 7.41  ? 48  LYS B CB  1 
ATOM   1036 C CG  . LYS B 1 50 ? 15.678  -11.681 6.350   1.00 9.62  ? 48  LYS B CG  1 
ATOM   1037 C CD  . LYS B 1 50 ? 16.383  -10.373 6.824   1.00 15.42 ? 48  LYS B CD  1 
ATOM   1038 C CE  . LYS B 1 50 ? 17.409  -10.596 7.951   1.00 12.96 ? 48  LYS B CE  1 
ATOM   1039 N NZ  . LYS B 1 50 ? 18.135  -11.911 7.745   1.00 15.44 ? 48  LYS B NZ  1 
ATOM   1040 N N   . LYS B 1 51 ? 11.672  -13.190 7.558   1.00 6.16  ? 49  LYS B N   1 
ATOM   1041 C CA  . LYS B 1 51 ? 11.103  -14.045 8.562   1.00 7.10  ? 49  LYS B CA  1 
ATOM   1042 C C   . LYS B 1 51 ? 10.085  -14.963 7.939   1.00 7.23  ? 49  LYS B C   1 
ATOM   1043 O O   . LYS B 1 51 ? 10.176  -16.188 8.135   1.00 8.18  ? 49  LYS B O   1 
ATOM   1044 C CB  . LYS B 1 51 ? 10.450  -13.190 9.640   1.00 7.07  ? 49  LYS B CB  1 
ATOM   1045 C CG  . LYS B 1 51 ? 10.206  -13.851 10.938  1.00 13.03 ? 49  LYS B CG  1 
ATOM   1046 C CD  . LYS B 1 51 ? 10.352  -12.847 12.094  1.00 20.49 ? 49  LYS B CD  1 
ATOM   1047 C CE  . LYS B 1 51 ? 11.817  -12.795 12.539  1.00 27.07 ? 49  LYS B CE  1 
ATOM   1048 N NZ  . LYS B 1 51 ? 12.067  -12.244 13.929  1.00 31.19 ? 49  LYS B NZ  1 
ATOM   1049 N N   . TYR B 1 52 ? 9.123   -14.392 7.204   1.00 6.46  ? 50  TYR B N   1 
ATOM   1050 C CA  . TYR B 1 52 ? 7.984   -15.140 6.658   1.00 6.47  ? 50  TYR B CA  1 
ATOM   1051 C C   . TYR B 1 52 ? 7.974   -15.262 5.093   1.00 6.08  ? 50  TYR B C   1 
ATOM   1052 O O   . TYR B 1 52 ? 6.952   -15.507 4.449   1.00 3.87  ? 50  TYR B O   1 
ATOM   1053 C CB  . TYR B 1 52 ? 6.679   -14.508 7.135   1.00 5.68  ? 50  TYR B CB  1 
ATOM   1054 C CG  . TYR B 1 52 ? 6.572   -14.347 8.665   1.00 9.49  ? 50  TYR B CG  1 
ATOM   1055 C CD1 . TYR B 1 52 ? 6.854   -13.127 9.296   1.00 9.46  ? 50  TYR B CD1 1 
ATOM   1056 C CD2 . TYR B 1 52 ? 6.173   -15.432 9.495   1.00 13.53 ? 50  TYR B CD2 1 
ATOM   1057 C CE1 . TYR B 1 52 ? 6.753   -12.966 10.722  1.00 8.27  ? 50  TYR B CE1 1 
ATOM   1058 C CE2 . TYR B 1 52 ? 6.051   -15.285 10.928  1.00 14.48 ? 50  TYR B CE2 1 
ATOM   1059 C CZ  . TYR B 1 52 ? 6.323   -14.045 11.522  1.00 14.47 ? 50  TYR B CZ  1 
ATOM   1060 O OH  . TYR B 1 52 ? 6.218   -13.945 12.920  1.00 13.95 ? 50  TYR B OH  1 
ATOM   1061 N N   . ASN B 1 53 ? 9.136   -15.158 4.473   1.00 6.47  ? 51  ASN B N   1 
ATOM   1062 C CA  . ASN B 1 53 ? 9.163   -15.210 3.000   1.00 5.73  ? 51  ASN B CA  1 
ATOM   1063 C C   . ASN B 1 53 ? 8.365   -14.109 2.290   1.00 6.07  ? 51  ASN B C   1 
ATOM   1064 O O   . ASN B 1 53 ? 7.360   -13.538 2.845   1.00 6.27  ? 51  ASN B O   1 
ATOM   1065 C CB  . ASN B 1 53 ? 8.609   -16.511 2.531   1.00 5.87  ? 51  ASN B CB  1 
ATOM   1066 C CG  . ASN B 1 53 ? 9.271   -17.674 3.224   1.00 5.85  ? 51  ASN B CG  1 
ATOM   1067 O OD1 . ASN B 1 53 ? 10.328  -17.486 3.831   1.00 9.86  ? 51  ASN B OD1 1 
ATOM   1068 N ND2 . ASN B 1 53 ? 8.676   -18.855 3.147   1.00 2.00  ? 51  ASN B ND2 1 
ATOM   1069 N N   . PRO B 1 54 ? 8.794   -13.829 1.043   1.00 4.39  ? 52  PRO B N   1 
ATOM   1070 C CA  . PRO B 1 54 ? 8.226   -12.834 0.202   1.00 2.95  ? 52  PRO B CA  1 
ATOM   1071 C C   . PRO B 1 54 ? 6.851   -13.311 -0.207  1.00 3.05  ? 52  PRO B C   1 
ATOM   1072 O O   . PRO B 1 54 ? 6.594   -14.490 -0.113  1.00 3.13  ? 52  PRO B O   1 
ATOM   1073 C CB  . PRO B 1 54 ? 9.198   -12.792 -1.000  1.00 3.85  ? 52  PRO B CB  1 
ATOM   1074 C CG  . PRO B 1 54 ? 10.365  -13.625 -0.612  1.00 2.41  ? 52  PRO B CG  1 
ATOM   1075 C CD  . PRO B 1 54 ? 9.902   -14.580 0.407   1.00 2.98  ? 52  PRO B CD  1 
ATOM   1076 N N   . THR B 1 55 ? 5.975   -12.427 -0.705  1.00 2.53  ? 53  THR B N   1 
ATOM   1077 C CA  . THR B 1 55 ? 6.315   -11.022 -0.869  1.00 2.29  ? 53  THR B CA  1 
ATOM   1078 C C   . THR B 1 55 ? 5.386   -10.099 -0.088  1.00 2.80  ? 53  THR B C   1 
ATOM   1079 O O   . THR B 1 55 ? 4.136   -10.112 -0.244  1.00 2.46  ? 53  THR B O   1 
ATOM   1080 C CB  . THR B 1 55 ? 6.251   -10.552 -2.337  1.00 3.63  ? 53  THR B CB  1 
ATOM   1081 O OG1 . THR B 1 55 ? 7.040   -11.389 -3.177  1.00 2.95  ? 53  THR B OG1 1 
ATOM   1082 C CG2 . THR B 1 55 ? 6.764   -9.101  -2.451  1.00 2.22  ? 53  THR B CG2 1 
ATOM   1083 N N   . TRP B 1 56 ? 6.008   -9.314  0.784   1.00 2.87  ? 54  TRP B N   1 
ATOM   1084 C CA  . TRP B 1 56 ? 5.251   -8.320  1.603   1.00 2.51  ? 54  TRP B CA  1 
ATOM   1085 C C   . TRP B 1 56 ? 5.272   -6.849  1.061   1.00 2.20  ? 54  TRP B C   1 
ATOM   1086 O O   . TRP B 1 56 ? 6.137   -6.432  0.234   1.00 2.00  ? 54  TRP B O   1 
ATOM   1087 C CB  . TRP B 1 56 ? 5.741   -8.376  3.076   1.00 2.00  ? 54  TRP B CB  1 
ATOM   1088 C CG  . TRP B 1 56 ? 5.536   -9.717  3.743   1.00 2.01  ? 54  TRP B CG  1 
ATOM   1089 C CD1 . TRP B 1 56 ? 6.349   -10.865 3.638   1.00 2.00  ? 54  TRP B CD1 1 
ATOM   1090 C CD2 . TRP B 1 56 ? 4.454   -10.087 4.636   1.00 3.56  ? 54  TRP B CD2 1 
ATOM   1091 N NE1 . TRP B 1 56 ? 5.838   -11.887 4.430   1.00 2.00  ? 54  TRP B NE1 1 
ATOM   1092 C CE2 . TRP B 1 56 ? 4.693   -11.440 5.059   1.00 2.03  ? 54  TRP B CE2 1 
ATOM   1093 C CE3 . TRP B 1 56 ? 3.316   -9.403  5.139   1.00 2.00  ? 54  TRP B CE3 1 
ATOM   1094 C CZ2 . TRP B 1 56 ? 3.807   -12.121 5.932   1.00 4.25  ? 54  TRP B CZ2 1 
ATOM   1095 C CZ3 . TRP B 1 56 ? 2.464   -10.071 6.061   1.00 2.00  ? 54  TRP B CZ3 1 
ATOM   1096 C CH2 . TRP B 1 56 ? 2.709   -11.409 6.433   1.00 3.41  ? 54  TRP B CH2 1 
ATOM   1097 N N   . HIS B 1 57 ? 4.305   -6.080  1.549   1.00 2.43  ? 55  HIS B N   1 
ATOM   1098 C CA  . HIS B 1 57 ? 4.164   -4.653  1.241   1.00 2.41  ? 55  HIS B CA  1 
ATOM   1099 C C   . HIS B 1 57 ? 3.780   -3.971  2.521   1.00 2.49  ? 55  HIS B C   1 
ATOM   1100 O O   . HIS B 1 57 ? 2.956   -4.508  3.324   1.00 2.40  ? 55  HIS B O   1 
ATOM   1101 C CB  . HIS B 1 57 ? 3.148   -4.391  0.087   1.00 2.00  ? 55  HIS B CB  1 
ATOM   1102 C CG  . HIS B 1 57 ? 3.259   -5.399  -1.028  1.00 3.31  ? 55  HIS B CG  1 
ATOM   1103 N ND1 . HIS B 1 57 ? 4.031   -5.245  -2.167  1.00 4.37  ? 55  HIS B ND1 1 
ATOM   1104 C CD2 . HIS B 1 57 ? 2.682   -6.614  -1.127  1.00 2.00  ? 55  HIS B CD2 1 
ATOM   1105 C CE1 . HIS B 1 57 ? 3.900   -6.337  -2.913  1.00 3.26  ? 55  HIS B CE1 1 
ATOM   1106 N NE2 . HIS B 1 57 ? 3.104   -7.184  -2.285  1.00 2.00  ? 55  HIS B NE2 1 
ATOM   1107 N N   . CYS B 1 58 ? 4.383   -2.801  2.725   1.00 2.28  ? 56  CYS B N   1 
ATOM   1108 C CA  . CYS B 1 58 ? 4.106   -2.041  3.917   1.00 2.00  ? 56  CYS B CA  1 
ATOM   1109 C C   . CYS B 1 58 ? 3.910   -0.565  3.645   1.00 2.39  ? 56  CYS B C   1 
ATOM   1110 O O   . CYS B 1 58 ? 4.739   0.067   2.978   1.00 2.00  ? 56  CYS B O   1 
ATOM   1111 C CB  . CYS B 1 58 ? 5.274   -2.224  4.909   1.00 3.48  ? 56  CYS B CB  1 
ATOM   1112 S SG  . CYS B 1 58 ? 5.101   -1.428  6.516   1.00 2.14  ? 56  CYS B SG  1 
ATOM   1113 N N   . ILE B 1 59 ? 2.799   -0.020  4.171   1.00 2.09  ? 57  ILE B N   1 
ATOM   1114 C CA  . ILE B 1 59 ? 2.559   1.438   4.100   1.00 2.37  ? 57  ILE B CA  1 
ATOM   1115 C C   . ILE B 1 59 ? 2.675   2.108   5.500   1.00 2.00  ? 57  ILE B C   1 
ATOM   1116 O O   . ILE B 1 59 ? 2.013   1.683   6.415   1.00 2.16  ? 57  ILE B O   1 
ATOM   1117 C CB  . ILE B 1 59 ? 1.205   1.753   3.445   1.00 2.00  ? 57  ILE B CB  1 
ATOM   1118 C CG1 . ILE B 1 59 ? 1.117   1.236   1.951   1.00 8.22  ? 57  ILE B CG1 1 
ATOM   1119 C CG2 . ILE B 1 59 ? 0.984   3.183   3.419   1.00 2.00  ? 57  ILE B CG2 1 
ATOM   1120 C CD1 . ILE B 1 59 ? 1.442   -0.288  1.574   1.00 3.80  ? 57  ILE B CD1 1 
ATOM   1121 N N   . VAL B 1 60 ? 3.455   3.169   5.625   1.00 2.00  ? 58  VAL B N   1 
ATOM   1122 C CA  . VAL B 1 60 ? 3.554   3.918   6.883   1.00 2.00  ? 58  VAL B CA  1 
ATOM   1123 C C   . VAL B 1 60 ? 3.105   5.369   6.687   1.00 2.00  ? 58  VAL B C   1 
ATOM   1124 O O   . VAL B 1 60 ? 3.597   6.079   5.868   1.00 2.88  ? 58  VAL B O   1 
ATOM   1125 C CB  . VAL B 1 60 ? 4.994   3.820   7.446   1.00 2.00  ? 58  VAL B CB  1 
ATOM   1126 C CG1 . VAL B 1 60 ? 5.125   4.614   8.707   1.00 2.30  ? 58  VAL B CG1 1 
ATOM   1127 C CG2 . VAL B 1 60 ? 5.321   2.382   7.722   1.00 2.00  ? 58  VAL B CG2 1 
ATOM   1128 N N   . GLY B 1 61 ? 2.101   5.795   7.408   1.00 3.42  ? 59  GLY B N   1 
ATOM   1129 C CA  . GLY B 1 61 ? 1.432   7.067   7.071   1.00 3.05  ? 59  GLY B CA  1 
ATOM   1130 C C   . GLY B 1 61 ? 0.573   7.585   8.192   1.00 2.44  ? 59  GLY B C   1 
ATOM   1131 O O   . GLY B 1 61 ? 0.240   6.853   9.069   1.00 2.00  ? 59  GLY B O   1 
ATOM   1132 N N   . ARG B 1 62 ? 0.314   8.892   8.166   1.00 3.63  ? 60  ARG B N   1 
ATOM   1133 C CA  . ARG B 1 62 ? -0.481  9.601   9.163   1.00 4.38  ? 60  ARG B CA  1 
ATOM   1134 C C   . ARG B 1 62 ? -1.839  9.856   8.561   1.00 3.97  ? 60  ARG B C   1 
ATOM   1135 O O   . ARG B 1 62 ? -2.822  10.029  9.283   1.00 4.19  ? 60  ARG B O   1 
ATOM   1136 C CB  . ARG B 1 62 ? 0.126   10.924  9.604   1.00 2.11  ? 60  ARG B CB  1 
ATOM   1137 C CG  . ARG B 1 62 ? 1.441   10.670  10.120  1.00 4.63  ? 60  ARG B CG  1 
ATOM   1138 C CD  . ARG B 1 62 ? 2.099   11.949  10.611  1.00 9.62  ? 60  ARG B CD  1 
ATOM   1139 N NE  . ARG B 1 62 ? 3.123   11.678  11.621  1.00 8.64  ? 60  ARG B NE  1 
ATOM   1140 C CZ  . ARG B 1 62 ? 4.297   11.162  11.318  1.00 8.04  ? 60  ARG B CZ  1 
ATOM   1141 N NH1 . ARG B 1 62 ? 4.539   10.891  10.058  1.00 7.44  ? 60  ARG B NH1 1 
ATOM   1142 N NH2 . ARG B 1 62 ? 5.231   10.972  12.251  1.00 7.61  ? 60  ARG B NH2 1 
ATOM   1143 N N   . ASN B 1 63 ? -1.879  9.926   7.240   1.00 3.01  ? 61  ASN B N   1 
ATOM   1144 C CA  . ASN B 1 63 ? -3.171  10.008  6.582   1.00 3.22  ? 61  ASN B CA  1 
ATOM   1145 C C   . ASN B 1 63 ? -3.308  9.271   5.220   1.00 2.58  ? 61  ASN B C   1 
ATOM   1146 O O   . ASN B 1 63 ? -3.100  9.873   4.132   1.00 2.00  ? 61  ASN B O   1 
ATOM   1147 C CB  . ASN B 1 63 ? -3.579  11.460  6.301   1.00 3.49  ? 61  ASN B CB  1 
ATOM   1148 C CG  . ASN B 1 63 ? -4.973  11.495  5.613   1.00 5.73  ? 61  ASN B CG  1 
ATOM   1149 O OD1 . ASN B 1 63 ? -5.088  11.259  4.431   1.00 12.00 ? 61  ASN B OD1 1 
ATOM   1150 N ND2 . ASN B 1 63 ? -5.998  11.642  6.357   1.00 8.36  ? 61  ASN B ND2 1 
ATOM   1151 N N   . PHE B 1 64 ? -3.765  8.024   5.286   1.00 2.00  ? 62  PHE B N   1 
ATOM   1152 C CA  . PHE B 1 64 ? -4.052  7.344   4.033   1.00 2.10  ? 62  PHE B CA  1 
ATOM   1153 C C   . PHE B 1 64 ? -5.237  6.334   4.136   1.00 2.37  ? 62  PHE B C   1 
ATOM   1154 O O   . PHE B 1 64 ? -5.770  5.996   5.214   1.00 2.41  ? 62  PHE B O   1 
ATOM   1155 C CB  . PHE B 1 64 ? -2.759  6.658   3.510   1.00 2.00  ? 62  PHE B CB  1 
ATOM   1156 C CG  . PHE B 1 64 ? -2.306  5.521   4.342   1.00 2.00  ? 62  PHE B CG  1 
ATOM   1157 C CD1 . PHE B 1 64 ? -2.577  4.233   3.965   1.00 2.00  ? 62  PHE B CD1 1 
ATOM   1158 C CD2 . PHE B 1 64 ? -1.644  5.726   5.549   1.00 2.63  ? 62  PHE B CD2 1 
ATOM   1159 C CE1 . PHE B 1 64 ? -2.178  3.135   4.831   1.00 6.25  ? 62  PHE B CE1 1 
ATOM   1160 C CE2 . PHE B 1 64 ? -1.220  4.648   6.367   1.00 2.23  ? 62  PHE B CE2 1 
ATOM   1161 C CZ  . PHE B 1 64 ? -1.485  3.378   6.026   1.00 2.00  ? 62  PHE B CZ  1 
ATOM   1162 N N   . GLY B 1 65 ? -5.682  5.922   2.974   1.00 2.00  ? 63  GLY B N   1 
ATOM   1163 C CA  . GLY B 1 65 ? -6.512  4.757   2.890   1.00 2.19  ? 63  GLY B CA  1 
ATOM   1164 C C   . GLY B 1 65 ? -6.054  3.850   1.767   1.00 2.00  ? 63  GLY B C   1 
ATOM   1165 O O   . GLY B 1 65 ? -5.214  4.213   0.970   1.00 2.00  ? 63  GLY B O   1 
ATOM   1166 N N   . SER B 1 66 ? -6.679  2.691   1.687   1.00 2.00  ? 64  SER B N   1 
ATOM   1167 C CA  . SER B 1 66 ? -6.247  1.705   0.723   1.00 3.02  ? 64  SER B CA  1 
ATOM   1168 C C   . SER B 1 66 ? -7.294  0.598   0.473   1.00 3.04  ? 64  SER B C   1 
ATOM   1169 O O   . SER B 1 66 ? -8.195  0.300   1.275   1.00 2.29  ? 64  SER B O   1 
ATOM   1170 C CB  . SER B 1 66 ? -4.923  1.087   1.202   1.00 2.00  ? 64  SER B CB  1 
ATOM   1171 O OG  . SER B 1 66 ? -5.221  0.127   2.180   1.00 2.00  ? 64  SER B OG  1 
ATOM   1172 N N   . TYR B 1 67 ? -7.146  0.023   -0.709  1.00 3.80  ? 65  TYR B N   1 
ATOM   1173 C CA  . TYR B 1 67 ? -7.857  -1.197  -1.076  1.00 2.93  ? 65  TYR B CA  1 
ATOM   1174 C C   . TYR B 1 67 ? -6.875  -2.219  -1.683  1.00 2.19  ? 65  TYR B C   1 
ATOM   1175 O O   . TYR B 1 67 ? -6.378  -2.017  -2.799  1.00 2.00  ? 65  TYR B O   1 
ATOM   1176 C CB  . TYR B 1 67 ? -8.997  -0.860  -2.022  1.00 2.00  ? 65  TYR B CB  1 
ATOM   1177 C CG  . TYR B 1 67 ? -9.992  -1.992  -2.133  1.00 2.00  ? 65  TYR B CG  1 
ATOM   1178 C CD1 . TYR B 1 67 ? -10.957 -2.226  -1.133  1.00 2.00  ? 65  TYR B CD1 1 
ATOM   1179 C CD2 . TYR B 1 67 ? -9.923  -2.863  -3.236  1.00 2.00  ? 65  TYR B CD2 1 
ATOM   1180 C CE1 . TYR B 1 67 ? -11.824 -3.290  -1.224  1.00 2.00  ? 65  TYR B CE1 1 
ATOM   1181 C CE2 . TYR B 1 67 ? -10.771 -3.897  -3.357  1.00 2.00  ? 65  TYR B CE2 1 
ATOM   1182 C CZ  . TYR B 1 67 ? -11.732 -4.116  -2.359  1.00 2.00  ? 65  TYR B CZ  1 
ATOM   1183 O OH  . TYR B 1 67 ? -12.609 -5.118  -2.611  1.00 2.00  ? 65  TYR B OH  1 
ATOM   1184 N N   . VAL B 1 68 ? -6.532  -3.245  -0.893  1.00 2.05  ? 66  VAL B N   1 
ATOM   1185 C CA  . VAL B 1 68 ? -5.539  -4.233  -1.372  1.00 2.72  ? 66  VAL B CA  1 
ATOM   1186 C C   . VAL B 1 68 ? -6.058  -5.666  -1.278  1.00 2.21  ? 66  VAL B C   1 
ATOM   1187 O O   . VAL B 1 68 ? -7.128  -5.906  -0.648  1.00 2.90  ? 66  VAL B O   1 
ATOM   1188 C CB  . VAL B 1 68 ? -4.214  -4.131  -0.594  1.00 2.45  ? 66  VAL B CB  1 
ATOM   1189 C CG1 . VAL B 1 68 ? -3.779  -2.710  -0.571  1.00 3.38  ? 66  VAL B CG1 1 
ATOM   1190 C CG2 . VAL B 1 68 ? -4.430  -4.581  0.784   1.00 2.42  ? 66  VAL B CG2 1 
ATOM   1191 N N   . THR B 1 69 ? -5.330  -6.564  -1.940  1.00 2.00  ? 67  THR B N   1 
ATOM   1192 C CA  . THR B 1 69 ? -5.571  -7.992  -1.924  1.00 2.00  ? 67  THR B CA  1 
ATOM   1193 C C   . THR B 1 69 ? -4.418  -8.726  -1.196  1.00 2.39  ? 67  THR B C   1 
ATOM   1194 O O   . THR B 1 69 ? -3.208  -8.456  -1.382  1.00 3.49  ? 67  THR B O   1 
ATOM   1195 C CB  . THR B 1 69 ? -5.783  -8.587  -3.358  1.00 2.00  ? 67  THR B CB  1 
ATOM   1196 O OG1 . THR B 1 69 ? -6.867  -7.920  -4.039  1.00 2.00  ? 67  THR B OG1 1 
ATOM   1197 C CG2 . THR B 1 69 ? -6.020  -10.147 -3.303  1.00 2.00  ? 67  THR B CG2 1 
ATOM   1198 N N   . HIS B 1 70 ? -4.744  -9.665  -0.352  1.00 2.00  ? 68  HIS B N   1 
ATOM   1199 C CA  . HIS B 1 70 ? -3.674  -10.231 0.363   1.00 2.34  ? 68  HIS B CA  1 
ATOM   1200 C C   . HIS B 1 70 ? -3.934  -11.723 0.499   1.00 2.89  ? 68  HIS B C   1 
ATOM   1201 O O   . HIS B 1 70 ? -5.091  -12.191 0.493   1.00 2.28  ? 68  HIS B O   1 
ATOM   1202 C CB  . HIS B 1 70 ? -3.509  -9.544  1.761   1.00 2.00  ? 68  HIS B CB  1 
ATOM   1203 C CG  . HIS B 1 70 ? -4.689  -9.755  2.668   1.00 3.75  ? 68  HIS B CG  1 
ATOM   1204 N ND1 . HIS B 1 70 ? -4.792  -10.852 3.503   1.00 3.26  ? 68  HIS B ND1 1 
ATOM   1205 C CD2 . HIS B 1 70 ? -5.863  -9.069  2.795   1.00 2.57  ? 68  HIS B CD2 1 
ATOM   1206 C CE1 . HIS B 1 70 ? -5.947  -10.802 4.148   1.00 2.18  ? 68  HIS B CE1 1 
ATOM   1207 N NE2 . HIS B 1 70 ? -6.611  -9.731  3.740   1.00 2.70  ? 68  HIS B NE2 1 
ATOM   1208 N N   . GLU B 1 71 ? -2.854  -12.468 0.684   1.00 3.56  ? 69  GLU B N   1 
ATOM   1209 C CA  . GLU B 1 71 ? -2.984  -13.850 1.007   1.00 5.28  ? 69  GLU B CA  1 
ATOM   1210 C C   . GLU B 1 71 ? -3.783  -13.953 2.251   1.00 5.65  ? 69  GLU B C   1 
ATOM   1211 O O   . GLU B 1 71 ? -3.623  -13.112 3.161   1.00 6.23  ? 69  GLU B O   1 
ATOM   1212 C CB  . GLU B 1 71 ? -1.614  -14.423 1.241   1.00 6.50  ? 69  GLU B CB  1 
ATOM   1213 C CG  . GLU B 1 71 ? -1.555  -15.935 1.261   1.00 5.68  ? 69  GLU B CG  1 
ATOM   1214 C CD  . GLU B 1 71 ? -0.140  -16.380 1.439   1.00 5.85  ? 69  GLU B CD  1 
ATOM   1215 O OE1 . GLU B 1 71 ? 0.132   -17.391 2.050   1.00 11.31 ? 69  GLU B OE1 1 
ATOM   1216 O OE2 . GLU B 1 71 ? 0.743   -15.702 0.967   1.00 7.81  ? 69  GLU B OE2 1 
ATOM   1217 N N   . THR B 1 72 ? -4.703  -14.910 2.288   1.00 6.37  ? 70  THR B N   1 
ATOM   1218 C CA  . THR B 1 72 ? -5.494  -15.173 3.505   1.00 7.04  ? 70  THR B CA  1 
ATOM   1219 C C   . THR B 1 72 ? -4.524  -15.315 4.666   1.00 5.48  ? 70  THR B C   1 
ATOM   1220 O O   . THR B 1 72 ? -3.421  -15.775 4.437   1.00 5.92  ? 70  THR B O   1 
ATOM   1221 C CB  . THR B 1 72 ? -6.397  -16.399 3.303   1.00 7.51  ? 70  THR B CB  1 
ATOM   1222 O OG1 . THR B 1 72 ? -7.207  -16.682 4.464   1.00 13.55 ? 70  THR B OG1 1 
ATOM   1223 C CG2 . THR B 1 72 ? -5.526  -17.606 3.036   1.00 10.37 ? 70  THR B CG2 1 
ATOM   1224 N N   . ARG B 1 73 ? -4.911  -14.889 5.877   1.00 4.98  ? 71  ARG B N   1 
ATOM   1225 C CA  . ARG B 1 73 ? -4.121  -15.029 7.142   1.00 4.05  ? 71  ARG B CA  1 
ATOM   1226 C C   . ARG B 1 73 ? -2.777  -14.191 7.131   1.00 4.79  ? 71  ARG B C   1 
ATOM   1227 O O   . ARG B 1 73 ? -1.891  -14.364 7.966   1.00 4.11  ? 71  ARG B O   1 
ATOM   1228 C CB  . ARG B 1 73 ? -3.880  -16.520 7.497   1.00 2.35  ? 71  ARG B CB  1 
ATOM   1229 C CG  . ARG B 1 73 ? -5.152  -17.295 7.931   1.00 2.00  ? 71  ARG B CG  1 
ATOM   1230 C CD  . ARG B 1 73 ? -5.653  -16.926 9.326   1.00 2.00  ? 71  ARG B CD  1 
ATOM   1231 N NE  . ARG B 1 73 ? -4.768  -17.423 10.380  1.00 2.00  ? 71  ARG B NE  1 
ATOM   1232 C CZ  . ARG B 1 73 ? -4.775  -17.041 11.652  1.00 2.00  ? 71  ARG B CZ  1 
ATOM   1233 N NH1 . ARG B 1 73 ? -5.655  -16.129 12.105  1.00 2.00  ? 71  ARG B NH1 1 
ATOM   1234 N NH2 . ARG B 1 73 ? -3.873  -17.574 12.493  1.00 2.00  ? 71  ARG B NH2 1 
ATOM   1235 N N   . HIS B 1 74 ? -2.634  -13.263 6.189   1.00 5.65  ? 72  HIS B N   1 
ATOM   1236 C CA  . HIS B 1 74 ? -1.422  -12.452 6.151   1.00 5.76  ? 72  HIS B CA  1 
ATOM   1237 C C   . HIS B 1 74 ? -1.687  -10.957 5.872   1.00 6.43  ? 72  HIS B C   1 
ATOM   1238 O O   . HIS B 1 74 ? -1.191  -10.364 4.864   1.00 6.94  ? 72  HIS B O   1 
ATOM   1239 C CB  . HIS B 1 74 ? -0.507  -13.015 5.093   1.00 4.04  ? 72  HIS B CB  1 
ATOM   1240 C CG  . HIS B 1 74 ? -0.188  -14.450 5.313   1.00 7.30  ? 72  HIS B CG  1 
ATOM   1241 N ND1 . HIS B 1 74 ? -1.135  -15.454 5.162   1.00 7.41  ? 72  HIS B ND1 1 
ATOM   1242 C CD2 . HIS B 1 74 ? 0.974   -15.062 5.666   1.00 4.46  ? 72  HIS B CD2 1 
ATOM   1243 C CE1 . HIS B 1 74 ? -0.564  -16.625 5.401   1.00 8.17  ? 72  HIS B CE1 1 
ATOM   1244 N NE2 . HIS B 1 74 ? 0.711   -16.410 5.707   1.00 8.96  ? 72  HIS B NE2 1 
ATOM   1245 N N   . PHE B 1 75 ? -2.416  -10.319 6.782   1.00 5.94  ? 73  PHE B N   1 
ATOM   1246 C CA  . PHE B 1 75 ? -2.649  -8.900  6.651   1.00 5.37  ? 73  PHE B CA  1 
ATOM   1247 C C   . PHE B 1 75 ? -2.922  -8.324  7.956   1.00 5.69  ? 73  PHE B C   1 
ATOM   1248 O O   . PHE B 1 75 ? -3.657  -8.940  8.751   1.00 6.50  ? 73  PHE B O   1 
ATOM   1249 C CB  . PHE B 1 75 ? -3.883  -8.665  5.811   1.00 6.77  ? 73  PHE B CB  1 
ATOM   1250 C CG  . PHE B 1 75 ? -4.775  -7.503  6.276   1.00 6.60  ? 73  PHE B CG  1 
ATOM   1251 C CD1 . PHE B 1 75 ? -5.825  -7.709  7.158   1.00 6.53  ? 73  PHE B CD1 1 
ATOM   1252 C CD2 . PHE B 1 75 ? -4.598  -6.224  5.770   1.00 5.91  ? 73  PHE B CD2 1 
ATOM   1253 C CE1 . PHE B 1 75 ? -6.675  -6.675  7.506   1.00 8.49  ? 73  PHE B CE1 1 
ATOM   1254 C CE2 . PHE B 1 75 ? -5.449  -5.175  6.162   1.00 7.05  ? 73  PHE B CE2 1 
ATOM   1255 C CZ  . PHE B 1 75 ? -6.467  -5.388  7.016   1.00 4.93  ? 73  PHE B CZ  1 
ATOM   1256 N N   . ILE B 1 76 ? -2.379  -7.130  8.189   1.00 4.61  ? 74  ILE B N   1 
ATOM   1257 C CA  . ILE B 1 76 ? -2.588  -6.423  9.432   1.00 5.16  ? 74  ILE B CA  1 
ATOM   1258 C C   . ILE B 1 76 ? -2.560  -4.912  9.143   1.00 5.81  ? 74  ILE B C   1 
ATOM   1259 O O   . ILE B 1 76 ? -1.746  -4.433  8.315   1.00 7.17  ? 74  ILE B O   1 
ATOM   1260 C CB  . ILE B 1 76 ? -1.543  -6.820  10.514  1.00 4.57  ? 74  ILE B CB  1 
ATOM   1261 C CG1 . ILE B 1 76 ? -1.902  -6.276  11.923  1.00 3.67  ? 74  ILE B CG1 1 
ATOM   1262 C CG2 . ILE B 1 76 ? -0.196  -6.329  10.084  1.00 6.19  ? 74  ILE B CG2 1 
ATOM   1263 C CD1 . ILE B 1 76 ? -0.922  -6.441  13.054  1.00 2.00  ? 74  ILE B CD1 1 
ATOM   1264 N N   . TYR B 1 77 ? -3.452  -4.181  9.802   1.00 5.41  ? 75  TYR B N   1 
ATOM   1265 C CA  . TYR B 1 77 ? -3.403  -2.725  9.818   1.00 4.42  ? 75  TYR B CA  1 
ATOM   1266 C C   . TYR B 1 77 ? -3.616  -2.194  11.231  1.00 4.19  ? 75  TYR B C   1 
ATOM   1267 O O   . TYR B 1 77 ? -4.551  -2.596  11.925  1.00 4.05  ? 75  TYR B O   1 
ATOM   1268 C CB  . TYR B 1 77 ? -4.455  -2.144  8.872   1.00 4.40  ? 75  TYR B CB  1 
ATOM   1269 C CG  . TYR B 1 77 ? -4.637  -0.649  9.002   1.00 2.00  ? 75  TYR B CG  1 
ATOM   1270 C CD1 . TYR B 1 77 ? -3.664  0.231   8.545   1.00 2.00  ? 75  TYR B CD1 1 
ATOM   1271 C CD2 . TYR B 1 77 ? -5.781  -0.117  9.582   1.00 3.43  ? 75  TYR B CD2 1 
ATOM   1272 C CE1 . TYR B 1 77 ? -3.826  1.598   8.661   1.00 2.00  ? 75  TYR B CE1 1 
ATOM   1273 C CE2 . TYR B 1 77 ? -5.951  1.250   9.703   1.00 2.00  ? 75  TYR B CE2 1 
ATOM   1274 C CZ  . TYR B 1 77 ? -4.971  2.102   9.241   1.00 2.96  ? 75  TYR B CZ  1 
ATOM   1275 O OH  . TYR B 1 77 ? -5.137  3.463   9.359   1.00 3.80  ? 75  TYR B OH  1 
ATOM   1276 N N   . PHE B 1 78 ? -2.741  -1.287  11.648  1.00 4.19  ? 76  PHE B N   1 
ATOM   1277 C CA  . PHE B 1 78 ? -2.651  -0.863  13.062  1.00 2.51  ? 76  PHE B CA  1 
ATOM   1278 C C   . PHE B 1 78 ? -2.015  0.517   13.214  1.00 2.13  ? 76  PHE B C   1 
ATOM   1279 O O   . PHE B 1 78 ? -1.415  1.020   12.268  1.00 2.11  ? 76  PHE B O   1 
ATOM   1280 C CB  . PHE B 1 78 ? -1.881  -1.906  13.949  1.00 2.47  ? 76  PHE B CB  1 
ATOM   1281 C CG  . PHE B 1 78 ? -0.390  -2.154  13.593  1.00 2.59  ? 76  PHE B CG  1 
ATOM   1282 C CD1 . PHE B 1 78 ? -0.027  -2.958  12.500  1.00 5.44  ? 76  PHE B CD1 1 
ATOM   1283 C CD2 . PHE B 1 78 ? 0.653   -1.676  14.438  1.00 2.00  ? 76  PHE B CD2 1 
ATOM   1284 C CE1 . PHE B 1 78 ? 1.373   -3.239  12.224  1.00 6.10  ? 76  PHE B CE1 1 
ATOM   1285 C CE2 . PHE B 1 78 ? 2.018   -1.960  14.209  1.00 2.00  ? 76  PHE B CE2 1 
ATOM   1286 C CZ  . PHE B 1 78 ? 2.393   -2.713  13.110  1.00 2.79  ? 76  PHE B CZ  1 
ATOM   1287 N N   . TYR B 1 79 ? -2.107  1.085   14.410  1.00 2.00  ? 77  TYR B N   1 
ATOM   1288 C CA  . TYR B 1 79 ? -1.521  2.385   14.717  1.00 3.74  ? 77  TYR B CA  1 
ATOM   1289 C C   . TYR B 1 79 ? -0.506  2.172   15.721  1.00 2.45  ? 77  TYR B C   1 
ATOM   1290 O O   . TYR B 1 79 ? -0.783  1.465   16.681  1.00 2.65  ? 77  TYR B O   1 
ATOM   1291 C CB  . TYR B 1 79 ? -2.529  3.365   15.312  1.00 2.63  ? 77  TYR B CB  1 
ATOM   1292 C CG  . TYR B 1 79 ? -3.604  3.761   14.371  1.00 8.85  ? 77  TYR B CG  1 
ATOM   1293 C CD1 . TYR B 1 79 ? -3.400  4.789   13.442  1.00 18.06 ? 77  TYR B CD1 1 
ATOM   1294 C CD2 . TYR B 1 79 ? -4.839  3.163   14.423  1.00 18.28 ? 77  TYR B CD2 1 
ATOM   1295 C CE1 . TYR B 1 79 ? -4.402  5.179   12.548  1.00 24.52 ? 77  TYR B CE1 1 
ATOM   1296 C CE2 . TYR B 1 79 ? -5.871  3.552   13.538  1.00 24.60 ? 77  TYR B CE2 1 
ATOM   1297 C CZ  . TYR B 1 79 ? -5.646  4.551   12.605  1.00 26.48 ? 77  TYR B CZ  1 
ATOM   1298 O OH  . TYR B 1 79 ? -6.676  4.933   11.755  1.00 31.90 ? 77  TYR B OH  1 
ATOM   1299 N N   . LEU B 1 80 ? 0.646   2.790   15.552  1.00 3.72  ? 78  LEU B N   1 
ATOM   1300 C CA  . LEU B 1 80 ? 1.710   2.771   16.543  1.00 4.13  ? 78  LEU B CA  1 
ATOM   1301 C C   . LEU B 1 80 ? 2.310   4.201   16.642  1.00 5.22  ? 78  LEU B C   1 
ATOM   1302 O O   . LEU B 1 80 ? 2.634   4.888   15.686  1.00 5.92  ? 78  LEU B O   1 
ATOM   1303 C CB  . LEU B 1 80 ? 2.736   1.642   16.217  1.00 4.33  ? 78  LEU B CB  1 
ATOM   1304 C CG  . LEU B 1 80 ? 3.967   1.368   17.153  1.00 2.00  ? 78  LEU B CG  1 
ATOM   1305 C CD1 . LEU B 1 80 ? 3.468   0.714   18.394  1.00 4.00  ? 78  LEU B CD1 1 
ATOM   1306 C CD2 . LEU B 1 80 ? 4.950   0.475   16.584  1.00 2.00  ? 78  LEU B CD2 1 
ATOM   1307 N N   . GLY B 1 81 ? 2.464   4.736   17.799  1.00 7.41  ? 79  GLY B N   1 
ATOM   1308 C CA  . GLY B 1 81 ? 3.023   6.078   17.740  1.00 8.73  ? 79  GLY B CA  1 
ATOM   1309 C C   . GLY B 1 81 ? 1.952   6.968   17.117  1.00 8.99  ? 79  GLY B C   1 
ATOM   1310 O O   . GLY B 1 81 ? 0.746   6.847   17.444  1.00 10.60 ? 79  GLY B O   1 
ATOM   1311 N N   . GLN B 1 82 ? 2.396   7.879   16.261  1.00 7.91  ? 80  GLN B N   1 
ATOM   1312 C CA  . GLN B 1 82 ? 1.513   8.780   15.546  1.00 7.00  ? 80  GLN B CA  1 
ATOM   1313 C C   . GLN B 1 82 ? 1.324   8.338   14.100  1.00 5.77  ? 80  GLN B C   1 
ATOM   1314 O O   . GLN B 1 82 ? 0.901   9.105   13.304  1.00 4.85  ? 80  GLN B O   1 
ATOM   1315 C CB  . GLN B 1 82 ? 2.059   10.222  15.597  1.00 8.40  ? 80  GLN B CB  1 
ATOM   1316 C CG  . GLN B 1 82 ? 3.581   10.374  15.524  1.00 8.29  ? 80  GLN B CG  1 
ATOM   1317 C CD  . GLN B 1 82 ? 4.009   11.827  15.612  1.00 9.76  ? 80  GLN B CD  1 
ATOM   1318 O OE1 . GLN B 1 82 ? 4.578   12.361  14.651  1.00 14.13 ? 80  GLN B OE1 1 
ATOM   1319 N NE2 . GLN B 1 82 ? 3.747   12.473  16.728  1.00 6.28  ? 80  GLN B NE2 1 
ATOM   1320 N N   . VAL B 1 83 ? 1.559   7.071   13.811  1.00 4.70  ? 81  VAL B N   1 
ATOM   1321 C CA  . VAL B 1 83 ? 1.369   6.557   12.485  1.00 4.52  ? 81  VAL B CA  1 
ATOM   1322 C C   . VAL B 1 83 ? 0.497   5.276   12.446  1.00 3.49  ? 81  VAL B C   1 
ATOM   1323 O O   . VAL B 1 83 ? 0.259   4.620   13.497  1.00 2.00  ? 81  VAL B O   1 
ATOM   1324 C CB  . VAL B 1 83 ? 2.800   6.342   11.864  1.00 4.88  ? 81  VAL B CB  1 
ATOM   1325 C CG1 . VAL B 1 83 ? 3.541   5.183   12.554  1.00 7.74  ? 81  VAL B CG1 1 
ATOM   1326 C CG2 . VAL B 1 83 ? 2.727   6.025   10.463  1.00 4.21  ? 81  VAL B CG2 1 
ATOM   1327 N N   . ALA B 1 84 ? -0.012  5.023   11.230  1.00 2.64  ? 82  ALA B N   1 
ATOM   1328 C CA  . ALA B 1 84 ? -0.790  3.863   10.844  1.00 2.84  ? 82  ALA B CA  1 
ATOM   1329 C C   . ALA B 1 84 ? 0.085   2.977   9.941   1.00 3.38  ? 82  ALA B C   1 
ATOM   1330 O O   . ALA B 1 84 ? 0.789   3.449   9.010   1.00 3.16  ? 82  ALA B O   1 
ATOM   1331 C CB  . ALA B 1 84 ? -2.122  4.252   10.178  1.00 2.00  ? 82  ALA B CB  1 
ATOM   1332 N N   . ILE B 1 85 ? 0.111   1.690   10.272  1.00 4.38  ? 83  ILE B N   1 
ATOM   1333 C CA  . ILE B 1 85 ? 0.911   0.736   9.512   1.00 4.78  ? 83  ILE B CA  1 
ATOM   1334 C C   . ILE B 1 85 ? 0.023   -0.314  8.773   1.00 5.37  ? 83  ILE B C   1 
ATOM   1335 O O   . ILE B 1 85 ? -0.913  -0.923  9.364   1.00 5.73  ? 83  ILE B O   1 
ATOM   1336 C CB  . ILE B 1 85 ? 1.935   0.023   10.412  1.00 5.20  ? 83  ILE B CB  1 
ATOM   1337 C CG1 . ILE B 1 85 ? 2.907   1.010   11.032  1.00 5.10  ? 83  ILE B CG1 1 
ATOM   1338 C CG2 . ILE B 1 85 ? 2.785   -0.919  9.652   1.00 3.04  ? 83  ILE B CG2 1 
ATOM   1339 C CD1 . ILE B 1 85 ? 2.467   1.459   12.312  1.00 10.03 ? 83  ILE B CD1 1 
ATOM   1340 N N   . LEU B 1 86 ? 0.330   -0.531  7.509   1.00 3.57  ? 84  LEU B N   1 
ATOM   1341 C CA  . LEU B 1 86 ? -0.336  -1.589  6.788   1.00 3.90  ? 84  LEU B CA  1 
ATOM   1342 C C   . LEU B 1 86 ? 0.683   -2.574  6.290   1.00 3.44  ? 84  LEU B C   1 
ATOM   1343 O O   . LEU B 1 86 ? 1.608   -2.232  5.576   1.00 3.19  ? 84  LEU B O   1 
ATOM   1344 C CB  . LEU B 1 86 ? -1.125  -1.027  5.605   1.00 4.34  ? 84  LEU B CB  1 
ATOM   1345 C CG  . LEU B 1 86 ? -1.737  -2.026  4.612   1.00 3.03  ? 84  LEU B CG  1 
ATOM   1346 C CD1 . LEU B 1 86 ? -2.721  -3.032  5.244   1.00 2.00  ? 84  LEU B CD1 1 
ATOM   1347 C CD2 . LEU B 1 86 ? -2.435  -1.287  3.388   1.00 3.08  ? 84  LEU B CD2 1 
ATOM   1348 N N   . LEU B 1 87 ? 0.556   -3.823  6.720   1.00 3.10  ? 85  LEU B N   1 
ATOM   1349 C CA  . LEU B 1 87 ? 1.544   -4.810  6.369   1.00 2.00  ? 85  LEU B CA  1 
ATOM   1350 C C   . LEU B 1 87 ? 0.742   -5.978  5.815   1.00 2.00  ? 85  LEU B C   1 
ATOM   1351 O O   . LEU B 1 87 ? -0.212  -6.397  6.383   1.00 2.00  ? 85  LEU B O   1 
ATOM   1352 C CB  . LEU B 1 87 ? 2.470   -5.162  7.579   1.00 2.00  ? 85  LEU B CB  1 
ATOM   1353 C CG  . LEU B 1 87 ? 3.487   -6.324  7.442   1.00 2.00  ? 85  LEU B CG  1 
ATOM   1354 C CD1 . LEU B 1 87 ? 4.582   -6.040  6.366   1.00 2.00  ? 85  LEU B CD1 1 
ATOM   1355 C CD2 . LEU B 1 87 ? 4.115   -6.707  8.805   1.00 2.00  ? 85  LEU B CD2 1 
ATOM   1356 N N   . PHE B 1 88 ? 1.093   -6.455  4.648   1.00 2.57  ? 86  PHE B N   1 
ATOM   1357 C CA  . PHE B 1 88 ? 0.343   -7.553  4.060   1.00 3.09  ? 86  PHE B CA  1 
ATOM   1358 C C   . PHE B 1 88 ? 1.151   -8.238  2.975   1.00 4.08  ? 86  PHE B C   1 
ATOM   1359 O O   . PHE B 1 88 ? 2.138   -7.749  2.486   1.00 3.13  ? 86  PHE B O   1 
ATOM   1360 C CB  . PHE B 1 88 ? -1.002  -7.073  3.480   1.00 2.71  ? 86  PHE B CB  1 
ATOM   1361 C CG  . PHE B 1 88 ? -0.900  -6.306  2.226   1.00 4.24  ? 86  PHE B CG  1 
ATOM   1362 C CD1 . PHE B 1 88 ? -0.668  -4.928  2.244   1.00 4.60  ? 86  PHE B CD1 1 
ATOM   1363 C CD2 . PHE B 1 88 ? -1.080  -6.954  0.984   1.00 3.97  ? 86  PHE B CD2 1 
ATOM   1364 C CE1 . PHE B 1 88 ? -0.581  -4.216  1.016   1.00 3.28  ? 86  PHE B CE1 1 
ATOM   1365 C CE2 . PHE B 1 88 ? -0.997  -6.274  -0.173  1.00 2.00  ? 86  PHE B CE2 1 
ATOM   1366 C CZ  . PHE B 1 88 ? -0.777  -4.886  -0.156  1.00 2.78  ? 86  PHE B CZ  1 
ATOM   1367 N N   . LYS B 1 89 ? 0.743   -9.455  2.632   1.00 6.05  ? 87  LYS B N   1 
ATOM   1368 C CA  . LYS B 1 89 ? 1.543   -10.236 1.748   1.00 6.01  ? 87  LYS B CA  1 
ATOM   1369 C C   . LYS B 1 89 ? 0.684   -10.494 0.593   1.00 6.48  ? 87  LYS B C   1 
ATOM   1370 O O   . LYS B 1 89 ? -0.487  -10.727 0.780   1.00 5.95  ? 87  LYS B O   1 
ATOM   1371 C CB  . LYS B 1 89 ? 1.945   -11.535 2.426   1.00 6.52  ? 87  LYS B CB  1 
ATOM   1372 C CG  . LYS B 1 89 ? 2.691   -12.551 1.500   1.00 4.92  ? 87  LYS B CG  1 
ATOM   1373 C CD  . LYS B 1 89 ? 3.189   -13.745 2.298   1.00 2.00  ? 87  LYS B CD  1 
ATOM   1374 C CE  . LYS B 1 89 ? 3.700   -14.804 1.352   1.00 2.00  ? 87  LYS B CE  1 
ATOM   1375 N NZ  . LYS B 1 89 ? 4.858   -15.540 1.884   1.00 3.21  ? 87  LYS B NZ  1 
ATOM   1376 N N   . SER B 1 90 ? 1.286   -10.432 -0.597  1.00 6.99  ? 88  SER B N   1 
ATOM   1377 C CA  . SER B 1 90 ? 0.654   -10.595 -1.891  1.00 7.29  ? 88  SER B CA  1 
ATOM   1378 C C   . SER B 1 90 ? 1.685   -10.729 -2.992  1.00 8.02  ? 88  SER B C   1 
ATOM   1379 O O   . SER B 1 90 ? 2.448   -9.770  -3.229  1.00 8.34  ? 88  SER B O   1 
ATOM   1380 C CB  . SER B 1 90 ? -0.182  -9.411  -2.279  1.00 7.40  ? 88  SER B CB  1 
ATOM   1381 O OG  . SER B 1 90 ? -0.792  -9.693  -3.530  1.00 9.42  ? 88  SER B OG  1 
ATOM   1382 N N   . GLY B 1 91 ? 1.693   -11.860 -3.689  1.00 7.83  ? 89  GLY B N   1 
ATOM   1383 C CA  . GLY B 1 91 ? 2.800   -12.213 -4.565  1.00 10.14 ? 89  GLY B CA  1 
ATOM   1384 C C   . GLY B 1 91 ? 3.946   -12.809 -3.743  1.00 11.99 ? 89  GLY B C   1 
ATOM   1385 O O   . GLY B 1 91 ? 4.992   -13.068 -4.381  1.00 11.87 ? 89  GLY B O   1 
ATOM   1386 O OXT . GLY B 1 91 ? 3.828   -13.010 -2.480  1.00 11.65 ? 89  GLY B OXT 1 
ATOM   1387 N N   . PRO C 2 2  ? 9.719   -11.493 -12.713 1.00 5.58  ? 213 PRO C N   1 
ATOM   1388 C CA  . PRO C 2 2  ? 9.473   -10.153 -13.256 1.00 6.15  ? 213 PRO C CA  1 
ATOM   1389 C C   . PRO C 2 2  ? 9.100   -9.142  -12.167 1.00 5.52  ? 213 PRO C C   1 
ATOM   1390 O O   . PRO C 2 2  ? 7.929   -8.774  -12.128 1.00 6.65  ? 213 PRO C O   1 
ATOM   1391 C CB  . PRO C 2 2  ? 8.377   -10.270 -14.368 1.00 7.09  ? 213 PRO C CB  1 
ATOM   1392 N N   . THR C 2 3  ? 10.061  -8.673  -11.333 1.00 4.57  ? 214 THR C N   1 
ATOM   1393 C CA  . THR C 2 3  ? 9.780   -7.885  -10.083 1.00 4.39  ? 214 THR C CA  1 
ATOM   1394 C C   . THR C 2 3  ? 10.775  -6.814  -9.676  1.00 4.35  ? 214 THR C C   1 
ATOM   1395 O O   . THR C 2 3  ? 11.967  -7.002  -9.937  1.00 3.42  ? 214 THR C O   1 
ATOM   1396 C CB  . THR C 2 3  ? 9.700   -8.837  -8.879  1.00 5.10  ? 214 THR C CB  1 
ATOM   1397 O OG1 . THR C 2 3  ? 8.433   -9.480  -8.936  1.00 5.04  ? 214 THR C OG1 1 
ATOM   1398 C CG2 . THR C 2 3  ? 9.802   -8.092  -7.588  1.00 4.93  ? 214 THR C CG2 1 
ATOM   1399 N N   . ARG C 2 4  ? 10.278  -5.742  -9.002  1.00 4.29  ? 215 ARG C N   1 
ATOM   1400 C CA  . ARG C 2 4  ? 11.066  -4.606  -8.480  1.00 4.40  ? 215 ARG C CA  1 
ATOM   1401 C C   . ARG C 2 4  ? 10.645  -4.138  -7.082  1.00 4.28  ? 215 ARG C C   1 
ATOM   1402 O O   . ARG C 2 4  ? 9.479   -4.197  -6.760  1.00 5.64  ? 215 ARG C O   1 
ATOM   1403 C CB  . ARG C 2 4  ? 10.979  -3.402  -9.426  1.00 4.73  ? 215 ARG C CB  1 
ATOM   1404 C CG  . ARG C 2 4  ? 11.666  -3.527  -10.805 1.00 4.16  ? 215 ARG C CG  1 
ATOM   1405 C CD  . ARG C 2 4  ? 11.906  -2.097  -11.352 1.00 5.28  ? 215 ARG C CD  1 
ATOM   1406 N NE  . ARG C 2 4  ? 12.897  -2.037  -12.396 1.00 6.28  ? 215 ARG C NE  1 
ATOM   1407 C CZ  . ARG C 2 4  ? 12.583  -2.253  -13.679 1.00 12.61 ? 215 ARG C CZ  1 
ATOM   1408 N NH1 . ARG C 2 4  ? 11.296  -2.504  -14.003 1.00 11.08 ? 215 ARG C NH1 1 
ATOM   1409 N NH2 . ARG C 2 4  ? 13.525  -2.204  -14.642 1.00 6.68  ? 215 ARG C NH2 1 
ATOM   1410 N N   . ASP C 2 5  ? 11.579  -3.621  -6.281  1.00 4.07  ? 216 ASP C N   1 
ATOM   1411 C CA  . ASP C 2 5  ? 11.278  -3.081  -4.969  1.00 3.83  ? 216 ASP C CA  1 
ATOM   1412 C C   . ASP C 2 5  ? 11.388  -1.621  -5.058  1.00 4.10  ? 216 ASP C C   1 
ATOM   1413 O O   . ASP C 2 5  ? 12.471  -1.099  -5.454  1.00 5.72  ? 216 ASP C O   1 
ATOM   1414 C CB  . ASP C 2 5  ? 12.253  -3.551  -3.882  1.00 3.25  ? 216 ASP C CB  1 
ATOM   1415 C CG  . ASP C 2 5  ? 12.186  -5.025  -3.641  1.00 3.94  ? 216 ASP C CG  1 
ATOM   1416 O OD1 . ASP C 2 5  ? 11.076  -5.591  -3.782  1.00 2.00  ? 216 ASP C OD1 1 
ATOM   1417 O OD2 . ASP C 2 5  ? 13.238  -5.633  -3.293  1.00 4.98  ? 216 ASP C OD2 1 
ATOM   1418 N N   . VAL C 2 6  ? 10.354  -0.923  -4.612  1.00 2.29  ? 217 VAL C N   1 
ATOM   1419 C CA  . VAL C 2 6  ? 10.429  0.553   -4.708  1.00 2.59  ? 217 VAL C CA  1 
ATOM   1420 C C   . VAL C 2 6  ? 9.833   1.153   -3.437  1.00 2.58  ? 217 VAL C C   1 
ATOM   1421 O O   . VAL C 2 6  ? 8.865   0.599   -2.935  1.00 2.57  ? 217 VAL C O   1 
ATOM   1422 C CB  . VAL C 2 6  ? 9.752   1.128   -5.984  1.00 2.00  ? 217 VAL C CB  1 
ATOM   1423 C CG1 . VAL C 2 6  ? 8.284   0.981   -5.808  1.00 2.00  ? 217 VAL C CG1 1 
ATOM   1424 C CG2 . VAL C 2 6  ? 10.204  2.590   -6.244  1.00 2.00  ? 217 VAL C CG2 1 
ATOM   1425 N N   . ALA C 2 7  ? 10.485  2.197   -2.896  1.00 2.93  ? 218 ALA C N   1 
ATOM   1426 C CA  . ALA C 2 7  ? 9.871   3.150   -1.931  1.00 4.60  ? 218 ALA C CA  1 
ATOM   1427 C C   . ALA C 2 7  ? 9.185   4.382   -2.571  1.00 4.60  ? 218 ALA C C   1 
ATOM   1428 O O   . ALA C 2 7  ? 9.663   4.951   -3.573  1.00 4.71  ? 218 ALA C O   1 
ATOM   1429 C CB  . ALA C 2 7  ? 10.907  3.640   -0.929  1.00 3.70  ? 218 ALA C CB  1 
ATOM   1430 N N   . THR C 2 8  ? 8.062   4.780   -1.968  1.00 5.45  ? 219 THR C N   1 
ATOM   1431 C CA  . THR C 2 8  ? 7.388   6.083   -2.234  1.00 3.72  ? 219 THR C CA  1 
ATOM   1432 C C   . THR C 2 8  ? 7.470   6.939   -0.998  1.00 2.48  ? 219 THR C C   1 
ATOM   1433 O O   . THR C 2 8  ? 7.332   6.470   0.107   1.00 2.00  ? 219 THR C O   1 
ATOM   1434 C CB  . THR C 2 8  ? 5.920   5.867   -2.746  1.00 4.54  ? 219 THR C CB  1 
ATOM   1435 O OG1 . THR C 2 8  ? 5.008   5.414   -1.706  1.00 7.67  ? 219 THR C OG1 1 
ATOM   1436 C CG2 . THR C 2 8  ? 5.873   4.858   -3.964  1.00 2.00  ? 219 THR C CG2 1 
ATOM   1437 N N   . SER C 2 9  ? 7.691   8.213   -1.224  1.00 3.82  ? 220 SER C N   1 
ATOM   1438 C CA  . SER C 2 9  ? 7.662   9.337   -0.227  1.00 2.80  ? 220 SER C CA  1 
ATOM   1439 C C   . SER C 2 9  ? 6.489   10.324  -0.321  1.00 2.00  ? 220 SER C C   1 
ATOM   1440 O O   . SER C 2 9  ? 6.102   10.712  -1.419  1.00 3.20  ? 220 SER C O   1 
ATOM   1441 C CB  . SER C 2 9  ? 8.981   10.122  -0.345  1.00 2.18  ? 220 SER C CB  1 
ATOM   1442 O OG  . SER C 2 9  ? 10.114  9.271   -0.238  1.00 2.00  ? 220 SER C OG  1 
ATOM   1443 N N   . PRO C 2 10 ? 5.942   10.772  0.813   1.00 2.00  ? 221 PRO C N   1 
ATOM   1444 C CA  . PRO C 2 10 ? 4.865   11.825  0.657   1.00 2.10  ? 221 PRO C CA  1 
ATOM   1445 C C   . PRO C 2 10 ? 5.317   13.048  -0.117  1.00 3.28  ? 221 PRO C C   1 
ATOM   1446 O O   . PRO C 2 10 ? 6.517   13.395  -0.083  1.00 4.71  ? 221 PRO C O   1 
ATOM   1447 C CB  . PRO C 2 10 ? 4.512   12.234  2.090   1.00 2.00  ? 221 PRO C CB  1 
ATOM   1448 C CG  . PRO C 2 10 ? 5.696   11.616  3.034   1.00 2.00  ? 221 PRO C CG  1 
ATOM   1449 C CD  . PRO C 2 10 ? 6.170   10.374  2.227   1.00 2.00  ? 221 PRO C CD  1 
ATOM   1450 O OXT . PRO C 2 10 ? 4.496   13.732  -0.778  1.00 4.27  ? 221 PRO C OXT 1 
ATOM   1451 N N   . PRO D 2 2  ? -6.358  -18.547 -2.380  1.00 10.04 ? 213 PRO D N   1 
ATOM   1452 C CA  . PRO D 2 2  ? -6.104  -18.115 -1.002  1.00 9.59  ? 213 PRO D CA  1 
ATOM   1453 C C   . PRO D 2 2  ? -5.901  -16.619 -0.854  1.00 8.54  ? 213 PRO D C   1 
ATOM   1454 O O   . PRO D 2 2  ? -4.819  -16.233 -0.392  1.00 9.32  ? 213 PRO D O   1 
ATOM   1455 C CB  . PRO D 2 2  ? -4.775  -18.826 -0.626  1.00 10.02 ? 213 PRO D CB  1 
ATOM   1456 C CG  . PRO D 2 2  ? -4.311  -19.581 -1.899  1.00 9.82  ? 213 PRO D CG  1 
ATOM   1457 C CD  . PRO D 2 2  ? -5.146  -19.078 -3.040  1.00 10.21 ? 213 PRO D CD  1 
ATOM   1458 N N   . THR D 2 3  ? -6.949  -15.826 -1.134  1.00 6.61  ? 214 THR D N   1 
ATOM   1459 C CA  . THR D 2 3  ? -6.885  -14.352 -1.229  1.00 5.66  ? 214 THR D CA  1 
ATOM   1460 C C   . THR D 2 3  ? -8.033  -13.664 -0.554  1.00 4.90  ? 214 THR D C   1 
ATOM   1461 O O   . THR D 2 3  ? -9.105  -14.259 -0.462  1.00 4.68  ? 214 THR D O   1 
ATOM   1462 C CB  . THR D 2 3  ? -6.897  -13.914 -2.687  1.00 5.43  ? 214 THR D CB  1 
ATOM   1463 O OG1 . THR D 2 3  ? -5.560  -13.568 -3.027  1.00 7.93  ? 214 THR D OG1 1 
ATOM   1464 C CG2 . THR D 2 3  ? -7.866  -12.714 -2.921  1.00 6.36  ? 214 THR D CG2 1 
ATOM   1465 N N   . ARG D 2 4  ? -7.806  -12.439 -0.054  1.00 4.16  ? 215 ARG D N   1 
ATOM   1466 C CA  . ARG D 2 4  ? -8.876  -11.585 0.471   1.00 3.89  ? 215 ARG D CA  1 
ATOM   1467 C C   . ARG D 2 4  ? -8.674  -10.133 0.009   1.00 3.77  ? 215 ARG D C   1 
ATOM   1468 O O   . ARG D 2 4  ? -7.565  -9.642  -0.040  1.00 4.30  ? 215 ARG D O   1 
ATOM   1469 C CB  . ARG D 2 4  ? -8.983  -11.685 2.019   1.00 4.45  ? 215 ARG D CB  1 
ATOM   1470 C CG  . ARG D 2 4  ? -9.183  -13.094 2.532   1.00 6.02  ? 215 ARG D CG  1 
ATOM   1471 C CD  . ARG D 2 4  ? -9.330  -13.215 4.091   1.00 10.67 ? 215 ARG D CD  1 
ATOM   1472 N NE  . ARG D 2 4  ? -10.705 -12.929 4.502   1.00 12.02 ? 215 ARG D NE  1 
ATOM   1473 C CZ  . ARG D 2 4  ? -11.575 -13.884 4.853   1.00 18.03 ? 215 ARG D CZ  1 
ATOM   1474 N NH1 . ARG D 2 4  ? -11.201 -15.173 4.896   1.00 15.34 ? 215 ARG D NH1 1 
ATOM   1475 N NH2 . ARG D 2 4  ? -12.825 -13.575 5.189   1.00 17.84 ? 215 ARG D NH2 1 
ATOM   1476 N N   . ASP D 2 5  ? -9.750  -9.473  -0.381  1.00 4.56  ? 216 ASP D N   1 
ATOM   1477 C CA  . ASP D 2 5  ? -9.809  -8.039  -0.625  1.00 4.79  ? 216 ASP D CA  1 
ATOM   1478 C C   . ASP D 2 5  ? -10.220 -7.311  0.628   1.00 5.10  ? 216 ASP D C   1 
ATOM   1479 O O   . ASP D 2 5  ? -11.318 -7.553  1.147   1.00 6.15  ? 216 ASP D O   1 
ATOM   1480 C CB  . ASP D 2 5  ? -10.821 -7.643  -1.712  1.00 3.21  ? 216 ASP D CB  1 
ATOM   1481 C CG  . ASP D 2 5  ? -10.479 -8.188  -3.060  1.00 2.71  ? 216 ASP D CG  1 
ATOM   1482 O OD1 . ASP D 2 5  ? -9.271  -8.359  -3.331  1.00 2.72  ? 216 ASP D OD1 1 
ATOM   1483 O OD2 . ASP D 2 5  ? -11.427 -8.466  -3.839  1.00 2.03  ? 216 ASP D OD2 1 
ATOM   1484 N N   . VAL D 2 6  ? -9.404  -6.346  1.042   1.00 3.90  ? 217 VAL D N   1 
ATOM   1485 C CA  . VAL D 2 6  ? -9.720  -5.549  2.226   1.00 2.00  ? 217 VAL D CA  1 
ATOM   1486 C C   . VAL D 2 6  ? -9.425  -4.020  2.007   1.00 2.00  ? 217 VAL D C   1 
ATOM   1487 O O   . VAL D 2 6  ? -8.478  -3.638  1.327   1.00 2.00  ? 217 VAL D O   1 
ATOM   1488 C CB  . VAL D 2 6  ? -8.989  -6.123  3.471   1.00 2.00  ? 217 VAL D CB  1 
ATOM   1489 C CG1 . VAL D 2 6  ? -7.560  -5.816  3.417   1.00 2.00  ? 217 VAL D CG1 1 
ATOM   1490 C CG2 . VAL D 2 6  ? -9.600  -5.554  4.796   1.00 2.00  ? 217 VAL D CG2 1 
ATOM   1491 N N   . ALA D 2 7  ? -10.307 -3.174  2.514   1.00 2.00  ? 218 ALA D N   1 
ATOM   1492 C CA  . ALA D 2 7  ? -10.082 -1.736  2.622   1.00 2.22  ? 218 ALA D CA  1 
ATOM   1493 C C   . ALA D 2 7  ? -9.610  -1.311  3.998   1.00 2.60  ? 218 ALA D C   1 
ATOM   1494 O O   . ALA D 2 7  ? -9.934  -1.932  5.057   1.00 2.57  ? 218 ALA D O   1 
ATOM   1495 C CB  . ALA D 2 7  ? -11.355 -0.942  2.303   1.00 2.31  ? 218 ALA D CB  1 
ATOM   1496 N N   . THR D 2 8  ? -8.853  -0.217  3.990   1.00 3.01  ? 219 THR D N   1 
ATOM   1497 C CA  . THR D 2 8  ? -8.406  0.381   5.245   1.00 2.31  ? 219 THR D CA  1 
ATOM   1498 C C   . THR D 2 8  ? -8.749  1.801   5.159   1.00 2.00  ? 219 THR D C   1 
ATOM   1499 O O   . THR D 2 8  ? -8.505  2.422   4.149   1.00 2.00  ? 219 THR D O   1 
ATOM   1500 C CB  . THR D 2 8  ? -6.807  0.136   5.619   1.00 2.08  ? 219 THR D CB  1 
ATOM   1501 O OG1 . THR D 2 8  ? -5.912  0.809   4.734   1.00 4.77  ? 219 THR D OG1 1 
ATOM   1502 C CG2 . THR D 2 8  ? -6.423  -1.322  5.631   1.00 2.00  ? 219 THR D CG2 1 
ATOM   1503 N N   . SER D 2 9  ? -9.290  2.300   6.258   1.00 2.53  ? 220 SER D N   1 
ATOM   1504 C CA  . SER D 2 9  ? -9.584  3.744   6.493   1.00 3.66  ? 220 SER D CA  1 
ATOM   1505 C C   . SER D 2 9  ? -8.598  4.449   7.397   1.00 3.77  ? 220 SER D C   1 
ATOM   1506 O O   . SER D 2 9  ? -8.183  3.862   8.370   1.00 4.02  ? 220 SER D O   1 
ATOM   1507 C CB  . SER D 2 9  ? -10.975 3.872   7.098   1.00 3.97  ? 220 SER D CB  1 
ATOM   1508 O OG  . SER D 2 9  ? -11.901 3.080   6.333   1.00 4.38  ? 220 SER D OG  1 
ATOM   1509 N N   . PRO D 2 10 ? -8.237  5.727   7.104   1.00 4.53  ? 221 PRO D N   1 
ATOM   1510 C CA  . PRO D 2 10 ? -7.309  6.429   8.040   1.00 5.67  ? 221 PRO D CA  1 
ATOM   1511 C C   . PRO D 2 10 ? -7.810  6.553   9.449   1.00 6.53  ? 221 PRO D C   1 
ATOM   1512 O O   . PRO D 2 10 ? -8.999  6.403   9.801   1.00 6.92  ? 221 PRO D O   1 
ATOM   1513 C CB  . PRO D 2 10 ? -7.195  7.862   7.466   1.00 4.43  ? 221 PRO D CB  1 
ATOM   1514 C CG  . PRO D 2 10 ? -8.138  7.959   6.405   1.00 2.90  ? 221 PRO D CG  1 
ATOM   1515 C CD  . PRO D 2 10 ? -8.594  6.594   5.973   1.00 3.79  ? 221 PRO D CD  1 
ATOM   1516 O OXT . PRO D 2 10 ? -6.933  6.885   10.230  1.00 7.51  ? 221 PRO D OXT 1 
HETATM 1517 O O   . HOH E 3 .  ? 4.261   8.026   -0.618  1.00 2.00  ? 90  HOH A O   1 
HETATM 1518 O O   . HOH E 3 .  ? 2.990   -1.014  -18.575 1.00 2.00  ? 91  HOH A O   1 
HETATM 1519 O O   . HOH E 3 .  ? 0.864   14.180  7.518   1.00 17.72 ? 92  HOH A O   1 
HETATM 1520 O O   . HOH E 3 .  ? 15.554  -0.569  -2.506  1.00 8.42  ? 93  HOH A O   1 
HETATM 1521 O O   . HOH E 3 .  ? 3.686   14.641  -14.144 1.00 2.00  ? 94  HOH A O   1 
HETATM 1522 O O   . HOH E 3 .  ? -11.426 13.851  -1.990  1.00 6.88  ? 95  HOH A O   1 
HETATM 1523 O O   . HOH E 3 .  ? -14.283 -0.177  -9.830  1.00 13.22 ? 96  HOH A O   1 
HETATM 1524 O O   . HOH E 3 .  ? 3.071   3.819   -23.642 1.00 2.00  ? 97  HOH A O   1 
HETATM 1525 O O   . HOH E 3 .  ? -11.078 -6.799  -8.587  1.00 2.00  ? 98  HOH A O   1 
HETATM 1526 O O   . HOH E 3 .  ? -11.055 9.439   4.078   1.00 9.23  ? 99  HOH A O   1 
HETATM 1527 O O   . HOH E 3 .  ? -16.572 8.281   -1.099  1.00 9.92  ? 100 HOH A O   1 
HETATM 1528 O O   . HOH E 3 .  ? -16.629 13.714  -4.047  1.00 7.32  ? 101 HOH A O   1 
HETATM 1529 O O   . HOH E 3 .  ? -0.453  -5.358  -18.012 1.00 10.66 ? 102 HOH A O   1 
HETATM 1530 O O   . HOH E 3 .  ? -18.632 14.903  -8.642  1.00 3.15  ? 103 HOH A O   1 
HETATM 1531 O O   . HOH E 3 .  ? 5.272   12.372  6.023   1.00 3.37  ? 104 HOH A O   1 
HETATM 1532 O O   . HOH E 3 .  ? -0.885  9.955   -21.764 1.00 8.42  ? 105 HOH A O   1 
HETATM 1533 O O   . HOH E 3 .  ? -3.445  -14.167 -8.987  1.00 4.35  ? 106 HOH A O   1 
HETATM 1534 O O   . HOH E 3 .  ? 8.526   7.431   -19.873 1.00 2.00  ? 107 HOH A O   1 
HETATM 1535 O O   . HOH E 3 .  ? -8.241  12.625  -16.491 1.00 19.47 ? 108 HOH A O   1 
HETATM 1536 O O   . HOH E 3 .  ? 10.362  7.267   -13.647 1.00 2.00  ? 109 HOH A O   1 
HETATM 1537 O O   . HOH F 3 .  ? -14.582 -5.335  -0.294  1.00 2.00  ? 90  HOH B O   1 
HETATM 1538 O O   . HOH F 3 .  ? -0.774  -15.558 10.040  1.00 2.00  ? 91  HOH B O   1 
HETATM 1539 O O   . HOH F 3 .  ? -1.129  -10.866 19.472  1.00 2.00  ? 92  HOH B O   1 
HETATM 1540 O O   . HOH F 3 .  ? -5.899  3.400   6.123   1.00 7.51  ? 93  HOH B O   1 
HETATM 1541 O O   . HOH F 3 .  ? 5.139   -1.576  21.270  1.00 2.24  ? 94  HOH B O   1 
HETATM 1542 O O   . HOH F 3 .  ? 14.430  7.724   8.791   1.00 9.46  ? 95  HOH B O   1 
HETATM 1543 O O   . HOH F 3 .  ? 14.962  5.799   19.302  1.00 2.00  ? 96  HOH B O   1 
HETATM 1544 O O   . HOH F 3 .  ? 1.911   -17.749 12.775  1.00 2.04  ? 97  HOH B O   1 
HETATM 1545 O O   . HOH F 3 .  ? -7.295  -13.409 16.795  1.00 2.00  ? 98  HOH B O   1 
HETATM 1546 O O   . HOH F 3 .  ? 8.210   -11.006 -6.037  1.00 19.36 ? 99  HOH B O   1 
HETATM 1547 O O   . HOH F 3 .  ? -6.267  -14.135 14.552  1.00 5.15  ? 100 HOH B O   1 
HETATM 1548 O O   . HOH F 3 .  ? 13.458  -10.843 10.397  1.00 13.85 ? 101 HOH B O   1 
HETATM 1549 O O   . HOH F 3 .  ? 6.801   -15.493 -3.249  1.00 11.01 ? 102 HOH B O   1 
HETATM 1550 O O   . HOH F 3 .  ? -9.712  -8.735  8.150   1.00 9.45  ? 103 HOH B O   1 
HETATM 1551 O O   . HOH F 3 .  ? 5.833   -17.188 0.630   1.00 5.48  ? 104 HOH B O   1 
HETATM 1552 O O   . HOH F 3 .  ? -1.713  -3.839  21.679  1.00 3.68  ? 105 HOH B O   1 
HETATM 1553 O O   . HOH F 3 .  ? -3.955  7.180   7.951   1.00 3.07  ? 106 HOH B O   1 
HETATM 1554 O O   . HOH F 3 .  ? 12.364  -8.586  11.945  1.00 2.72  ? 107 HOH B O   1 
HETATM 1555 O O   . HOH F 3 .  ? -8.864  -9.192  5.661   1.00 2.00  ? 108 HOH B O   1 
HETATM 1556 O O   . HOH F 3 .  ? -8.978  -9.592  -6.161  1.00 3.95  ? 109 HOH B O   1 
HETATM 1557 O O   . HOH G 3 .  ? 8.714   8.840   -4.182  1.00 2.00  ? 9   HOH C O   1 
HETATM 1558 O O   . HOH G 3 .  ? 14.823  -0.462  -5.412  1.00 2.00  ? 12  HOH C O   1 
HETATM 1559 O O   . HOH G 3 .  ? 14.021  -5.866  -0.739  1.00 2.91  ? 16  HOH C O   1 
HETATM 1560 O O   . HOH G 3 .  ? 11.809  -8.596  -3.179  1.00 10.49 ? 46  HOH C O   1 
HETATM 1561 O O   . HOH G 3 .  ? 11.244  -7.082  -5.918  1.00 13.79 ? 58  HOH C O   1 
HETATM 1562 O O   . HOH H 3 .  ? -4.573  7.718   10.503  1.00 5.35  ? 6   HOH D O   1 
HETATM 1563 O O   . HOH H 3 .  ? -12.209 -7.031  -5.376  1.00 2.65  ? 20  HOH D O   1 
HETATM 1564 O O   . HOH H 3 .  ? -12.763 -10.011 4.022   1.00 11.09 ? 27  HOH D O   1 
HETATM 1565 O O   . HOH H 3 .  ? -13.159 -12.329 1.786   1.00 2.00  ? 28  HOH D O   1 
# 
